data_5N94
#
_entry.id   5N94
#
_cell.length_a   338.328
_cell.length_b   51.534
_cell.length_c   159.899
_cell.angle_alpha   90.00
_cell.angle_beta   118.15
_cell.angle_gamma   90.00
#
_symmetry.space_group_name_H-M   'C 1 2 1'
#
loop_
_entity.id
_entity.type
_entity.pdbx_description
1 polymer 'CG9323, isoform A'
2 polymer "RNA (5'-R(P*UP*UP*UP*UP*UP*UP*UP*U)-3')"
3 water water
#
loop_
_entity_poly.entity_id
_entity_poly.type
_entity_poly.pdbx_seq_one_letter_code
_entity_poly.pdbx_strand_id
1 'polypeptide(L)'
;MQRDRDSSGSNARKGNRPPGLRGKDIGLYYRNLARQQKKDRGENAESKEPQIRLGCNVSAPSGVLERVKELMEDYSRAPS
RQNVDDKNVDAKFQQQFRHLLSVNFEEFVAETKERNADLDWVNPKLDERLQLELGQRQLEENAKKRLEARKKLPTMKYAD
DIIQAVRENQVILIVGSTGCGKTTQVPQILLDDAISRGCASSCRIICTQPRRISAIAIAEWVSYERCESLGNSVGYQIRL
ESRKARERASITYCTTGVLLQQLQSDPLMHNLSVLILDEIHERSVETDLLMGLLKVILPHRPDLKVILMSATVREQDFCD
YFNNCPMFRIEGVMFPVKMLYLEDVLSKTNYEFQKFRDRRPKRDPPERRMKHEAMIEPYLRRIRNSYDSRVLDKLRLPES
EGCEDIDFIADLVYYICENEPEGAILVFLPGYDKISQLYNILDKPKTSKGQRWRDHMAVFPLHSLMQSGEQQAVFRRPPA
GQRKVIISTIIAETSVTIDDVVYVINSGRTKATNYDIETNIQSLDEVWVTKANTQQRRGRAGRVRPGICYNLFSRAREDR
MDDIPTPEILRSKLESIILSLKLLHIDDPYRFLQTLINAPNPEAIKMGVELLKRIEALDQTGTLTPLGMHLAKLPIDPQM
GKMILMSALFCCLDPITSAAAALSFKSPFYSPLGKESRVDEIKRRMARNMRSDHLMVHNTIIAYRDSRYSHAERDFCYKN
FLSSMTLQQLERMKNQFSELLYNYKFLASSNCKDAASNKNSEKIPLLRAIIGAGLYPNMAHLRKSRQIKNRVRAIHTMAT
DDGRRVNFHPSSVNSGESGFDSAYFVYFQRQKSTDLFLLDSTMVFPMALIIFGDGVEAGVTQNTPYLCVAKTYYFKCNRE
TADVVIQLRSNLEKLLLKKALYPAPIEENGYEKQLIKAIELLLSLDERLGEDYISSDEIDDIVD
;
A,B
2 'polyribonucleotide' UUUUUUUU C,D
#
loop_
_chem_comp.id
_chem_comp.type
_chem_comp.name
_chem_comp.formula
U RNA linking URIDINE-5'-MONOPHOSPHATE 'C9 H13 N2 O9 P'
#
# COMPACT_ATOMS: atom_id res chain seq x y z
N ILE A 52 -58.72 8.69 19.22
CA ILE A 52 -57.70 7.66 19.10
C ILE A 52 -58.06 6.42 19.93
N ARG A 53 -57.63 5.25 19.46
CA ARG A 53 -57.97 3.99 20.12
C ARG A 53 -56.63 3.39 20.58
N LEU A 54 -56.55 3.02 21.85
CA LEU A 54 -55.27 2.60 22.41
C LEU A 54 -54.96 1.12 22.21
N GLY A 55 -53.71 0.83 21.87
CA GLY A 55 -53.25 -0.53 21.71
C GLY A 55 -52.76 -1.01 23.04
N CYS A 56 -52.23 -2.22 23.06
CA CYS A 56 -51.83 -2.91 24.27
C CYS A 56 -50.87 -2.12 25.15
N ASN A 57 -50.73 -2.55 26.40
CA ASN A 57 -49.85 -1.93 27.37
C ASN A 57 -48.38 -2.29 27.14
N VAL A 58 -47.51 -1.27 27.07
CA VAL A 58 -46.10 -1.56 26.86
C VAL A 58 -45.27 -1.20 28.08
N SER A 59 -45.95 -1.00 29.21
CA SER A 59 -45.24 -0.64 30.44
C SER A 59 -44.31 -1.76 30.86
N ALA A 60 -43.24 -1.40 31.55
CA ALA A 60 -42.24 -2.38 31.93
C ALA A 60 -42.13 -2.54 33.46
N PRO A 61 -41.74 -3.74 33.92
CA PRO A 61 -41.50 -4.00 35.34
C PRO A 61 -40.50 -3.04 35.98
N SER A 62 -40.83 -2.60 37.20
CA SER A 62 -40.00 -1.75 38.05
C SER A 62 -38.53 -2.13 38.12
N GLY A 63 -38.26 -3.40 38.39
CA GLY A 63 -36.90 -3.88 38.56
C GLY A 63 -36.17 -3.92 37.24
N VAL A 64 -36.94 -3.91 36.15
CA VAL A 64 -36.35 -3.85 34.82
C VAL A 64 -36.01 -2.41 34.51
N LEU A 65 -36.97 -1.52 34.75
CA LEU A 65 -36.75 -0.08 34.57
C LEU A 65 -35.50 0.39 35.33
N GLU A 66 -35.34 -0.05 36.58
CA GLU A 66 -34.22 0.41 37.38
C GLU A 66 -32.87 -0.05 36.81
N ARG A 67 -32.83 -1.27 36.29
CA ARG A 67 -31.56 -1.76 35.74
C ARG A 67 -31.27 -1.00 34.43
N VAL A 68 -32.31 -0.73 33.66
CA VAL A 68 -32.15 0.09 32.48
C VAL A 68 -31.68 1.48 32.90
N LYS A 69 -32.10 1.94 34.08
CA LYS A 69 -31.63 3.26 34.51
C LYS A 69 -30.18 3.21 34.96
N GLU A 70 -29.75 2.08 35.50
CA GLU A 70 -28.35 1.94 35.92
C GLU A 70 -27.46 1.85 34.70
N LEU A 71 -27.97 1.17 33.68
CA LEU A 71 -27.25 0.99 32.44
C LEU A 71 -27.12 2.31 31.71
N MET A 72 -28.22 3.05 31.56
CA MET A 72 -28.16 4.36 30.93
C MET A 72 -27.16 5.31 31.62
N GLU A 73 -27.15 5.32 32.96
CA GLU A 73 -26.26 6.26 33.65
C GLU A 73 -24.81 5.77 33.60
N ASP A 74 -24.57 4.46 33.55
CA ASP A 74 -23.27 3.95 33.17
C ASP A 74 -22.76 4.52 31.83
N TYR A 75 -23.66 4.73 30.86
CA TYR A 75 -23.30 5.28 29.55
C TYR A 75 -23.01 6.77 29.60
N SER A 76 -23.70 7.46 30.51
CA SER A 76 -23.61 8.91 30.59
C SER A 76 -22.35 9.44 31.27
N ARG A 77 -21.45 8.56 31.68
CA ARG A 77 -20.34 8.98 32.53
C ARG A 77 -18.97 9.12 31.85
N ALA A 78 -18.76 8.50 30.70
CA ALA A 78 -17.44 8.54 30.05
C ALA A 78 -16.97 9.96 29.60
N PRO A 79 -15.65 10.25 29.71
CA PRO A 79 -15.01 11.37 29.01
C PRO A 79 -15.33 11.37 27.50
N ASP A 90 -9.38 6.91 15.57
CA ASP A 90 -10.23 8.08 15.28
C ASP A 90 -10.13 8.63 13.83
N ALA A 91 -10.19 9.96 13.74
CA ALA A 91 -11.05 10.64 12.78
C ALA A 91 -10.55 10.93 11.38
N LYS A 92 -9.97 9.94 10.73
CA LYS A 92 -9.76 10.07 9.29
C LYS A 92 -11.06 10.10 8.48
N PHE A 93 -12.07 9.33 8.88
CA PHE A 93 -13.36 9.41 8.19
C PHE A 93 -14.01 10.79 8.25
N GLN A 94 -14.02 11.34 9.45
CA GLN A 94 -14.65 12.62 9.69
C GLN A 94 -14.05 13.71 8.80
N GLN A 95 -12.75 13.60 8.54
CA GLN A 95 -12.08 14.61 7.76
C GLN A 95 -12.39 14.44 6.27
N GLN A 96 -12.60 13.20 5.83
CA GLN A 96 -13.08 12.98 4.47
C GLN A 96 -14.49 13.55 4.36
N PHE A 97 -15.28 13.42 5.41
CA PHE A 97 -16.66 13.89 5.36
C PHE A 97 -16.68 15.39 5.17
N ARG A 98 -16.08 16.12 6.10
CA ARG A 98 -16.10 17.57 6.02
C ARG A 98 -15.36 18.11 4.78
N HIS A 99 -14.43 17.33 4.23
CA HIS A 99 -13.77 17.73 2.98
C HIS A 99 -14.73 17.70 1.78
N LEU A 100 -15.56 16.65 1.70
CA LEU A 100 -16.55 16.52 0.63
C LEU A 100 -17.54 17.68 0.62
N LEU A 101 -17.94 18.13 1.79
CA LEU A 101 -18.91 19.20 1.91
C LEU A 101 -18.27 20.57 1.67
N SER A 102 -16.97 20.67 1.86
CA SER A 102 -16.34 21.98 1.86
C SER A 102 -15.77 22.42 0.51
N VAL A 103 -15.73 21.53 -0.47
CA VAL A 103 -15.22 21.90 -1.80
C VAL A 103 -16.34 22.23 -2.79
N ASN A 104 -16.03 23.14 -3.71
CA ASN A 104 -16.93 23.44 -4.83
C ASN A 104 -16.76 22.40 -5.91
N PHE A 105 -17.46 22.55 -7.03
CA PHE A 105 -17.33 21.56 -8.10
C PHE A 105 -16.00 21.63 -8.83
N GLU A 106 -15.50 22.82 -9.08
CA GLU A 106 -14.25 22.95 -9.82
C GLU A 106 -13.03 22.45 -9.01
N GLU A 107 -13.00 22.70 -7.69
CA GLU A 107 -11.97 22.10 -6.85
C GLU A 107 -12.11 20.57 -6.85
N PHE A 108 -13.33 20.08 -6.70
CA PHE A 108 -13.65 18.64 -6.85
C PHE A 108 -13.08 18.03 -8.14
N VAL A 109 -13.39 18.64 -9.29
CA VAL A 109 -12.80 18.24 -10.59
C VAL A 109 -11.30 18.40 -10.56
N ALA A 110 -10.88 19.52 -9.98
CA ALA A 110 -9.47 19.78 -9.86
C ALA A 110 -8.85 18.59 -9.17
N GLU A 111 -9.24 18.29 -7.92
CA GLU A 111 -8.53 17.25 -7.16
C GLU A 111 -8.68 15.79 -7.64
N THR A 112 -9.79 15.42 -8.27
CA THR A 112 -9.92 14.05 -8.75
C THR A 112 -8.98 13.80 -9.95
N LYS A 113 -8.57 14.86 -10.65
CA LYS A 113 -7.61 14.69 -11.75
C LYS A 113 -6.17 14.28 -11.31
N GLU A 114 -5.54 14.98 -10.35
CA GLU A 114 -4.28 14.50 -9.70
C GLU A 114 -4.32 13.05 -9.29
N ARG A 115 -5.39 12.70 -8.58
CA ARG A 115 -5.43 11.46 -7.84
C ARG A 115 -5.69 10.30 -8.82
N ASN A 116 -6.07 10.65 -10.06
CA ASN A 116 -6.35 9.67 -11.11
C ASN A 116 -5.64 10.04 -12.42
N ALA A 117 -4.34 9.77 -12.52
CA ALA A 117 -3.65 10.17 -13.74
C ALA A 117 -2.76 9.09 -14.27
N ASP A 118 -3.03 7.84 -13.93
CA ASP A 118 -2.19 6.76 -14.45
C ASP A 118 -2.12 6.74 -15.98
N LEU A 119 -3.17 7.16 -16.70
CA LEU A 119 -3.16 7.03 -18.16
C LEU A 119 -2.32 8.11 -18.85
N ASP A 120 -1.86 9.08 -18.07
CA ASP A 120 -0.86 10.01 -18.57
C ASP A 120 0.49 9.32 -18.74
N TRP A 121 0.65 8.15 -18.16
CA TRP A 121 1.91 7.45 -18.28
C TRP A 121 1.80 6.30 -19.26
N VAL A 122 2.62 6.34 -20.30
CA VAL A 122 2.68 5.26 -21.28
C VAL A 122 4.01 4.51 -21.15
N ASN A 123 4.06 3.26 -21.64
CA ASN A 123 5.25 2.39 -21.60
C ASN A 123 5.74 2.11 -23.03
N PRO A 124 6.69 2.92 -23.54
CA PRO A 124 7.06 2.86 -24.96
C PRO A 124 7.64 1.52 -25.39
N LYS A 125 8.31 0.81 -24.49
CA LYS A 125 8.86 -0.48 -24.89
C LYS A 125 7.76 -1.52 -25.02
N LEU A 126 6.66 -1.30 -24.30
CA LEU A 126 5.47 -2.16 -24.43
C LEU A 126 4.67 -1.80 -25.67
N ASP A 127 4.46 -0.51 -25.91
CA ASP A 127 3.83 -0.05 -27.15
C ASP A 127 4.44 -0.74 -28.36
N GLU A 128 5.77 -0.77 -28.43
CA GLU A 128 6.44 -1.28 -29.63
C GLU A 128 6.41 -2.81 -29.70
N ARG A 129 6.50 -3.47 -28.54
CA ARG A 129 6.51 -4.93 -28.57
C ARG A 129 5.13 -5.47 -28.96
N LEU A 130 4.08 -4.91 -28.38
CA LEU A 130 2.71 -5.30 -28.73
C LEU A 130 2.47 -5.05 -30.23
N GLN A 131 2.75 -3.83 -30.67
CA GLN A 131 2.65 -3.46 -32.08
C GLN A 131 3.40 -4.43 -32.99
N LEU A 132 4.55 -4.93 -32.56
CA LEU A 132 5.25 -5.94 -33.34
C LEU A 132 4.47 -7.26 -33.36
N GLU A 133 3.95 -7.67 -32.20
CA GLU A 133 3.28 -8.96 -32.08
C GLU A 133 1.89 -8.95 -32.69
N LEU A 134 1.35 -7.77 -32.99
CA LEU A 134 0.07 -7.74 -33.71
C LEU A 134 0.31 -7.92 -35.19
N GLY A 135 1.31 -7.22 -35.73
CA GLY A 135 1.72 -7.38 -37.12
C GLY A 135 2.10 -8.82 -37.42
N GLN A 136 2.71 -9.49 -36.45
CA GLN A 136 3.16 -10.88 -36.59
C GLN A 136 2.09 -11.95 -36.29
N ARG A 137 1.18 -11.69 -35.36
CA ARG A 137 0.14 -12.66 -35.05
C ARG A 137 -0.85 -12.76 -36.21
N GLN A 138 -0.94 -11.70 -37.01
CA GLN A 138 -1.84 -11.66 -38.17
C GLN A 138 -1.20 -12.26 -39.43
N LEU A 139 -0.11 -13.00 -39.23
CA LEU A 139 0.55 -13.69 -40.32
C LEU A 139 0.66 -15.17 -39.95
N GLU A 140 0.56 -15.45 -38.65
CA GLU A 140 0.48 -16.79 -38.10
C GLU A 140 -0.84 -17.41 -38.60
N GLU A 141 -1.07 -18.71 -38.40
CA GLU A 141 -2.42 -19.18 -38.66
C GLU A 141 -3.02 -20.16 -37.64
N ASN A 142 -3.39 -19.52 -36.53
CA ASN A 142 -4.59 -19.77 -35.77
C ASN A 142 -5.09 -18.34 -35.58
N ALA A 143 -4.95 -17.53 -36.63
CA ALA A 143 -5.29 -16.12 -36.51
C ALA A 143 -5.53 -15.42 -37.85
N LYS A 144 -6.44 -15.98 -38.64
CA LYS A 144 -6.90 -15.36 -39.88
C LYS A 144 -7.99 -16.29 -40.44
N LYS A 145 -8.29 -17.37 -39.70
CA LYS A 145 -9.59 -17.99 -39.84
C LYS A 145 -10.57 -16.90 -39.46
N ARG A 146 -10.47 -16.48 -38.22
CA ARG A 146 -11.40 -15.52 -37.66
C ARG A 146 -11.23 -14.13 -38.26
N LEU A 147 -10.09 -13.80 -38.86
CA LEU A 147 -10.05 -12.51 -39.56
C LEU A 147 -10.96 -12.58 -40.78
N GLU A 148 -10.92 -13.70 -41.50
CA GLU A 148 -11.88 -13.90 -42.58
C GLU A 148 -13.31 -14.06 -42.03
N ALA A 149 -13.45 -14.86 -40.96
CA ALA A 149 -14.74 -15.03 -40.28
C ALA A 149 -15.29 -13.73 -39.72
N ARG A 150 -14.46 -12.98 -39.00
CA ARG A 150 -14.88 -11.71 -38.39
C ARG A 150 -15.27 -10.71 -39.46
N LYS A 151 -14.64 -10.78 -40.64
CA LYS A 151 -14.85 -9.81 -41.72
C LYS A 151 -16.12 -10.12 -42.52
N LYS A 152 -16.72 -11.26 -42.21
CA LYS A 152 -18.04 -11.59 -42.72
C LYS A 152 -19.15 -11.21 -41.73
N LEU A 153 -18.81 -10.35 -40.77
CA LEU A 153 -19.78 -9.65 -39.94
C LEU A 153 -19.93 -8.22 -40.40
N PRO A 154 -21.16 -7.73 -40.47
CA PRO A 154 -21.47 -6.40 -41.01
C PRO A 154 -20.65 -5.23 -40.42
N THR A 155 -20.33 -5.29 -39.13
CA THR A 155 -19.65 -4.19 -38.42
C THR A 155 -18.26 -3.95 -39.00
N MET A 156 -17.62 -5.01 -39.49
CA MET A 156 -16.26 -4.89 -40.01
C MET A 156 -16.20 -4.07 -41.31
N LYS A 157 -17.30 -4.03 -42.06
CA LYS A 157 -17.40 -3.17 -43.22
C LYS A 157 -17.24 -1.72 -42.81
N TYR A 158 -17.52 -1.43 -41.55
CA TYR A 158 -17.53 -0.03 -41.11
C TYR A 158 -16.28 0.28 -40.29
N ALA A 159 -15.39 -0.71 -40.19
CA ALA A 159 -14.23 -0.66 -39.28
C ALA A 159 -13.47 0.66 -39.39
N ASP A 160 -12.92 0.92 -40.58
CA ASP A 160 -12.21 2.15 -40.87
C ASP A 160 -13.04 3.42 -40.61
N ASP A 161 -14.32 3.36 -40.97
CA ASP A 161 -15.19 4.53 -40.83
C ASP A 161 -15.49 4.83 -39.36
N ILE A 162 -15.63 3.78 -38.55
CA ILE A 162 -15.83 3.98 -37.11
C ILE A 162 -14.56 4.64 -36.54
N ILE A 163 -13.41 4.03 -36.78
CA ILE A 163 -12.11 4.57 -36.33
C ILE A 163 -11.94 6.06 -36.64
N GLN A 164 -12.40 6.46 -37.82
CA GLN A 164 -12.29 7.82 -38.33
C GLN A 164 -13.26 8.72 -37.57
N ALA A 165 -14.47 8.21 -37.37
CA ALA A 165 -15.54 8.92 -36.66
C ALA A 165 -15.19 9.13 -35.20
N VAL A 166 -14.56 8.13 -34.60
CA VAL A 166 -14.10 8.27 -33.22
C VAL A 166 -13.02 9.35 -33.16
N ARG A 167 -12.08 9.29 -34.11
CA ARG A 167 -10.98 10.27 -34.21
C ARG A 167 -11.48 11.71 -34.29
N GLU A 168 -12.60 11.91 -34.98
CA GLU A 168 -13.09 13.24 -35.26
C GLU A 168 -14.11 13.73 -34.23
N ASN A 169 -14.69 12.82 -33.45
CA ASN A 169 -15.75 13.19 -32.50
C ASN A 169 -15.57 12.61 -31.10
N GLN A 170 -15.98 13.38 -30.10
CA GLN A 170 -16.00 12.88 -28.75
C GLN A 170 -17.07 11.78 -28.57
N VAL A 171 -18.26 11.95 -29.17
CA VAL A 171 -19.36 10.97 -29.04
C VAL A 171 -19.89 10.51 -30.39
N ILE A 172 -19.79 9.20 -30.67
CA ILE A 172 -20.55 8.65 -31.79
C ILE A 172 -21.63 7.64 -31.33
N LEU A 173 -22.56 7.34 -32.22
CA LEU A 173 -23.63 6.38 -31.95
C LEU A 173 -23.64 5.28 -33.01
N ILE A 174 -23.57 4.05 -32.56
CA ILE A 174 -23.67 2.92 -33.45
C ILE A 174 -25.01 2.22 -33.19
N VAL A 175 -25.82 2.13 -34.24
CA VAL A 175 -27.14 1.49 -34.20
C VAL A 175 -27.03 0.21 -35.03
N GLY A 176 -27.35 -0.92 -34.43
CA GLY A 176 -27.11 -2.21 -35.06
C GLY A 176 -28.30 -3.11 -34.74
N SER A 177 -28.25 -4.37 -35.13
CA SER A 177 -29.30 -5.30 -34.70
C SER A 177 -28.72 -6.68 -34.65
N THR A 178 -29.55 -7.67 -34.33
CA THR A 178 -29.00 -8.98 -33.94
C THR A 178 -28.16 -9.58 -35.05
N GLY A 179 -26.90 -9.86 -34.72
CA GLY A 179 -25.98 -10.48 -35.66
C GLY A 179 -24.95 -9.52 -36.20
N CYS A 180 -25.17 -8.22 -36.01
CA CYS A 180 -24.32 -7.22 -36.65
C CYS A 180 -22.89 -7.28 -36.16
N GLY A 181 -22.73 -7.77 -34.93
CA GLY A 181 -21.41 -7.99 -34.39
C GLY A 181 -20.80 -6.77 -33.73
N LYS A 182 -21.59 -5.71 -33.53
CA LYS A 182 -21.03 -4.47 -32.96
C LYS A 182 -20.44 -4.69 -31.55
N THR A 183 -21.05 -5.57 -30.77
CA THR A 183 -20.64 -5.70 -29.37
C THR A 183 -19.29 -6.40 -29.25
N THR A 184 -19.03 -7.31 -30.18
CA THR A 184 -17.78 -8.06 -30.16
C THR A 184 -16.68 -7.41 -31.02
N GLN A 185 -17.05 -6.70 -32.08
CA GLN A 185 -16.03 -6.22 -33.01
C GLN A 185 -15.58 -4.79 -32.74
N VAL A 186 -16.49 -3.94 -32.29
CA VAL A 186 -16.11 -2.56 -32.14
C VAL A 186 -14.96 -2.39 -31.16
N PRO A 187 -15.01 -3.05 -29.97
CA PRO A 187 -13.85 -2.87 -29.11
C PRO A 187 -12.57 -3.44 -29.70
N GLN A 188 -12.64 -4.54 -30.42
CA GLN A 188 -11.46 -5.07 -31.09
C GLN A 188 -10.95 -4.16 -32.23
N ILE A 189 -11.83 -3.40 -32.84
CA ILE A 189 -11.37 -2.49 -33.88
C ILE A 189 -10.64 -1.30 -33.23
N LEU A 190 -11.15 -0.80 -32.12
CA LEU A 190 -10.52 0.36 -31.48
C LEU A 190 -9.16 -0.03 -30.88
N LEU A 191 -9.14 -1.21 -30.26
CA LEU A 191 -7.93 -1.71 -29.66
C LEU A 191 -6.86 -1.89 -30.74
N ASP A 192 -7.06 -2.85 -31.63
CA ASP A 192 -6.11 -3.15 -32.70
C ASP A 192 -5.62 -1.90 -33.47
N ASP A 193 -6.51 -0.92 -33.65
CA ASP A 193 -6.09 0.36 -34.22
C ASP A 193 -4.99 1.01 -33.38
N ALA A 194 -5.14 0.98 -32.05
CA ALA A 194 -4.19 1.63 -31.16
C ALA A 194 -2.87 0.86 -31.07
N ILE A 195 -2.94 -0.47 -31.03
CA ILE A 195 -1.74 -1.29 -31.00
C ILE A 195 -0.94 -1.05 -32.26
N SER A 196 -1.62 -1.10 -33.42
CA SER A 196 -0.99 -0.92 -34.72
C SER A 196 -0.31 0.41 -34.88
N ARG A 197 -0.96 1.48 -34.43
CA ARG A 197 -0.35 2.81 -34.48
C ARG A 197 0.74 3.06 -33.41
N GLY A 198 1.14 2.03 -32.66
CA GLY A 198 2.09 2.17 -31.56
C GLY A 198 1.62 3.02 -30.39
N CYS A 199 0.39 2.78 -29.96
CA CYS A 199 -0.27 3.52 -28.89
C CYS A 199 -0.89 2.61 -27.85
N ALA A 200 -0.45 1.35 -27.83
CA ALA A 200 -1.10 0.32 -27.04
C ALA A 200 -1.40 0.74 -25.60
N SER A 201 -0.42 1.33 -24.94
CA SER A 201 -0.49 1.45 -23.48
C SER A 201 -1.29 2.68 -23.08
N SER A 202 -1.78 3.43 -24.06
CA SER A 202 -2.68 4.54 -23.72
C SER A 202 -4.12 4.08 -23.87
N CYS A 203 -4.27 2.79 -24.14
CA CYS A 203 -5.57 2.28 -24.53
C CYS A 203 -6.18 1.32 -23.52
N ARG A 204 -7.18 1.81 -22.80
CA ARG A 204 -7.98 0.94 -21.93
C ARG A 204 -9.46 1.10 -22.30
N ILE A 205 -10.06 0.01 -22.75
CA ILE A 205 -11.45 0.08 -23.23
C ILE A 205 -12.48 -0.56 -22.28
N ILE A 206 -13.47 0.23 -21.84
CA ILE A 206 -14.59 -0.37 -21.08
C ILE A 206 -15.91 -0.44 -21.87
N CYS A 207 -16.45 -1.66 -21.99
CA CYS A 207 -17.77 -1.89 -22.59
C CYS A 207 -18.82 -2.40 -21.59
N THR A 208 -19.78 -1.55 -21.28
CA THR A 208 -20.86 -1.90 -20.38
C THR A 208 -21.91 -2.79 -21.07
N GLN A 209 -22.53 -3.62 -20.25
CA GLN A 209 -23.66 -4.49 -20.53
C GLN A 209 -24.72 -4.39 -19.42
N PRO A 210 -25.99 -4.69 -19.75
CA PRO A 210 -27.04 -4.60 -18.73
C PRO A 210 -27.05 -5.80 -17.80
N ARG A 211 -26.56 -6.93 -18.30
CA ARG A 211 -26.69 -8.22 -17.65
C ARG A 211 -25.38 -8.92 -17.34
N ARG A 212 -25.32 -9.61 -16.21
CA ARG A 212 -24.09 -10.26 -15.76
C ARG A 212 -23.69 -11.33 -16.75
N ILE A 213 -24.65 -12.12 -17.18
CA ILE A 213 -24.38 -13.24 -18.08
C ILE A 213 -23.83 -12.78 -19.46
N SER A 214 -24.32 -11.66 -19.96
CA SER A 214 -23.80 -11.10 -21.22
C SER A 214 -22.33 -10.82 -21.12
N ALA A 215 -22.02 -10.03 -20.09
CA ALA A 215 -20.65 -9.61 -19.82
C ALA A 215 -19.69 -10.77 -19.91
N ILE A 216 -20.05 -11.86 -19.25
CA ILE A 216 -19.18 -13.03 -19.23
C ILE A 216 -19.01 -13.65 -20.62
N ALA A 217 -20.11 -14.03 -21.24
CA ALA A 217 -20.08 -14.76 -22.49
C ALA A 217 -19.43 -13.95 -23.60
N ILE A 218 -19.75 -12.67 -23.66
CA ILE A 218 -19.08 -11.84 -24.64
C ILE A 218 -17.57 -11.79 -24.42
N ALA A 219 -17.14 -11.60 -23.17
CA ALA A 219 -15.70 -11.50 -22.87
C ALA A 219 -15.01 -12.76 -23.33
N GLU A 220 -15.58 -13.91 -22.97
CA GLU A 220 -15.02 -15.20 -23.37
C GLU A 220 -14.92 -15.36 -24.87
N TRP A 221 -15.95 -14.92 -25.57
CA TRP A 221 -15.98 -15.09 -27.01
C TRP A 221 -14.95 -14.20 -27.71
N VAL A 222 -14.93 -12.92 -27.35
CA VAL A 222 -13.94 -12.00 -27.89
C VAL A 222 -12.56 -12.50 -27.54
N SER A 223 -12.41 -13.04 -26.33
CA SER A 223 -11.08 -13.49 -25.95
C SER A 223 -10.69 -14.67 -26.83
N TYR A 224 -11.59 -15.64 -26.95
CA TYR A 224 -11.40 -16.75 -27.88
C TYR A 224 -11.07 -16.29 -29.34
N GLU A 225 -11.69 -15.21 -29.80
CA GLU A 225 -11.43 -14.71 -31.15
C GLU A 225 -10.02 -14.17 -31.30
N ARG A 226 -9.35 -13.95 -30.17
CA ARG A 226 -7.98 -13.45 -30.20
C ARG A 226 -6.98 -14.54 -29.83
N CYS A 227 -7.49 -15.76 -29.63
CA CYS A 227 -6.68 -16.89 -29.23
C CYS A 227 -5.92 -16.57 -27.97
N GLU A 228 -6.65 -16.03 -27.00
CA GLU A 228 -6.11 -15.76 -25.69
C GLU A 228 -7.05 -16.31 -24.64
N SER A 229 -6.47 -16.78 -23.55
CA SER A 229 -7.25 -17.05 -22.35
C SER A 229 -7.79 -15.73 -21.84
N LEU A 230 -8.89 -15.80 -21.07
CA LEU A 230 -9.38 -14.64 -20.36
C LEU A 230 -8.30 -14.13 -19.41
N GLY A 231 -8.09 -12.82 -19.39
CA GLY A 231 -7.11 -12.25 -18.47
C GLY A 231 -6.05 -11.46 -19.21
N ASN A 232 -6.05 -11.58 -20.54
CA ASN A 232 -4.99 -10.99 -21.32
C ASN A 232 -5.45 -9.66 -21.87
N SER A 233 -5.73 -9.61 -23.16
CA SER A 233 -6.26 -8.40 -23.76
C SER A 233 -7.76 -8.26 -23.47
N VAL A 234 -8.38 -9.34 -22.99
CA VAL A 234 -9.81 -9.25 -22.67
C VAL A 234 -10.14 -9.76 -21.27
N GLY A 235 -11.00 -9.02 -20.58
CA GLY A 235 -11.57 -9.52 -19.34
C GLY A 235 -13.00 -9.08 -19.05
N TYR A 236 -13.53 -9.54 -17.92
CA TYR A 236 -14.82 -9.05 -17.45
C TYR A 236 -14.86 -8.76 -15.94
N GLN A 237 -15.78 -7.89 -15.57
CA GLN A 237 -16.00 -7.57 -14.19
C GLN A 237 -17.50 -7.40 -13.94
N ILE A 238 -18.00 -8.13 -12.94
CA ILE A 238 -19.37 -8.00 -12.49
C ILE A 238 -19.33 -8.04 -10.97
N ARG A 239 -20.48 -7.92 -10.32
CA ARG A 239 -20.49 -7.92 -8.85
C ARG A 239 -19.86 -9.19 -8.34
N LEU A 240 -18.77 -9.03 -7.60
CA LEU A 240 -18.14 -10.14 -6.88
C LEU A 240 -17.65 -11.29 -7.74
N GLU A 241 -17.41 -11.05 -9.03
CA GLU A 241 -16.79 -12.05 -9.89
C GLU A 241 -16.01 -11.35 -11.01
N SER A 242 -14.73 -11.67 -11.15
CA SER A 242 -13.96 -11.04 -12.21
C SER A 242 -12.98 -11.98 -12.88
N ARG A 243 -12.63 -11.64 -14.10
CA ARG A 243 -11.49 -12.22 -14.80
C ARG A 243 -10.86 -11.02 -15.47
N LYS A 244 -10.14 -10.23 -14.68
CA LYS A 244 -9.67 -8.93 -15.13
C LYS A 244 -8.61 -9.07 -16.21
N ALA A 245 -8.62 -8.14 -17.16
CA ALA A 245 -7.61 -8.11 -18.20
C ALA A 245 -6.40 -7.32 -17.72
N ARG A 246 -5.28 -7.50 -18.41
CA ARG A 246 -4.11 -6.68 -18.19
C ARG A 246 -4.53 -5.22 -18.17
N GLU A 247 -3.80 -4.40 -17.42
CA GLU A 247 -4.25 -3.04 -17.19
C GLU A 247 -4.33 -2.24 -18.49
N ARG A 248 -3.29 -2.29 -19.31
CA ARG A 248 -3.21 -1.51 -20.57
C ARG A 248 -3.43 -2.35 -21.84
N ALA A 249 -3.71 -1.67 -22.95
CA ALA A 249 -4.02 -2.33 -24.24
C ALA A 249 -5.07 -3.39 -24.03
N SER A 250 -6.20 -3.00 -23.46
CA SER A 250 -7.20 -3.98 -23.04
C SER A 250 -8.66 -3.56 -23.17
N ILE A 251 -9.48 -4.59 -23.31
CA ILE A 251 -10.92 -4.47 -23.36
C ILE A 251 -11.51 -5.18 -22.15
N THR A 252 -12.35 -4.47 -21.41
CA THR A 252 -13.03 -5.04 -20.25
C THR A 252 -14.56 -4.94 -20.41
N TYR A 253 -15.26 -6.07 -20.25
CA TYR A 253 -16.72 -6.06 -20.35
C TYR A 253 -17.28 -6.14 -18.95
N CYS A 254 -18.12 -5.19 -18.59
CA CYS A 254 -18.66 -5.14 -17.26
C CYS A 254 -20.16 -4.84 -17.29
N THR A 255 -20.85 -5.07 -16.18
CA THR A 255 -22.22 -4.62 -16.08
C THR A 255 -22.19 -3.12 -15.85
N THR A 256 -23.25 -2.44 -16.23
CA THR A 256 -23.27 -1.00 -16.13
C THR A 256 -23.09 -0.50 -14.71
N GLY A 257 -23.69 -1.22 -13.76
CA GLY A 257 -23.66 -0.83 -12.37
C GLY A 257 -22.26 -0.86 -11.77
N VAL A 258 -21.41 -1.74 -12.28
CA VAL A 258 -20.00 -1.76 -11.88
C VAL A 258 -19.37 -0.41 -12.15
N LEU A 259 -19.39 0.05 -13.39
CA LEU A 259 -18.88 1.35 -13.77
C LEU A 259 -19.43 2.48 -12.92
N LEU A 260 -20.74 2.45 -12.65
CA LEU A 260 -21.36 3.52 -11.88
C LEU A 260 -20.90 3.54 -10.42
N GLN A 261 -20.45 2.39 -9.92
CA GLN A 261 -19.94 2.37 -8.55
C GLN A 261 -18.50 2.85 -8.57
N GLN A 262 -17.79 2.58 -9.67
CA GLN A 262 -16.39 3.01 -9.79
C GLN A 262 -16.31 4.52 -9.93
N LEU A 263 -17.38 5.15 -10.37
CA LEU A 263 -17.42 6.61 -10.51
C LEU A 263 -17.16 7.29 -9.20
N GLN A 264 -17.50 6.66 -8.09
CA GLN A 264 -17.34 7.30 -6.80
C GLN A 264 -15.87 7.54 -6.55
N SER A 265 -15.02 6.60 -6.95
CA SER A 265 -13.58 6.75 -6.83
C SER A 265 -12.96 7.51 -8.00
N ASP A 266 -13.59 7.44 -9.18
CA ASP A 266 -13.12 8.10 -10.40
C ASP A 266 -14.25 8.86 -11.09
N PRO A 267 -14.74 9.94 -10.46
CA PRO A 267 -15.98 10.60 -10.90
C PRO A 267 -15.94 11.25 -12.27
N LEU A 268 -14.75 11.34 -12.86
CA LEU A 268 -14.60 11.94 -14.18
C LEU A 268 -13.93 10.99 -15.16
N MET A 269 -13.94 9.70 -14.82
CA MET A 269 -13.49 8.65 -15.73
C MET A 269 -12.09 8.91 -16.31
N HIS A 270 -11.14 9.34 -15.50
CA HIS A 270 -9.78 9.45 -16.02
C HIS A 270 -9.11 8.08 -16.23
N ASN A 271 -9.72 7.00 -15.77
CA ASN A 271 -9.00 5.72 -15.77
C ASN A 271 -9.38 4.81 -16.91
N LEU A 272 -9.87 5.41 -17.99
CA LEU A 272 -10.21 4.66 -19.20
C LEU A 272 -10.04 5.60 -20.39
N SER A 273 -9.73 5.07 -21.58
CA SER A 273 -9.65 5.91 -22.80
C SER A 273 -10.90 5.85 -23.68
N VAL A 274 -11.49 4.66 -23.82
CA VAL A 274 -12.73 4.53 -24.56
C VAL A 274 -13.90 3.90 -23.74
N LEU A 275 -14.99 4.65 -23.56
CA LEU A 275 -16.21 4.14 -22.96
C LEU A 275 -17.24 3.73 -24.03
N ILE A 276 -17.63 2.47 -24.03
CA ILE A 276 -18.63 1.97 -24.96
C ILE A 276 -19.91 1.59 -24.22
N LEU A 277 -20.92 2.47 -24.21
CA LEU A 277 -22.23 2.13 -23.62
C LEU A 277 -23.07 1.28 -24.53
N ASP A 278 -23.34 0.05 -24.10
CA ASP A 278 -24.13 -0.83 -24.94
C ASP A 278 -25.61 -0.97 -24.51
N GLU A 279 -26.46 -1.30 -25.48
CA GLU A 279 -27.85 -1.67 -25.25
C GLU A 279 -28.65 -0.60 -24.54
N ILE A 280 -28.34 0.66 -24.83
CA ILE A 280 -28.99 1.80 -24.16
C ILE A 280 -30.47 1.93 -24.51
N HIS A 281 -30.91 1.27 -25.57
CA HIS A 281 -32.29 1.36 -26.02
C HIS A 281 -33.26 0.67 -25.02
N GLU A 282 -32.73 -0.14 -24.11
CA GLU A 282 -33.54 -0.77 -23.06
C GLU A 282 -33.89 0.23 -21.98
N ARG A 283 -33.27 1.40 -22.01
CA ARG A 283 -33.59 2.48 -21.07
C ARG A 283 -33.57 2.03 -19.58
N SER A 284 -32.61 1.16 -19.27
CA SER A 284 -32.36 0.85 -17.87
C SER A 284 -31.97 2.11 -17.11
N VAL A 285 -32.23 2.14 -15.81
CA VAL A 285 -31.89 3.27 -14.96
C VAL A 285 -30.39 3.62 -15.05
N GLU A 286 -29.58 2.60 -15.26
CA GLU A 286 -28.14 2.73 -15.21
C GLU A 286 -27.58 3.43 -16.43
N THR A 287 -27.96 2.99 -17.63
CA THR A 287 -27.50 3.69 -18.82
C THR A 287 -28.17 5.06 -18.93
N ASP A 288 -29.43 5.18 -18.52
CA ASP A 288 -30.02 6.52 -18.50
C ASP A 288 -29.23 7.45 -17.59
N LEU A 289 -28.92 7.01 -16.35
CA LEU A 289 -28.14 7.82 -15.43
C LEU A 289 -26.79 8.21 -16.00
N LEU A 290 -26.12 7.21 -16.55
CA LEU A 290 -24.78 7.34 -17.04
C LEU A 290 -24.68 8.26 -18.26
N MET A 291 -25.66 8.25 -19.18
CA MET A 291 -25.66 9.23 -20.28
C MET A 291 -25.87 10.63 -19.72
N GLY A 292 -26.67 10.74 -18.67
CA GLY A 292 -26.89 12.02 -18.03
C GLY A 292 -25.62 12.53 -17.35
N LEU A 293 -24.80 11.62 -16.85
CA LEU A 293 -23.57 12.03 -16.16
C LEU A 293 -22.47 12.37 -17.19
N LEU A 294 -22.46 11.69 -18.33
CA LEU A 294 -21.50 12.02 -19.37
C LEU A 294 -21.66 13.48 -19.81
N LYS A 295 -22.86 14.04 -19.64
CA LYS A 295 -23.09 15.42 -20.00
C LYS A 295 -22.39 16.37 -19.04
N VAL A 296 -22.01 15.85 -17.87
CA VAL A 296 -21.29 16.60 -16.85
C VAL A 296 -19.80 16.32 -16.96
N ILE A 297 -19.46 15.10 -17.33
CA ILE A 297 -18.09 14.63 -17.37
C ILE A 297 -17.31 15.05 -18.64
N LEU A 298 -17.94 14.95 -19.81
CA LEU A 298 -17.27 15.18 -21.09
C LEU A 298 -16.72 16.58 -21.31
N PRO A 299 -17.43 17.64 -20.88
CA PRO A 299 -16.74 18.92 -21.04
C PRO A 299 -15.38 19.00 -20.31
N HIS A 300 -15.15 18.27 -19.20
CA HIS A 300 -13.87 18.44 -18.58
C HIS A 300 -12.93 17.30 -19.00
N ARG A 301 -13.28 16.55 -20.02
CA ARG A 301 -12.42 15.45 -20.43
C ARG A 301 -12.38 15.45 -21.94
N PRO A 302 -11.67 16.43 -22.52
CA PRO A 302 -11.70 16.66 -23.97
C PRO A 302 -11.27 15.43 -24.77
N ASP A 303 -10.47 14.56 -24.18
CA ASP A 303 -9.88 13.45 -24.92
C ASP A 303 -10.47 12.09 -24.61
N LEU A 304 -11.54 12.06 -23.82
CA LEU A 304 -12.28 10.83 -23.58
C LEU A 304 -13.10 10.52 -24.82
N LYS A 305 -13.07 9.27 -25.28
CA LYS A 305 -13.98 8.84 -26.34
C LYS A 305 -15.16 8.01 -25.81
N VAL A 306 -16.37 8.36 -26.24
CA VAL A 306 -17.58 7.57 -25.97
C VAL A 306 -18.26 7.05 -27.23
N ILE A 307 -18.40 5.73 -27.35
CA ILE A 307 -19.28 5.12 -28.33
C ILE A 307 -20.62 4.58 -27.71
N LEU A 308 -21.71 5.29 -27.99
CA LEU A 308 -23.06 4.80 -27.68
C LEU A 308 -23.46 3.73 -28.70
N MET A 309 -24.05 2.64 -28.22
CA MET A 309 -24.52 1.59 -29.10
C MET A 309 -25.93 1.19 -28.70
N SER A 310 -26.75 0.91 -29.69
CA SER A 310 -28.18 0.77 -29.51
C SER A 310 -28.73 -0.18 -30.54
N ALA A 311 -29.83 -0.86 -30.21
CA ALA A 311 -30.60 -1.61 -31.21
C ALA A 311 -31.49 -0.61 -31.92
N THR A 312 -32.26 -1.05 -32.92
CA THR A 312 -33.08 -0.10 -33.69
C THR A 312 -34.39 0.22 -33.00
N VAL A 313 -34.31 0.76 -31.80
CA VAL A 313 -35.45 1.00 -30.96
C VAL A 313 -35.43 2.45 -30.51
N ARG A 314 -36.03 3.33 -31.30
CA ARG A 314 -36.02 4.77 -31.05
C ARG A 314 -34.61 5.36 -31.03
N GLU A 315 -33.77 4.93 -31.96
CA GLU A 315 -32.37 5.35 -31.94
C GLU A 315 -32.16 6.87 -31.95
N GLN A 316 -33.02 7.58 -32.67
CA GLN A 316 -32.84 9.02 -32.86
C GLN A 316 -32.89 9.79 -31.53
N ASP A 317 -33.57 9.25 -30.53
CA ASP A 317 -33.60 9.85 -29.18
C ASP A 317 -32.20 10.09 -28.62
N PHE A 318 -31.32 9.12 -28.83
CA PHE A 318 -29.99 9.20 -28.24
C PHE A 318 -29.15 10.17 -29.05
N CYS A 319 -29.15 9.96 -30.36
CA CYS A 319 -28.62 10.91 -31.34
C CYS A 319 -28.99 12.35 -30.98
N ASP A 320 -30.28 12.59 -30.76
CA ASP A 320 -30.75 13.91 -30.36
C ASP A 320 -30.21 14.35 -29.00
N TYR A 321 -30.02 13.40 -28.09
CA TYR A 321 -29.66 13.77 -26.73
C TYR A 321 -28.23 14.35 -26.67
N PHE A 322 -27.30 13.81 -27.44
CA PHE A 322 -25.94 14.39 -27.48
C PHE A 322 -25.73 15.30 -28.70
N ASN A 323 -26.08 16.56 -28.49
CA ASN A 323 -26.56 17.48 -29.54
C ASN A 323 -27.09 16.70 -30.73
N ASN A 324 -26.31 16.57 -31.80
CA ASN A 324 -26.78 15.70 -32.87
C ASN A 324 -25.60 14.93 -33.44
N CYS A 325 -25.10 14.03 -32.62
CA CYS A 325 -23.88 13.28 -32.90
C CYS A 325 -24.02 12.34 -34.11
N PRO A 326 -22.88 11.90 -34.70
CA PRO A 326 -22.86 10.94 -35.81
C PRO A 326 -23.52 9.60 -35.50
N MET A 327 -24.16 8.99 -36.49
CA MET A 327 -24.89 7.73 -36.25
C MET A 327 -24.64 6.71 -37.34
N PHE A 328 -24.15 5.54 -36.99
CA PHE A 328 -24.04 4.45 -37.95
C PHE A 328 -25.22 3.48 -37.85
N ARG A 329 -25.72 3.04 -39.01
CA ARG A 329 -26.71 1.98 -39.08
C ARG A 329 -26.04 0.75 -39.67
N ILE A 330 -25.84 -0.25 -38.83
CA ILE A 330 -25.22 -1.49 -39.28
C ILE A 330 -26.30 -2.55 -39.24
N GLU A 331 -26.37 -3.38 -40.27
CA GLU A 331 -27.47 -4.32 -40.41
C GLU A 331 -27.20 -5.56 -39.60
N GLY A 332 -28.26 -6.28 -39.25
CA GLY A 332 -28.10 -7.55 -38.57
C GLY A 332 -27.84 -8.69 -39.53
N VAL A 333 -27.69 -9.88 -38.97
CA VAL A 333 -27.63 -11.12 -39.73
C VAL A 333 -28.82 -11.96 -39.24
N MET A 334 -29.83 -12.10 -40.07
CA MET A 334 -31.09 -12.75 -39.64
C MET A 334 -31.91 -13.34 -40.80
N PHE A 335 -32.49 -14.52 -40.60
CA PHE A 335 -33.40 -15.07 -41.60
C PHE A 335 -34.68 -14.28 -41.68
N PRO A 336 -35.34 -14.31 -42.84
CA PRO A 336 -36.67 -13.71 -42.93
C PRO A 336 -37.68 -14.35 -41.97
N VAL A 337 -38.52 -13.50 -41.38
CA VAL A 337 -39.59 -13.98 -40.52
C VAL A 337 -40.88 -13.27 -40.89
N LYS A 338 -41.89 -14.06 -41.22
CA LYS A 338 -43.14 -13.47 -41.68
C LYS A 338 -44.00 -13.17 -40.48
N MET A 339 -44.65 -12.01 -40.50
CA MET A 339 -45.49 -11.58 -39.41
C MET A 339 -46.97 -11.77 -39.71
N LEU A 340 -47.55 -12.81 -39.12
CA LEU A 340 -49.00 -13.02 -39.20
C LEU A 340 -49.69 -12.36 -38.04
N TYR A 341 -50.77 -11.64 -38.30
CA TYR A 341 -51.55 -11.09 -37.21
C TYR A 341 -52.79 -11.94 -36.95
N LEU A 342 -53.66 -11.46 -36.05
CA LEU A 342 -54.81 -12.26 -35.59
C LEU A 342 -55.69 -12.73 -36.76
N GLU A 343 -56.06 -11.78 -37.62
CA GLU A 343 -56.81 -12.08 -38.84
C GLU A 343 -56.18 -13.17 -39.72
N ASP A 344 -54.85 -13.28 -39.71
CA ASP A 344 -54.16 -14.28 -40.54
C ASP A 344 -54.09 -15.64 -39.83
N VAL A 345 -53.87 -15.64 -38.51
CA VAL A 345 -53.81 -16.89 -37.74
C VAL A 345 -55.19 -17.58 -37.76
N LEU A 346 -56.22 -16.78 -37.54
CA LEU A 346 -57.57 -17.28 -37.61
C LEU A 346 -57.84 -17.82 -38.99
N SER A 347 -57.45 -17.07 -40.00
CA SER A 347 -57.71 -17.46 -41.37
C SER A 347 -57.03 -18.78 -41.79
N LYS A 348 -56.09 -19.30 -40.99
CA LYS A 348 -55.47 -20.58 -41.36
C LYS A 348 -55.89 -21.74 -40.44
N THR A 349 -56.25 -21.41 -39.20
CA THR A 349 -56.66 -22.42 -38.22
C THR A 349 -58.19 -22.48 -38.14
N ASN A 350 -58.83 -21.36 -38.51
CA ASN A 350 -60.27 -21.07 -38.31
C ASN A 350 -60.92 -21.74 -37.07
N TYR A 351 -60.12 -21.87 -36.01
CA TYR A 351 -60.59 -22.21 -34.67
C TYR A 351 -61.76 -21.31 -34.28
N GLU A 352 -62.72 -21.84 -33.53
CA GLU A 352 -63.81 -20.98 -33.04
C GLU A 352 -63.92 -20.94 -31.52
N PHE A 353 -64.39 -19.79 -31.04
CA PHE A 353 -64.25 -19.45 -29.63
C PHE A 353 -65.47 -19.93 -28.86
N GLN A 354 -65.32 -20.18 -27.56
CA GLN A 354 -66.38 -20.79 -26.78
C GLN A 354 -66.70 -20.10 -25.44
N LYS A 355 -68.00 -19.99 -25.14
CA LYS A 355 -68.50 -19.54 -23.85
C LYS A 355 -67.90 -20.37 -22.72
N ARG A 369 -65.37 -4.08 -22.53
CA ARG A 369 -65.80 -2.73 -22.84
C ARG A 369 -65.68 -2.44 -24.35
N MET A 370 -66.71 -1.80 -24.89
CA MET A 370 -66.77 -1.37 -26.29
C MET A 370 -66.76 0.15 -26.20
N LYS A 371 -65.64 0.87 -26.36
CA LYS A 371 -64.41 0.65 -27.13
C LYS A 371 -64.11 -0.56 -28.01
N HIS A 372 -63.97 -1.78 -27.49
CA HIS A 372 -63.31 -2.81 -28.31
C HIS A 372 -63.76 -2.99 -29.78
N GLU A 373 -64.98 -2.60 -30.12
CA GLU A 373 -65.35 -2.59 -31.55
C GLU A 373 -65.47 -1.17 -32.12
N ALA A 374 -65.38 -0.18 -31.24
CA ALA A 374 -65.04 1.16 -31.68
C ALA A 374 -63.62 1.11 -32.27
N MET A 375 -62.76 0.32 -31.63
CA MET A 375 -61.41 0.12 -32.11
C MET A 375 -61.43 -0.73 -33.36
N ILE A 376 -62.09 -1.89 -33.30
CA ILE A 376 -61.87 -2.93 -34.31
C ILE A 376 -62.62 -2.70 -35.64
N GLU A 377 -63.68 -1.89 -35.65
CA GLU A 377 -64.54 -1.87 -36.83
C GLU A 377 -64.13 -0.92 -37.96
N PRO A 378 -63.49 0.21 -37.66
CA PRO A 378 -62.97 0.92 -38.84
C PRO A 378 -61.86 0.12 -39.52
N TYR A 379 -61.17 -0.71 -38.76
CA TYR A 379 -60.19 -1.62 -39.35
C TYR A 379 -60.90 -2.72 -40.16
N LEU A 380 -61.98 -3.26 -39.62
CA LEU A 380 -62.69 -4.36 -40.30
C LEU A 380 -63.19 -3.97 -41.68
N ARG A 381 -63.55 -2.70 -41.88
CA ARG A 381 -63.93 -2.29 -43.21
C ARG A 381 -62.69 -2.26 -44.12
N ARG A 382 -61.64 -1.50 -43.81
CA ARG A 382 -60.47 -1.48 -44.71
C ARG A 382 -60.01 -2.88 -45.16
N ILE A 383 -60.50 -3.92 -44.50
CA ILE A 383 -60.09 -5.28 -44.83
C ILE A 383 -61.27 -6.18 -45.25
N ARG A 384 -62.44 -5.58 -45.59
CA ARG A 384 -63.60 -6.35 -46.10
C ARG A 384 -63.21 -7.31 -47.22
N ASN A 385 -62.42 -6.81 -48.17
CA ASN A 385 -62.09 -7.62 -49.34
C ASN A 385 -61.15 -8.80 -49.08
N SER A 386 -60.22 -8.68 -48.13
CA SER A 386 -59.09 -9.62 -48.11
C SER A 386 -59.09 -10.65 -47.01
N TYR A 387 -60.08 -10.61 -46.12
CA TYR A 387 -60.27 -11.78 -45.27
C TYR A 387 -61.66 -12.38 -45.40
N ASP A 388 -61.66 -13.71 -45.27
CA ASP A 388 -62.82 -14.55 -45.35
C ASP A 388 -64.05 -13.98 -44.66
N SER A 389 -65.19 -14.29 -45.27
CA SER A 389 -66.55 -14.00 -44.82
C SER A 389 -66.64 -13.23 -43.53
N ARG A 390 -66.36 -13.99 -42.49
CA ARG A 390 -66.29 -13.44 -41.20
C ARG A 390 -65.26 -14.32 -40.49
N VAL A 391 -63.99 -13.99 -40.82
CA VAL A 391 -62.77 -14.08 -40.01
C VAL A 391 -62.86 -12.77 -39.25
N LEU A 392 -63.60 -11.87 -39.88
CA LEU A 392 -63.93 -10.55 -39.41
C LEU A 392 -64.74 -10.71 -38.13
N ASP A 393 -65.29 -11.91 -37.96
CA ASP A 393 -65.99 -12.38 -36.76
C ASP A 393 -65.44 -12.12 -35.39
N LYS A 394 -64.53 -13.05 -35.07
CA LYS A 394 -63.76 -13.17 -33.86
C LYS A 394 -63.06 -11.88 -33.58
N LEU A 395 -62.66 -11.17 -34.64
CA LEU A 395 -62.00 -9.89 -34.44
C LEU A 395 -62.96 -8.91 -33.75
N ARG A 396 -64.27 -9.12 -33.90
CA ARG A 396 -65.22 -8.37 -33.09
C ARG A 396 -65.33 -8.90 -31.66
N LEU A 397 -64.96 -10.17 -31.44
CA LEU A 397 -64.89 -10.74 -30.09
C LEU A 397 -63.71 -10.14 -29.33
N PRO A 398 -63.99 -9.42 -28.23
CA PRO A 398 -62.92 -8.93 -27.35
C PRO A 398 -61.96 -10.04 -26.94
N GLU A 399 -62.49 -11.24 -26.70
CA GLU A 399 -61.72 -12.40 -26.25
C GLU A 399 -60.78 -13.02 -27.28
N SER A 400 -60.89 -12.61 -28.55
CA SER A 400 -60.10 -13.26 -29.61
C SER A 400 -58.62 -12.86 -29.53
N GLU A 401 -58.37 -11.63 -29.09
CA GLU A 401 -57.02 -11.09 -28.93
C GLU A 401 -56.42 -11.41 -27.53
N GLY A 402 -55.14 -11.11 -27.37
CA GLY A 402 -54.45 -11.42 -26.13
C GLY A 402 -54.32 -12.91 -25.87
N CYS A 403 -54.57 -13.32 -24.63
CA CYS A 403 -54.46 -14.73 -24.30
C CYS A 403 -55.60 -15.12 -23.38
N GLU A 404 -56.78 -14.53 -23.62
CA GLU A 404 -57.95 -14.79 -22.80
C GLU A 404 -58.36 -16.26 -22.90
N ASP A 405 -58.28 -16.79 -24.11
CA ASP A 405 -58.72 -18.13 -24.47
C ASP A 405 -57.54 -19.05 -24.76
N ILE A 406 -57.09 -19.77 -23.77
CA ILE A 406 -55.91 -20.62 -23.92
C ILE A 406 -56.11 -21.81 -24.88
N ASP A 407 -57.35 -22.14 -25.18
CA ASP A 407 -57.54 -23.26 -26.10
C ASP A 407 -57.19 -22.83 -27.51
N PHE A 408 -57.52 -21.58 -27.83
CA PHE A 408 -57.10 -20.96 -29.10
C PHE A 408 -55.62 -21.12 -29.33
N ILE A 409 -54.84 -20.88 -28.27
CA ILE A 409 -53.37 -20.90 -28.35
C ILE A 409 -52.88 -22.33 -28.50
N ALA A 410 -53.40 -23.22 -27.67
CA ALA A 410 -53.09 -24.63 -27.73
C ALA A 410 -53.39 -25.16 -29.12
N ASP A 411 -54.50 -24.71 -29.69
CA ASP A 411 -54.87 -25.13 -31.01
C ASP A 411 -53.83 -24.68 -32.02
N LEU A 412 -53.39 -23.42 -31.91
CA LEU A 412 -52.35 -22.91 -32.83
C LEU A 412 -51.05 -23.69 -32.66
N VAL A 413 -50.78 -24.18 -31.45
CA VAL A 413 -49.61 -25.04 -31.24
C VAL A 413 -49.76 -26.31 -32.06
N TYR A 414 -50.97 -26.86 -32.12
CA TYR A 414 -51.23 -28.09 -32.87
C TYR A 414 -51.12 -27.85 -34.39
N TYR A 415 -51.72 -26.76 -34.85
CA TYR A 415 -51.65 -26.40 -36.26
C TYR A 415 -50.21 -26.31 -36.76
N ILE A 416 -49.33 -25.77 -35.91
CA ILE A 416 -47.92 -25.65 -36.25
C ILE A 416 -47.26 -27.02 -36.17
N CYS A 417 -47.81 -27.89 -35.35
CA CYS A 417 -47.23 -29.22 -35.17
C CYS A 417 -47.36 -30.13 -36.41
N GLU A 418 -48.37 -29.94 -37.24
CA GLU A 418 -48.52 -30.84 -38.40
C GLU A 418 -48.26 -30.19 -39.76
N ASN A 419 -48.68 -28.94 -39.94
CA ASN A 419 -48.25 -28.17 -41.10
C ASN A 419 -47.00 -27.43 -40.70
N GLU A 420 -46.28 -26.83 -41.64
CA GLU A 420 -45.04 -26.08 -41.31
C GLU A 420 -43.99 -27.01 -40.69
N PRO A 421 -42.83 -27.13 -41.35
CA PRO A 421 -41.78 -28.08 -41.03
C PRO A 421 -41.19 -27.90 -39.64
N GLU A 422 -40.32 -28.81 -39.24
CA GLU A 422 -39.94 -28.88 -37.85
C GLU A 422 -39.16 -27.65 -37.39
N GLY A 423 -38.96 -27.58 -36.07
CA GLY A 423 -38.37 -26.43 -35.40
C GLY A 423 -39.21 -26.05 -34.19
N ALA A 424 -38.57 -25.61 -33.11
CA ALA A 424 -39.25 -25.37 -31.85
C ALA A 424 -40.28 -24.23 -31.90
N ILE A 425 -41.28 -24.31 -31.02
CA ILE A 425 -42.26 -23.24 -30.82
C ILE A 425 -41.97 -22.46 -29.53
N LEU A 426 -42.13 -21.15 -29.60
CA LEU A 426 -41.90 -20.32 -28.43
C LEU A 426 -43.16 -19.52 -28.16
N VAL A 427 -43.85 -19.85 -27.07
CA VAL A 427 -45.08 -19.15 -26.70
C VAL A 427 -44.79 -18.07 -25.68
N PHE A 428 -45.31 -16.86 -25.93
CA PHE A 428 -45.10 -15.72 -25.03
C PHE A 428 -46.40 -15.38 -24.32
N LEU A 429 -46.46 -15.71 -23.04
CA LEU A 429 -47.62 -15.44 -22.22
C LEU A 429 -47.25 -14.46 -21.10
N PRO A 430 -48.25 -13.74 -20.56
CA PRO A 430 -47.97 -12.64 -19.62
C PRO A 430 -47.41 -13.05 -18.26
N GLY A 431 -47.60 -14.29 -17.81
CA GLY A 431 -47.09 -14.64 -16.49
C GLY A 431 -47.30 -16.07 -16.06
N TYR A 432 -47.02 -16.32 -14.77
CA TYR A 432 -47.09 -17.66 -14.18
C TYR A 432 -48.42 -18.38 -14.39
N ASP A 433 -49.51 -17.67 -14.13
CA ASP A 433 -50.83 -18.28 -14.20
C ASP A 433 -51.13 -18.84 -15.59
N LYS A 434 -50.92 -18.03 -16.63
CA LYS A 434 -51.28 -18.43 -17.98
C LYS A 434 -50.32 -19.48 -18.52
N ILE A 435 -49.07 -19.43 -18.07
CA ILE A 435 -48.09 -20.44 -18.46
C ILE A 435 -48.59 -21.77 -17.93
N SER A 436 -49.28 -21.71 -16.80
CA SER A 436 -49.65 -22.91 -16.09
C SER A 436 -50.83 -23.54 -16.80
N GLN A 437 -51.83 -22.72 -17.11
CA GLN A 437 -52.99 -23.15 -17.87
C GLN A 437 -52.60 -23.85 -19.18
N LEU A 438 -51.76 -23.20 -19.98
CA LEU A 438 -51.37 -23.73 -21.27
C LEU A 438 -50.54 -25.00 -21.11
N TYR A 439 -49.69 -25.05 -20.10
CA TYR A 439 -48.95 -26.29 -19.81
C TYR A 439 -49.87 -27.48 -19.51
N ASN A 440 -50.82 -27.29 -18.59
CA ASN A 440 -51.77 -28.34 -18.23
C ASN A 440 -52.60 -28.80 -19.45
N ILE A 441 -53.07 -27.84 -20.24
CA ILE A 441 -53.81 -28.14 -21.46
C ILE A 441 -53.03 -28.99 -22.46
N LEU A 442 -51.71 -28.92 -22.45
CA LEU A 442 -50.93 -29.80 -23.29
C LEU A 442 -50.66 -31.14 -22.60
N ASP A 443 -50.37 -31.07 -21.30
CA ASP A 443 -49.99 -32.24 -20.48
C ASP A 443 -51.16 -33.19 -20.19
N LYS A 444 -52.31 -32.65 -19.81
CA LYS A 444 -53.48 -33.51 -19.66
C LYS A 444 -54.61 -32.88 -20.49
N PRO A 445 -54.74 -33.31 -21.75
CA PRO A 445 -55.63 -32.60 -22.66
C PRO A 445 -57.06 -33.15 -22.79
N LYS A 446 -58.00 -32.22 -22.82
CA LYS A 446 -59.41 -32.46 -23.15
C LYS A 446 -59.60 -32.89 -24.61
N THR A 447 -58.84 -32.26 -25.48
CA THR A 447 -59.10 -32.27 -26.91
C THR A 447 -58.65 -33.55 -27.65
N SER A 448 -59.40 -33.86 -28.72
CA SER A 448 -59.07 -34.90 -29.69
C SER A 448 -57.69 -34.75 -30.31
N LYS A 449 -57.32 -33.52 -30.64
CA LYS A 449 -56.05 -33.31 -31.31
C LYS A 449 -55.02 -32.95 -30.25
N GLY A 450 -55.43 -32.96 -28.98
CA GLY A 450 -54.49 -32.84 -27.90
C GLY A 450 -53.69 -34.09 -27.55
N GLN A 451 -54.36 -35.21 -27.28
CA GLN A 451 -53.67 -36.47 -26.92
C GLN A 451 -53.07 -37.21 -28.13
N ARG A 452 -53.31 -36.78 -29.36
CA ARG A 452 -52.39 -37.28 -30.39
C ARG A 452 -51.01 -36.68 -30.08
N TRP A 453 -50.96 -35.38 -29.82
CA TRP A 453 -49.69 -34.67 -29.84
C TRP A 453 -48.93 -34.73 -28.53
N ARG A 454 -49.63 -34.93 -27.42
CA ARG A 454 -49.04 -34.95 -26.07
C ARG A 454 -47.64 -35.58 -25.98
N ASP A 455 -47.48 -36.78 -26.53
CA ASP A 455 -46.21 -37.52 -26.47
C ASP A 455 -45.42 -37.29 -27.75
N HIS A 456 -45.64 -36.15 -28.39
CA HIS A 456 -44.71 -35.67 -29.40
C HIS A 456 -44.39 -34.20 -29.19
N MET A 457 -44.56 -33.73 -27.95
CA MET A 457 -44.09 -32.42 -27.56
C MET A 457 -43.18 -32.45 -26.32
N ALA A 458 -42.02 -31.79 -26.43
CA ALA A 458 -41.14 -31.60 -25.30
C ALA A 458 -41.43 -30.22 -24.75
N VAL A 459 -42.32 -30.14 -23.77
CA VAL A 459 -42.80 -28.86 -23.24
C VAL A 459 -42.01 -28.34 -22.03
N PHE A 460 -41.49 -27.12 -22.15
CA PHE A 460 -40.81 -26.47 -21.03
C PHE A 460 -41.51 -25.18 -20.68
N PRO A 461 -41.86 -25.00 -19.39
CA PRO A 461 -42.28 -23.66 -18.97
C PRO A 461 -41.04 -22.82 -18.71
N LEU A 462 -41.12 -21.51 -18.90
CA LEU A 462 -39.94 -20.65 -18.75
C LEU A 462 -40.32 -19.36 -18.04
N HIS A 463 -39.76 -19.18 -16.85
CA HIS A 463 -40.21 -18.17 -15.91
C HIS A 463 -39.05 -17.88 -14.95
N SER A 464 -38.86 -16.63 -14.51
CA SER A 464 -37.71 -16.29 -13.65
C SER A 464 -37.69 -17.10 -12.37
N LEU A 465 -38.87 -17.38 -11.82
CA LEU A 465 -39.01 -18.12 -10.57
C LEU A 465 -38.96 -19.64 -10.77
N MET A 466 -38.86 -20.10 -12.02
CA MET A 466 -38.82 -21.55 -12.31
C MET A 466 -37.41 -22.02 -12.66
N GLN A 467 -37.16 -23.33 -12.56
CA GLN A 467 -35.79 -23.84 -12.63
C GLN A 467 -35.29 -24.14 -14.04
N SER A 468 -36.20 -24.56 -14.93
CA SER A 468 -35.84 -25.05 -16.27
C SER A 468 -34.89 -24.14 -17.06
N GLY A 469 -35.03 -22.82 -16.88
CA GLY A 469 -34.13 -21.86 -17.48
C GLY A 469 -32.67 -22.11 -17.14
N GLU A 470 -32.34 -22.13 -15.86
CA GLU A 470 -30.96 -22.30 -15.40
C GLU A 470 -30.50 -23.77 -15.41
N GLN A 471 -31.16 -24.60 -16.22
CA GLN A 471 -30.69 -25.96 -16.52
C GLN A 471 -30.06 -25.95 -17.90
N GLN A 472 -30.33 -27.00 -18.66
CA GLN A 472 -29.78 -27.12 -20.02
C GLN A 472 -30.68 -27.97 -20.89
N ALA A 473 -31.57 -28.72 -20.25
CA ALA A 473 -32.48 -29.59 -20.97
C ALA A 473 -33.35 -28.79 -21.95
N VAL A 474 -33.49 -27.50 -21.71
CA VAL A 474 -34.37 -26.68 -22.54
C VAL A 474 -33.68 -26.16 -23.81
N PHE A 475 -32.36 -25.93 -23.73
CA PHE A 475 -31.60 -25.38 -24.86
C PHE A 475 -31.19 -26.43 -25.90
N ARG A 476 -30.98 -27.66 -25.45
CA ARG A 476 -30.56 -28.74 -26.35
C ARG A 476 -31.81 -29.20 -27.09
N ARG A 477 -31.66 -29.63 -28.34
CA ARG A 477 -32.84 -30.01 -29.13
C ARG A 477 -33.52 -31.29 -28.64
N PRO A 478 -34.81 -31.47 -28.99
CA PRO A 478 -35.61 -32.52 -28.34
C PRO A 478 -35.27 -33.94 -28.79
N PRO A 479 -35.77 -34.95 -28.06
CA PRO A 479 -35.67 -36.32 -28.58
C PRO A 479 -36.31 -36.41 -29.96
N ALA A 480 -35.60 -36.92 -30.97
CA ALA A 480 -36.13 -37.03 -32.34
C ALA A 480 -37.59 -37.53 -32.41
N GLY A 481 -38.36 -36.98 -33.34
CA GLY A 481 -39.79 -37.30 -33.46
C GLY A 481 -40.62 -36.38 -32.58
N GLN A 482 -39.96 -35.78 -31.61
CA GLN A 482 -40.59 -34.77 -30.78
C GLN A 482 -40.24 -33.33 -31.18
N ARG A 483 -41.26 -32.48 -31.08
CA ARG A 483 -41.14 -31.06 -31.35
C ARG A 483 -41.14 -30.26 -30.05
N LYS A 484 -40.13 -29.40 -29.89
CA LYS A 484 -39.98 -28.64 -28.65
C LYS A 484 -40.95 -27.45 -28.57
N VAL A 485 -41.58 -27.31 -27.41
CA VAL A 485 -42.49 -26.19 -27.17
C VAL A 485 -42.09 -25.44 -25.90
N ILE A 486 -41.86 -24.14 -26.04
CA ILE A 486 -41.47 -23.31 -24.92
C ILE A 486 -42.58 -22.33 -24.53
N ILE A 487 -43.11 -22.52 -23.31
CA ILE A 487 -44.07 -21.59 -22.72
C ILE A 487 -43.37 -20.62 -21.77
N SER A 488 -43.44 -19.33 -22.06
CA SER A 488 -42.52 -18.40 -21.43
C SER A 488 -43.07 -17.03 -21.14
N THR A 489 -42.44 -16.35 -20.19
CA THR A 489 -42.71 -14.94 -19.98
C THR A 489 -41.85 -14.17 -20.95
N ILE A 490 -41.88 -12.86 -20.79
CA ILE A 490 -41.01 -11.95 -21.53
C ILE A 490 -39.55 -12.35 -21.41
N ILE A 491 -39.22 -13.18 -20.42
CA ILE A 491 -37.84 -13.59 -20.17
C ILE A 491 -37.13 -14.19 -21.38
N ALA A 492 -37.86 -14.63 -22.40
CA ALA A 492 -37.16 -15.20 -23.56
C ALA A 492 -37.00 -14.19 -24.68
N GLU A 493 -37.37 -12.95 -24.41
CA GLU A 493 -37.22 -11.87 -25.38
C GLU A 493 -35.75 -11.48 -25.57
N THR A 494 -35.06 -11.25 -24.46
CA THR A 494 -33.66 -10.83 -24.49
C THR A 494 -32.85 -11.75 -23.57
N SER A 495 -33.25 -11.79 -22.30
CA SER A 495 -32.49 -12.43 -21.23
C SER A 495 -32.10 -13.89 -21.46
N VAL A 496 -33.01 -14.69 -22.02
CA VAL A 496 -32.77 -16.11 -22.24
C VAL A 496 -32.97 -16.45 -23.71
N THR A 497 -31.98 -17.08 -24.34
CA THR A 497 -32.03 -17.32 -25.79
C THR A 497 -31.99 -18.80 -26.18
N ILE A 498 -33.05 -19.26 -26.86
CA ILE A 498 -33.13 -20.62 -27.38
C ILE A 498 -32.96 -20.64 -28.90
N ASP A 499 -32.09 -21.52 -29.40
CA ASP A 499 -31.60 -21.42 -30.77
C ASP A 499 -32.34 -22.19 -31.88
N ASP A 500 -33.17 -23.17 -31.55
CA ASP A 500 -33.81 -23.92 -32.62
C ASP A 500 -35.24 -23.43 -32.83
N VAL A 501 -35.60 -22.36 -32.12
CA VAL A 501 -36.88 -21.71 -32.29
C VAL A 501 -37.09 -21.26 -33.73
N VAL A 502 -38.18 -21.72 -34.33
CA VAL A 502 -38.51 -21.33 -35.70
C VAL A 502 -39.85 -20.61 -35.72
N TYR A 503 -40.67 -20.92 -34.72
CA TYR A 503 -42.03 -20.41 -34.61
C TYR A 503 -42.26 -19.68 -33.29
N VAL A 504 -42.80 -18.48 -33.37
CA VAL A 504 -43.10 -17.69 -32.18
C VAL A 504 -44.56 -17.36 -32.10
N ILE A 505 -45.23 -17.76 -31.02
CA ILE A 505 -46.57 -17.27 -30.79
C ILE A 505 -46.48 -16.08 -29.83
N ASN A 506 -46.75 -14.90 -30.35
CA ASN A 506 -46.73 -13.70 -29.52
C ASN A 506 -48.16 -13.27 -29.15
N SER A 507 -48.55 -13.52 -27.90
CA SER A 507 -49.87 -13.17 -27.42
C SER A 507 -50.03 -11.68 -27.27
N GLY A 508 -48.91 -10.96 -27.19
CA GLY A 508 -48.97 -9.52 -27.07
C GLY A 508 -49.31 -9.04 -25.66
N ARG A 509 -49.27 -9.95 -24.69
CA ARG A 509 -49.63 -9.61 -23.31
C ARG A 509 -48.48 -9.82 -22.31
N THR A 510 -48.23 -8.83 -21.44
CA THR A 510 -47.16 -8.94 -20.45
C THR A 510 -47.56 -8.27 -19.13
N LYS A 511 -46.74 -8.45 -18.08
CA LYS A 511 -46.92 -7.64 -16.88
C LYS A 511 -45.78 -6.64 -16.65
N ALA A 512 -46.13 -5.48 -16.12
CA ALA A 512 -45.13 -4.47 -15.82
C ALA A 512 -45.45 -3.83 -14.47
N THR A 513 -44.43 -3.37 -13.77
CA THR A 513 -44.67 -2.59 -12.56
C THR A 513 -44.93 -1.14 -12.94
N ASN A 514 -45.73 -0.47 -12.12
CA ASN A 514 -46.16 0.92 -12.34
C ASN A 514 -46.27 1.62 -10.99
N TYR A 515 -46.11 2.94 -10.98
CA TYR A 515 -46.19 3.67 -9.73
C TYR A 515 -47.03 4.93 -9.85
N ASP A 516 -48.13 4.97 -9.09
CA ASP A 516 -48.93 6.18 -9.01
C ASP A 516 -48.24 7.05 -7.97
N ILE A 517 -47.91 8.27 -8.35
CA ILE A 517 -47.05 9.07 -7.49
C ILE A 517 -47.76 9.61 -6.26
N GLU A 518 -49.08 9.73 -6.27
CA GLU A 518 -49.75 10.21 -5.07
C GLU A 518 -50.90 9.33 -4.58
N THR A 519 -50.73 8.02 -4.70
CA THR A 519 -51.51 7.06 -3.94
C THR A 519 -50.47 6.19 -3.22
N ASN A 520 -49.21 6.37 -3.63
CA ASN A 520 -48.07 5.57 -3.20
C ASN A 520 -48.27 4.06 -3.43
N ILE A 521 -49.17 3.72 -4.34
CA ILE A 521 -49.37 2.32 -4.67
C ILE A 521 -48.49 1.91 -5.84
N GLN A 522 -47.62 0.94 -5.58
CA GLN A 522 -46.94 0.22 -6.63
C GLN A 522 -47.86 -0.89 -7.08
N SER A 523 -48.04 -1.05 -8.39
CA SER A 523 -48.92 -2.07 -8.92
C SER A 523 -48.21 -3.07 -9.85
N LEU A 524 -48.82 -4.23 -10.03
CA LEU A 524 -48.36 -5.19 -11.03
C LEU A 524 -49.52 -5.50 -11.96
N ASP A 525 -49.43 -5.03 -13.20
CA ASP A 525 -50.57 -5.03 -14.11
C ASP A 525 -50.31 -5.76 -15.42
N GLU A 526 -51.33 -6.46 -15.91
CA GLU A 526 -51.28 -7.06 -17.24
C GLU A 526 -51.57 -5.94 -18.21
N VAL A 527 -50.74 -5.82 -19.26
CA VAL A 527 -50.92 -4.82 -20.30
C VAL A 527 -50.53 -5.35 -21.68
N TRP A 528 -50.81 -4.58 -22.72
CA TRP A 528 -50.34 -4.95 -24.07
C TRP A 528 -48.88 -4.62 -24.14
N VAL A 529 -48.11 -5.50 -24.78
CA VAL A 529 -46.71 -5.21 -25.12
C VAL A 529 -46.57 -3.93 -25.93
N THR A 530 -45.32 -3.63 -26.30
CA THR A 530 -45.04 -2.46 -27.14
C THR A 530 -44.61 -2.89 -28.54
N LYS A 531 -44.45 -1.92 -29.44
CA LYS A 531 -43.97 -2.22 -30.80
C LYS A 531 -42.56 -2.83 -30.70
N ALA A 532 -41.75 -2.21 -29.84
CA ALA A 532 -40.42 -2.72 -29.50
C ALA A 532 -40.39 -4.20 -29.08
N ASN A 533 -41.31 -4.61 -28.20
CA ASN A 533 -41.36 -6.01 -27.78
C ASN A 533 -41.65 -6.95 -28.94
N THR A 534 -42.63 -6.57 -29.76
CA THR A 534 -42.98 -7.35 -30.95
C THR A 534 -41.83 -7.48 -31.98
N GLN A 535 -41.17 -6.37 -32.34
CA GLN A 535 -40.05 -6.53 -33.29
C GLN A 535 -38.97 -7.45 -32.70
N GLN A 536 -38.71 -7.36 -31.40
CA GLN A 536 -37.74 -8.28 -30.81
C GLN A 536 -38.25 -9.72 -30.88
N ARG A 537 -39.52 -9.93 -30.52
CA ARG A 537 -40.05 -11.28 -30.51
C ARG A 537 -39.96 -11.93 -31.88
N ARG A 538 -40.29 -11.14 -32.90
CA ARG A 538 -40.13 -11.55 -34.29
C ARG A 538 -38.70 -11.96 -34.60
N GLY A 539 -37.75 -11.16 -34.11
CA GLY A 539 -36.33 -11.46 -34.30
C GLY A 539 -35.97 -12.85 -33.82
N ARG A 540 -36.62 -13.31 -32.75
CA ARG A 540 -36.34 -14.62 -32.17
C ARG A 540 -36.71 -15.80 -33.08
N ALA A 541 -37.52 -15.58 -34.10
CA ALA A 541 -37.92 -16.69 -34.98
C ALA A 541 -36.86 -17.03 -36.03
N GLY A 542 -36.05 -16.05 -36.39
CA GLY A 542 -35.16 -16.25 -37.51
C GLY A 542 -33.68 -16.29 -37.23
N ARG A 543 -33.28 -17.12 -36.28
CA ARG A 543 -31.86 -17.28 -36.04
C ARG A 543 -31.30 -18.56 -36.69
N VAL A 544 -32.12 -19.59 -36.87
CA VAL A 544 -31.61 -20.83 -37.43
C VAL A 544 -32.17 -21.14 -38.84
N ARG A 545 -33.34 -20.59 -39.17
CA ARG A 545 -33.93 -20.74 -40.50
C ARG A 545 -35.16 -19.84 -40.65
N PRO A 546 -35.62 -19.61 -41.90
CA PRO A 546 -36.80 -18.74 -42.00
C PRO A 546 -37.94 -19.27 -41.17
N GLY A 547 -38.50 -18.39 -40.36
CA GLY A 547 -39.57 -18.78 -39.48
C GLY A 547 -40.70 -17.78 -39.52
N ILE A 548 -41.56 -17.88 -38.52
CA ILE A 548 -42.78 -17.10 -38.49
C ILE A 548 -43.19 -16.68 -37.07
N CYS A 549 -43.66 -15.45 -36.98
CA CYS A 549 -44.14 -14.90 -35.73
C CYS A 549 -45.63 -14.68 -35.86
N TYR A 550 -46.40 -15.38 -35.03
CA TYR A 550 -47.86 -15.25 -34.95
C TYR A 550 -48.27 -14.31 -33.82
N ASN A 551 -48.75 -13.13 -34.17
CA ASN A 551 -49.18 -12.16 -33.16
C ASN A 551 -50.71 -12.17 -33.00
N LEU A 552 -51.16 -12.67 -31.85
CA LEU A 552 -52.58 -12.84 -31.56
C LEU A 552 -53.22 -11.53 -31.14
N PHE A 553 -53.05 -10.51 -31.96
CA PHE A 553 -53.84 -9.28 -31.90
C PHE A 553 -53.93 -8.79 -33.31
N SER A 554 -54.74 -7.76 -33.55
CA SER A 554 -55.00 -7.33 -34.90
C SER A 554 -54.11 -6.14 -35.21
N ARG A 555 -53.99 -5.78 -36.49
CA ARG A 555 -53.18 -4.62 -36.85
C ARG A 555 -53.79 -3.34 -36.26
N ALA A 556 -55.07 -3.37 -35.90
CA ALA A 556 -55.69 -2.21 -35.27
C ALA A 556 -55.25 -2.08 -33.80
N ARG A 557 -54.97 -3.22 -33.19
CA ARG A 557 -54.44 -3.23 -31.85
C ARG A 557 -53.03 -2.62 -31.90
N GLU A 558 -52.16 -3.17 -32.75
CA GLU A 558 -50.79 -2.66 -32.90
C GLU A 558 -50.66 -1.15 -33.08
N ASP A 559 -51.58 -0.54 -33.82
CA ASP A 559 -51.47 0.89 -34.04
C ASP A 559 -51.88 1.69 -32.81
N ARG A 560 -52.40 0.99 -31.80
CA ARG A 560 -52.74 1.59 -30.53
C ARG A 560 -51.59 1.40 -29.54
N MET A 561 -50.78 0.37 -29.79
CA MET A 561 -49.65 0.03 -28.95
C MET A 561 -48.58 1.14 -28.92
N ASP A 562 -47.85 1.24 -27.81
CA ASP A 562 -46.77 2.23 -27.67
C ASP A 562 -45.50 1.85 -28.42
N ASP A 563 -44.62 2.83 -28.62
CA ASP A 563 -43.31 2.54 -29.18
C ASP A 563 -42.45 1.66 -28.30
N ILE A 564 -42.27 2.10 -27.06
CA ILE A 564 -41.38 1.41 -26.14
C ILE A 564 -42.00 1.35 -24.78
N PRO A 565 -41.49 0.46 -23.90
CA PRO A 565 -41.94 0.51 -22.51
C PRO A 565 -41.65 1.86 -21.86
N THR A 566 -42.27 2.14 -20.72
CA THR A 566 -41.92 3.34 -19.98
C THR A 566 -40.47 3.17 -19.49
N PRO A 567 -39.65 4.21 -19.67
CA PRO A 567 -38.31 4.19 -19.11
C PRO A 567 -38.33 4.00 -17.61
N GLU A 568 -37.65 2.95 -17.18
CA GLU A 568 -37.71 2.50 -15.79
C GLU A 568 -37.44 3.61 -14.76
N ILE A 569 -36.65 4.63 -15.11
CA ILE A 569 -36.34 5.67 -14.12
C ILE A 569 -37.59 6.49 -13.79
N LEU A 570 -38.57 6.46 -14.69
CA LEU A 570 -39.86 7.12 -14.47
C LEU A 570 -40.78 6.32 -13.53
N ARG A 571 -40.38 5.08 -13.24
CA ARG A 571 -41.16 4.17 -12.40
C ARG A 571 -40.46 3.85 -11.11
N SER A 572 -39.20 4.26 -10.98
CA SER A 572 -38.37 3.78 -9.89
C SER A 572 -38.38 4.71 -8.69
N LYS A 573 -38.02 4.19 -7.52
CA LYS A 573 -37.80 5.06 -6.38
C LYS A 573 -36.38 5.57 -6.47
N LEU A 574 -36.18 6.81 -6.04
CA LEU A 574 -34.94 7.53 -6.31
C LEU A 574 -34.05 7.78 -5.09
N GLU A 575 -34.40 7.20 -3.94
CA GLU A 575 -33.62 7.42 -2.71
C GLU A 575 -32.15 7.11 -2.89
N SER A 576 -31.82 5.92 -3.38
CA SER A 576 -30.43 5.52 -3.51
C SER A 576 -29.75 6.36 -4.59
N ILE A 577 -30.48 6.69 -5.66
CA ILE A 577 -29.90 7.50 -6.73
C ILE A 577 -29.57 8.91 -6.23
N ILE A 578 -30.51 9.51 -5.50
CA ILE A 578 -30.30 10.86 -5.00
C ILE A 578 -29.10 10.87 -4.08
N LEU A 579 -29.05 9.87 -3.20
CA LEU A 579 -27.97 9.75 -2.23
C LEU A 579 -26.61 9.52 -2.92
N SER A 580 -26.56 8.58 -3.86
CA SER A 580 -25.29 8.28 -4.52
C SER A 580 -24.76 9.46 -5.35
N LEU A 581 -25.63 10.37 -5.78
CA LEU A 581 -25.19 11.55 -6.54
C LEU A 581 -24.38 12.48 -5.65
N LYS A 582 -24.56 12.37 -4.35
CA LYS A 582 -23.86 13.22 -3.41
C LYS A 582 -22.38 12.93 -3.40
N LEU A 583 -22.02 11.69 -3.70
CA LEU A 583 -20.63 11.27 -3.68
C LEU A 583 -19.91 11.72 -4.92
N LEU A 584 -20.69 12.05 -5.94
CA LEU A 584 -20.16 12.52 -7.20
C LEU A 584 -20.20 14.05 -7.23
N HIS A 585 -20.44 14.63 -6.05
CA HIS A 585 -20.57 16.09 -5.92
C HIS A 585 -21.66 16.68 -6.80
N ILE A 586 -22.79 15.98 -6.87
CA ILE A 586 -24.00 16.52 -7.47
C ILE A 586 -25.06 16.62 -6.39
N ASP A 587 -25.21 17.84 -5.85
CA ASP A 587 -25.89 18.01 -4.59
C ASP A 587 -27.34 18.40 -4.82
N ASP A 588 -27.62 18.86 -6.04
CA ASP A 588 -28.96 19.24 -6.41
C ASP A 588 -29.63 18.16 -7.27
N PRO A 589 -30.47 17.32 -6.64
CA PRO A 589 -31.06 16.18 -7.34
C PRO A 589 -32.12 16.63 -8.35
N TYR A 590 -32.85 17.71 -8.07
CA TYR A 590 -33.90 18.15 -8.98
C TYR A 590 -33.26 18.59 -10.28
N ARG A 591 -32.26 19.44 -10.16
CA ARG A 591 -31.67 20.05 -11.33
C ARG A 591 -30.88 19.06 -12.17
N PHE A 592 -30.16 18.12 -11.56
CA PHE A 592 -29.45 17.14 -12.38
C PHE A 592 -30.42 16.19 -13.06
N LEU A 593 -31.34 15.61 -12.27
CA LEU A 593 -32.26 14.60 -12.79
C LEU A 593 -33.09 15.11 -13.95
N GLN A 594 -33.42 16.39 -13.87
CA GLN A 594 -34.21 17.03 -14.89
C GLN A 594 -33.54 16.93 -16.27
N THR A 595 -32.21 16.78 -16.31
CA THR A 595 -31.50 16.78 -17.58
C THR A 595 -31.36 15.40 -18.25
N LEU A 596 -32.05 14.39 -17.74
CA LEU A 596 -32.03 13.05 -18.30
C LEU A 596 -32.87 12.94 -19.58
N ILE A 597 -32.64 11.87 -20.34
CA ILE A 597 -33.38 11.67 -21.59
C ILE A 597 -34.87 11.71 -21.34
N ASN A 598 -35.29 11.07 -20.26
CA ASN A 598 -36.64 11.25 -19.74
C ASN A 598 -36.52 11.69 -18.30
N ALA A 599 -36.95 12.92 -18.02
CA ALA A 599 -36.84 13.45 -16.67
C ALA A 599 -37.89 12.84 -15.75
N PRO A 600 -37.49 12.46 -14.53
CA PRO A 600 -38.41 11.93 -13.53
C PRO A 600 -39.34 13.02 -13.03
N ASN A 601 -40.54 12.64 -12.62
CA ASN A 601 -41.44 13.54 -11.92
C ASN A 601 -40.69 14.16 -10.73
N PRO A 602 -40.61 15.49 -10.70
CA PRO A 602 -40.01 16.20 -9.56
C PRO A 602 -40.62 15.85 -8.21
N GLU A 603 -41.88 15.43 -8.18
CA GLU A 603 -42.54 15.10 -6.92
C GLU A 603 -42.01 13.76 -6.40
N ALA A 604 -41.67 12.87 -7.32
CA ALA A 604 -40.98 11.64 -6.96
C ALA A 604 -39.60 11.92 -6.33
N ILE A 605 -38.94 12.96 -6.83
CA ILE A 605 -37.66 13.37 -6.29
C ILE A 605 -37.87 13.89 -4.87
N LYS A 606 -38.92 14.69 -4.69
CA LYS A 606 -39.26 15.25 -3.37
C LYS A 606 -39.45 14.15 -2.34
N MET A 607 -40.33 13.20 -2.68
CA MET A 607 -40.55 12.00 -1.89
C MET A 607 -39.25 11.27 -1.60
N GLY A 608 -38.36 11.23 -2.59
CA GLY A 608 -37.06 10.62 -2.40
C GLY A 608 -36.29 11.34 -1.29
N VAL A 609 -36.23 12.66 -1.37
CA VAL A 609 -35.44 13.42 -0.42
C VAL A 609 -36.00 13.27 0.99
N GLU A 610 -37.32 13.27 1.11
CA GLU A 610 -37.94 13.23 2.43
C GLU A 610 -37.63 11.92 3.09
N LEU A 611 -37.63 10.84 2.31
CA LEU A 611 -37.28 9.54 2.86
C LEU A 611 -35.87 9.55 3.42
N LEU A 612 -34.93 10.17 2.71
CA LEU A 612 -33.54 10.23 3.17
C LEU A 612 -33.41 11.15 4.37
N LYS A 613 -34.24 12.17 4.42
CA LYS A 613 -34.30 13.07 5.56
C LYS A 613 -34.80 12.32 6.79
N ARG A 614 -35.68 11.36 6.56
CA ARG A 614 -36.34 10.66 7.65
C ARG A 614 -35.43 9.63 8.30
N ILE A 615 -34.73 8.84 7.47
CA ILE A 615 -33.75 7.91 8.01
C ILE A 615 -32.46 8.65 8.38
N GLU A 616 -32.50 9.97 8.25
CA GLU A 616 -31.42 10.87 8.68
C GLU A 616 -30.14 10.68 7.85
N ALA A 617 -30.31 10.31 6.58
CA ALA A 617 -29.19 10.24 5.65
C ALA A 617 -28.86 11.64 5.14
N LEU A 618 -29.84 12.54 5.27
CA LEU A 618 -29.70 13.95 4.94
C LEU A 618 -30.19 14.82 6.12
N ASP A 619 -29.57 15.98 6.33
CA ASP A 619 -30.08 16.91 7.36
C ASP A 619 -31.34 17.56 6.79
N GLN A 620 -31.90 18.63 7.37
CA GLN A 620 -33.12 19.08 6.70
C GLN A 620 -32.79 20.32 5.86
N THR A 621 -31.50 20.47 5.56
CA THR A 621 -31.09 21.33 4.46
C THR A 621 -31.15 20.51 3.17
N GLY A 622 -31.06 19.19 3.29
CA GLY A 622 -30.92 18.32 2.13
C GLY A 622 -29.49 17.81 2.00
N THR A 623 -28.63 18.23 2.92
CA THR A 623 -27.19 17.96 2.85
C THR A 623 -26.81 16.66 3.55
N LEU A 624 -25.76 16.02 3.03
CA LEU A 624 -25.25 14.76 3.56
C LEU A 624 -24.90 14.80 5.06
N THR A 625 -25.39 13.81 5.79
CA THR A 625 -24.96 13.55 7.17
C THR A 625 -23.82 12.54 7.17
N PRO A 626 -23.08 12.42 8.29
CA PRO A 626 -22.06 11.37 8.34
C PRO A 626 -22.64 9.98 8.09
N LEU A 627 -23.80 9.70 8.65
CA LEU A 627 -24.46 8.43 8.37
C LEU A 627 -24.84 8.31 6.88
N GLY A 628 -25.29 9.40 6.28
CA GLY A 628 -25.61 9.36 4.87
C GLY A 628 -24.43 8.99 3.96
N MET A 629 -23.24 9.43 4.34
CA MET A 629 -22.06 9.12 3.52
C MET A 629 -21.77 7.62 3.61
N HIS A 630 -21.81 7.06 4.82
CA HIS A 630 -21.68 5.61 4.99
C HIS A 630 -22.69 4.83 4.14
N LEU A 631 -23.94 5.29 4.15
CA LEU A 631 -25.00 4.59 3.40
C LEU A 631 -24.77 4.70 1.90
N ALA A 632 -24.36 5.89 1.46
CA ALA A 632 -24.08 6.10 0.03
C ALA A 632 -23.02 5.13 -0.49
N LYS A 633 -22.02 4.88 0.35
CA LYS A 633 -20.89 4.00 0.02
C LYS A 633 -21.16 2.50 0.09
N LEU A 634 -22.31 2.09 0.62
CA LEU A 634 -22.70 0.69 0.63
C LEU A 634 -23.51 0.36 -0.60
N PRO A 635 -23.18 -0.75 -1.29
CA PRO A 635 -23.87 -1.07 -2.55
C PRO A 635 -25.21 -1.76 -2.26
N ILE A 636 -26.08 -1.03 -1.58
CA ILE A 636 -27.38 -1.53 -1.23
C ILE A 636 -28.25 -0.32 -0.95
N ASP A 637 -29.58 -0.51 -1.01
CA ASP A 637 -30.56 0.54 -0.74
C ASP A 637 -30.32 1.04 0.67
N PRO A 638 -30.51 2.34 0.90
CA PRO A 638 -30.10 2.97 2.16
C PRO A 638 -30.78 2.36 3.39
N GLN A 639 -32.09 2.10 3.30
CA GLN A 639 -32.83 1.49 4.42
C GLN A 639 -32.23 0.16 4.85
N MET A 640 -31.83 -0.65 3.89
CA MET A 640 -31.25 -1.92 4.28
C MET A 640 -29.78 -1.75 4.67
N GLY A 641 -29.17 -0.62 4.31
CA GLY A 641 -27.82 -0.31 4.72
C GLY A 641 -27.85 0.05 6.20
N LYS A 642 -28.83 0.86 6.57
CA LYS A 642 -29.00 1.29 7.93
C LYS A 642 -29.21 0.04 8.81
N MET A 643 -30.02 -0.87 8.31
CA MET A 643 -30.23 -2.18 8.92
C MET A 643 -28.92 -2.93 9.18
N ILE A 644 -28.07 -2.96 8.19
CA ILE A 644 -26.81 -3.68 8.29
C ILE A 644 -25.85 -3.00 9.29
N LEU A 645 -25.72 -1.68 9.24
CA LEU A 645 -24.88 -0.97 10.20
C LEU A 645 -25.38 -1.21 11.61
N MET A 646 -26.70 -1.13 11.80
CA MET A 646 -27.27 -1.32 13.12
C MET A 646 -26.91 -2.71 13.60
N SER A 647 -27.00 -3.68 12.70
CA SER A 647 -26.67 -5.04 13.08
C SER A 647 -25.20 -5.20 13.50
N ALA A 648 -24.33 -4.29 13.05
CA ALA A 648 -22.93 -4.31 13.49
C ALA A 648 -22.81 -3.82 14.92
N LEU A 649 -23.60 -2.82 15.26
CA LEU A 649 -23.63 -2.28 16.61
C LEU A 649 -24.22 -3.28 17.61
N PHE A 650 -25.42 -3.78 17.33
CA PHE A 650 -26.11 -4.71 18.22
C PHE A 650 -25.72 -6.17 17.98
N CYS A 651 -24.50 -6.39 17.52
CA CYS A 651 -23.93 -7.75 17.34
C CYS A 651 -24.87 -8.80 16.74
N CYS A 652 -25.53 -8.52 15.63
CA CYS A 652 -26.35 -9.56 15.00
C CYS A 652 -26.17 -9.60 13.49
N LEU A 653 -24.90 -9.60 13.07
CA LEU A 653 -24.50 -9.40 11.67
C LEU A 653 -25.03 -10.45 10.70
N ASP A 654 -24.79 -11.72 11.04
CA ASP A 654 -25.11 -12.83 10.16
C ASP A 654 -26.59 -12.86 9.79
N PRO A 655 -27.51 -12.88 10.79
CA PRO A 655 -28.90 -12.96 10.37
C PRO A 655 -29.40 -11.75 9.59
N ILE A 656 -28.96 -10.56 9.97
CA ILE A 656 -29.48 -9.33 9.36
C ILE A 656 -28.94 -9.13 7.94
N THR A 657 -27.67 -9.51 7.71
CA THR A 657 -27.11 -9.37 6.38
C THR A 657 -27.82 -10.35 5.46
N SER A 658 -28.29 -11.49 5.98
CA SER A 658 -29.11 -12.41 5.18
C SER A 658 -30.42 -11.74 4.79
N ALA A 659 -31.06 -11.11 5.76
CA ALA A 659 -32.33 -10.43 5.50
C ALA A 659 -32.08 -9.33 4.47
N ALA A 660 -31.03 -8.56 4.71
CA ALA A 660 -30.61 -7.50 3.80
C ALA A 660 -30.33 -8.02 2.39
N ALA A 661 -29.47 -9.02 2.28
CA ALA A 661 -29.07 -9.54 0.96
C ALA A 661 -30.26 -10.06 0.17
N ALA A 662 -31.19 -10.72 0.85
CA ALA A 662 -32.31 -11.36 0.17
C ALA A 662 -33.32 -10.33 -0.31
N LEU A 663 -33.45 -9.23 0.41
CA LEU A 663 -34.33 -8.16 -0.01
C LEU A 663 -33.79 -7.44 -1.23
N SER A 664 -32.46 -7.26 -1.27
CA SER A 664 -31.76 -6.50 -2.29
C SER A 664 -31.66 -7.25 -3.60
N PHE A 665 -31.34 -8.53 -3.50
CA PHE A 665 -31.24 -9.41 -4.63
C PHE A 665 -32.63 -10.05 -4.80
N LYS A 666 -32.72 -11.36 -4.63
CA LYS A 666 -34.02 -12.03 -4.58
C LYS A 666 -34.01 -13.22 -3.63
N SER A 667 -35.12 -13.94 -3.58
CA SER A 667 -35.29 -15.11 -2.73
C SER A 667 -34.72 -16.34 -3.43
N PRO A 668 -34.22 -17.32 -2.65
CA PRO A 668 -33.57 -18.50 -3.23
C PRO A 668 -34.57 -19.62 -3.59
N PHE A 669 -35.85 -19.38 -3.34
CA PHE A 669 -36.84 -20.41 -3.64
C PHE A 669 -37.34 -20.37 -5.10
N TYR A 670 -37.39 -21.54 -5.73
CA TYR A 670 -38.13 -21.70 -6.98
C TYR A 670 -39.64 -21.76 -6.70
N SER A 671 -40.42 -21.67 -7.76
CA SER A 671 -41.85 -22.02 -7.71
C SER A 671 -42.13 -22.92 -8.90
N PRO A 672 -41.79 -24.21 -8.76
CA PRO A 672 -41.92 -25.16 -9.87
C PRO A 672 -43.39 -25.47 -10.04
N LEU A 673 -43.84 -25.63 -11.29
CA LEU A 673 -45.26 -25.84 -11.59
C LEU A 673 -45.91 -26.93 -10.74
N GLY A 674 -47.01 -26.56 -10.10
CA GLY A 674 -47.81 -27.54 -9.39
C GLY A 674 -47.41 -27.79 -7.96
N LYS A 675 -46.21 -27.35 -7.58
CA LYS A 675 -45.69 -27.67 -6.27
C LYS A 675 -45.84 -26.49 -5.30
N GLU A 676 -46.69 -25.54 -5.68
CA GLU A 676 -46.97 -24.35 -4.90
C GLU A 676 -47.27 -24.70 -3.48
N SER A 677 -48.04 -25.77 -3.32
CA SER A 677 -48.49 -26.17 -2.01
C SER A 677 -47.33 -26.68 -1.19
N ARG A 678 -46.40 -27.42 -1.78
CA ARG A 678 -45.36 -27.98 -0.92
C ARG A 678 -44.14 -27.05 -0.82
N VAL A 679 -44.00 -26.07 -1.71
CA VAL A 679 -43.03 -25.01 -1.47
C VAL A 679 -43.53 -24.17 -0.28
N ASP A 680 -44.81 -23.86 -0.26
CA ASP A 680 -45.46 -23.22 0.87
C ASP A 680 -45.09 -23.93 2.18
N GLU A 681 -45.07 -25.26 2.14
CA GLU A 681 -44.81 -26.04 3.33
C GLU A 681 -43.32 -26.05 3.70
N ILE A 682 -42.44 -26.00 2.71
CA ILE A 682 -41.01 -25.87 2.99
C ILE A 682 -40.74 -24.56 3.73
N LYS A 683 -41.20 -23.47 3.12
CA LYS A 683 -41.05 -22.15 3.70
C LYS A 683 -41.51 -22.08 5.16
N ARG A 684 -42.76 -22.49 5.40
CA ARG A 684 -43.30 -22.41 6.74
C ARG A 684 -42.44 -23.19 7.74
N ARG A 685 -41.88 -24.31 7.31
CA ARG A 685 -40.94 -25.06 8.12
C ARG A 685 -39.63 -24.28 8.29
N MET A 686 -39.07 -23.72 7.21
CA MET A 686 -37.84 -22.93 7.37
C MET A 686 -38.06 -21.70 8.25
N ALA A 687 -39.28 -21.16 8.23
CA ALA A 687 -39.61 -20.01 9.07
C ALA A 687 -39.55 -20.31 10.57
N ARG A 688 -39.65 -21.59 10.95
CA ARG A 688 -39.49 -21.97 12.35
C ARG A 688 -40.47 -21.24 13.25
N ASN A 689 -41.66 -20.97 12.74
CA ASN A 689 -42.67 -20.23 13.50
C ASN A 689 -42.26 -18.84 13.95
N MET A 690 -41.23 -18.27 13.32
CA MET A 690 -40.75 -16.95 13.70
C MET A 690 -41.58 -15.82 13.07
N ARG A 691 -42.62 -16.18 12.32
CA ARG A 691 -43.44 -15.22 11.57
C ARG A 691 -42.60 -14.13 10.85
N SER A 692 -41.59 -14.55 10.09
CA SER A 692 -40.73 -13.60 9.38
C SER A 692 -40.22 -14.16 8.05
N ASP A 693 -40.60 -13.53 6.95
CA ASP A 693 -40.06 -13.94 5.66
C ASP A 693 -38.54 -13.74 5.66
N HIS A 694 -38.11 -12.65 6.29
CA HIS A 694 -36.69 -12.32 6.35
C HIS A 694 -35.88 -13.29 7.22
N LEU A 695 -36.39 -13.66 8.40
CA LEU A 695 -35.65 -14.63 9.19
C LEU A 695 -35.66 -16.02 8.54
N MET A 696 -36.75 -16.36 7.86
CA MET A 696 -36.86 -17.62 7.11
C MET A 696 -35.72 -17.76 6.07
N VAL A 697 -35.30 -16.65 5.48
CA VAL A 697 -34.26 -16.76 4.48
C VAL A 697 -32.96 -17.03 5.20
N HIS A 698 -32.70 -16.32 6.30
CA HIS A 698 -31.51 -16.63 7.10
C HIS A 698 -31.44 -18.09 7.56
N ASN A 699 -32.56 -18.64 8.08
CA ASN A 699 -32.60 -20.05 8.50
C ASN A 699 -32.30 -20.99 7.35
N THR A 700 -32.88 -20.67 6.19
CA THR A 700 -32.56 -21.33 4.93
C THR A 700 -31.06 -21.33 4.64
N ILE A 701 -30.40 -20.19 4.83
CA ILE A 701 -28.96 -20.10 4.59
C ILE A 701 -28.17 -20.93 5.63
N ILE A 702 -28.61 -20.86 6.90
CA ILE A 702 -28.05 -21.69 7.94
C ILE A 702 -28.17 -23.17 7.53
N ALA A 703 -29.37 -23.61 7.12
CA ALA A 703 -29.54 -25.00 6.71
C ALA A 703 -28.70 -25.32 5.47
N TYR A 704 -28.57 -24.34 4.55
CA TYR A 704 -27.74 -24.52 3.37
C TYR A 704 -26.29 -24.76 3.73
N ARG A 705 -25.76 -23.92 4.61
CA ARG A 705 -24.37 -24.07 5.07
C ARG A 705 -24.09 -25.49 5.61
N ASP A 706 -24.99 -25.99 6.46
CA ASP A 706 -24.85 -27.34 7.00
C ASP A 706 -24.85 -28.44 5.91
N SER A 707 -25.81 -28.40 5.00
CA SER A 707 -25.85 -29.31 3.85
C SER A 707 -24.52 -29.35 3.08
N ARG A 708 -23.86 -28.21 2.95
CA ARG A 708 -22.52 -28.15 2.36
C ARG A 708 -21.50 -28.83 3.26
N TYR A 709 -21.48 -28.47 4.53
CA TYR A 709 -20.64 -29.14 5.52
C TYR A 709 -20.89 -30.65 5.57
N SER A 710 -22.10 -31.08 5.20
CA SER A 710 -22.46 -32.49 5.24
C SER A 710 -22.40 -33.23 3.91
N HIS A 711 -21.92 -32.54 2.86
CA HIS A 711 -21.87 -33.06 1.48
C HIS A 711 -23.25 -33.49 0.95
N ALA A 712 -24.28 -32.82 1.43
CA ALA A 712 -25.65 -33.15 1.04
C ALA A 712 -26.27 -32.00 0.27
N GLU A 713 -25.42 -31.19 -0.36
CA GLU A 713 -25.84 -29.93 -0.97
C GLU A 713 -26.95 -30.10 -1.98
N ARG A 714 -26.72 -30.96 -2.96
CA ARG A 714 -27.69 -31.17 -4.03
C ARG A 714 -28.98 -31.77 -3.49
N ASP A 715 -28.86 -32.68 -2.52
CA ASP A 715 -30.03 -33.35 -1.95
C ASP A 715 -30.85 -32.34 -1.13
N PHE A 716 -30.16 -31.43 -0.43
CA PHE A 716 -30.82 -30.32 0.24
C PHE A 716 -31.57 -29.38 -0.72
N CYS A 717 -30.88 -28.88 -1.76
CA CYS A 717 -31.49 -27.93 -2.69
C CYS A 717 -32.68 -28.55 -3.42
N TYR A 718 -32.60 -29.85 -3.68
CA TYR A 718 -33.67 -30.57 -4.36
C TYR A 718 -34.94 -30.72 -3.51
N LYS A 719 -34.81 -31.20 -2.28
CA LYS A 719 -35.99 -31.44 -1.44
C LYS A 719 -36.63 -30.12 -1.00
N ASN A 720 -35.91 -29.01 -1.13
CA ASN A 720 -36.42 -27.75 -0.58
C ASN A 720 -36.69 -26.68 -1.61
N PHE A 721 -36.65 -27.08 -2.88
CA PHE A 721 -36.99 -26.23 -4.01
C PHE A 721 -36.14 -24.96 -4.04
N LEU A 722 -34.86 -25.11 -3.68
CA LEU A 722 -33.95 -23.97 -3.58
C LEU A 722 -32.92 -23.94 -4.68
N SER A 723 -32.56 -22.75 -5.17
CA SER A 723 -31.45 -22.58 -6.12
C SER A 723 -30.09 -22.46 -5.44
N SER A 724 -29.20 -23.42 -5.69
CA SER A 724 -27.88 -23.36 -5.09
C SER A 724 -27.10 -22.13 -5.56
N MET A 725 -27.39 -21.64 -6.76
CA MET A 725 -26.59 -20.52 -7.24
C MET A 725 -27.11 -19.17 -6.72
N THR A 726 -28.39 -19.09 -6.39
CA THR A 726 -28.88 -17.92 -5.65
C THR A 726 -28.33 -17.95 -4.22
N LEU A 727 -28.19 -19.15 -3.70
CA LEU A 727 -27.74 -19.29 -2.34
C LEU A 727 -26.29 -18.86 -2.24
N GLN A 728 -25.44 -19.29 -3.17
CA GLN A 728 -24.04 -18.85 -3.11
C GLN A 728 -23.92 -17.35 -3.33
N GLN A 729 -24.75 -16.80 -4.22
CA GLN A 729 -24.64 -15.37 -4.48
C GLN A 729 -25.06 -14.58 -3.24
N LEU A 730 -26.15 -15.01 -2.59
CA LEU A 730 -26.54 -14.43 -1.31
C LEU A 730 -25.37 -14.41 -0.30
N GLU A 731 -24.62 -15.50 -0.26
CA GLU A 731 -23.45 -15.60 0.61
C GLU A 731 -22.27 -14.71 0.20
N ARG A 732 -22.07 -14.47 -1.12
CA ARG A 732 -20.98 -13.56 -1.54
C ARG A 732 -21.36 -12.13 -1.16
N MET A 733 -22.65 -11.79 -1.32
CA MET A 733 -23.16 -10.49 -0.90
C MET A 733 -22.95 -10.21 0.61
N LYS A 734 -23.29 -11.17 1.47
CA LYS A 734 -23.14 -10.97 2.93
C LYS A 734 -21.71 -10.73 3.26
N ASN A 735 -20.84 -11.53 2.66
CA ASN A 735 -19.42 -11.39 2.87
C ASN A 735 -18.96 -10.02 2.33
N GLN A 736 -19.56 -9.54 1.25
CA GLN A 736 -19.24 -8.19 0.77
C GLN A 736 -19.57 -7.16 1.85
N PHE A 737 -20.76 -7.27 2.44
CA PHE A 737 -21.20 -6.33 3.47
C PHE A 737 -20.33 -6.43 4.72
N SER A 738 -19.89 -7.64 5.05
CA SER A 738 -19.06 -7.81 6.24
C SER A 738 -17.64 -7.26 6.01
N GLU A 739 -17.09 -7.43 4.80
CA GLU A 739 -15.78 -6.85 4.53
C GLU A 739 -15.85 -5.33 4.48
N LEU A 740 -16.91 -4.81 3.91
CA LEU A 740 -17.05 -3.36 3.84
C LEU A 740 -17.19 -2.78 5.23
N LEU A 741 -18.07 -3.36 6.02
CA LEU A 741 -18.28 -2.89 7.39
C LEU A 741 -17.01 -2.96 8.24
N TYR A 742 -16.16 -3.95 7.98
CA TYR A 742 -14.83 -4.01 8.58
C TYR A 742 -13.90 -2.87 8.10
N ASN A 743 -13.88 -2.61 6.79
CA ASN A 743 -13.01 -1.54 6.29
C ASN A 743 -13.47 -0.19 6.81
N TYR A 744 -14.76 -0.04 7.08
CA TYR A 744 -15.28 1.24 7.54
C TYR A 744 -15.14 1.37 9.06
N LYS A 745 -14.63 0.30 9.67
CA LYS A 745 -14.31 0.21 11.11
C LYS A 745 -15.55 0.03 12.02
N PHE A 746 -16.56 -0.72 11.55
CA PHE A 746 -17.71 -1.07 12.40
C PHE A 746 -17.59 -2.49 12.97
N LEU A 747 -16.71 -3.28 12.39
CA LEU A 747 -16.47 -4.63 12.87
C LEU A 747 -14.98 -4.85 13.12
N ALA A 748 -14.68 -5.71 14.09
CA ALA A 748 -13.31 -6.03 14.45
C ALA A 748 -12.82 -7.15 13.56
N SER A 749 -13.76 -7.78 12.89
CA SER A 749 -13.47 -8.88 11.99
C SER A 749 -14.28 -8.75 10.68
N SER A 750 -13.73 -9.27 9.59
CA SER A 750 -14.40 -9.15 8.32
C SER A 750 -15.25 -10.41 8.06
N ASN A 751 -15.32 -11.30 9.04
CA ASN A 751 -16.12 -12.50 8.90
C ASN A 751 -17.53 -12.23 9.35
N CYS A 752 -18.42 -12.56 8.45
CA CYS A 752 -19.83 -12.33 8.57
C CYS A 752 -20.44 -13.23 9.65
N LYS A 753 -19.73 -14.32 9.90
CA LYS A 753 -20.12 -15.29 10.89
C LYS A 753 -19.32 -15.17 12.20
N ASP A 754 -18.55 -14.09 12.39
CA ASP A 754 -17.65 -14.02 13.55
C ASP A 754 -18.39 -14.11 14.89
N ALA A 755 -17.80 -14.81 15.86
CA ALA A 755 -18.45 -15.01 17.15
C ALA A 755 -18.78 -13.68 17.81
N ALA A 756 -17.80 -12.79 17.86
CA ALA A 756 -17.97 -11.49 18.51
C ALA A 756 -19.07 -10.68 17.83
N SER A 757 -19.05 -10.68 16.50
CA SER A 757 -20.08 -9.99 15.72
C SER A 757 -21.47 -10.61 15.91
N ASN A 758 -21.56 -11.83 16.40
CA ASN A 758 -22.85 -12.51 16.43
C ASN A 758 -23.41 -12.95 17.80
N LYS A 759 -22.91 -12.38 18.90
CA LYS A 759 -23.35 -12.90 20.18
C LYS A 759 -24.83 -12.63 20.46
N ASN A 760 -25.51 -11.82 19.65
CA ASN A 760 -26.95 -11.65 19.88
C ASN A 760 -27.81 -12.21 18.75
N SER A 761 -27.22 -13.06 17.92
CA SER A 761 -27.91 -13.44 16.69
C SER A 761 -28.98 -14.48 16.95
N GLU A 762 -29.08 -14.94 18.20
CA GLU A 762 -30.13 -15.90 18.51
C GLU A 762 -31.24 -15.21 19.29
N LYS A 763 -31.04 -13.94 19.64
CA LYS A 763 -32.07 -13.21 20.40
C LYS A 763 -33.11 -12.66 19.42
N ILE A 764 -34.07 -13.52 19.11
CA ILE A 764 -35.10 -13.20 18.14
C ILE A 764 -35.82 -11.85 18.36
N PRO A 765 -36.13 -11.48 19.61
CA PRO A 765 -36.76 -10.15 19.74
C PRO A 765 -35.81 -9.04 19.30
N LEU A 766 -34.51 -9.25 19.49
CA LEU A 766 -33.56 -8.23 19.08
C LEU A 766 -33.49 -8.16 17.55
N LEU A 767 -33.38 -9.33 16.90
CA LEU A 767 -33.43 -9.45 15.45
C LEU A 767 -34.62 -8.72 14.83
N ARG A 768 -35.79 -8.88 15.45
CA ARG A 768 -37.00 -8.22 14.97
C ARG A 768 -36.86 -6.73 15.05
N ALA A 769 -36.16 -6.29 16.10
CA ALA A 769 -35.96 -4.87 16.34
C ALA A 769 -35.07 -4.23 15.26
N ILE A 770 -33.98 -4.91 14.88
CA ILE A 770 -33.03 -4.34 13.96
C ILE A 770 -33.63 -4.39 12.54
N ILE A 771 -34.36 -5.45 12.24
CA ILE A 771 -35.12 -5.54 10.99
C ILE A 771 -36.09 -4.37 10.89
N GLY A 772 -36.77 -4.11 12.00
CA GLY A 772 -37.74 -3.03 12.06
C GLY A 772 -37.07 -1.70 11.91
N ALA A 773 -35.86 -1.58 12.48
CA ALA A 773 -35.03 -0.37 12.35
C ALA A 773 -34.74 -0.01 10.89
N GLY A 774 -34.63 -1.04 10.05
CA GLY A 774 -34.32 -0.83 8.65
C GLY A 774 -35.55 -0.55 7.80
N LEU A 775 -36.63 -1.29 8.05
CA LEU A 775 -37.84 -1.25 7.21
C LEU A 775 -38.81 -0.17 7.65
N TYR A 776 -38.60 0.37 8.84
CA TYR A 776 -39.36 1.52 9.30
C TYR A 776 -39.21 2.65 8.27
N PRO A 777 -40.30 3.37 7.93
CA PRO A 777 -41.64 3.35 8.55
C PRO A 777 -42.71 2.53 7.83
N ASN A 778 -42.33 1.43 7.19
CA ASN A 778 -43.34 0.57 6.56
C ASN A 778 -44.01 -0.36 7.57
N MET A 779 -44.99 0.17 8.30
CA MET A 779 -45.65 -0.63 9.35
C MET A 779 -47.03 -1.07 8.91
N ALA A 780 -47.54 -2.11 9.55
CA ALA A 780 -48.89 -2.54 9.26
C ALA A 780 -49.47 -3.16 10.51
N HIS A 781 -50.81 -3.14 10.61
CA HIS A 781 -51.43 -3.62 11.83
C HIS A 781 -52.65 -4.49 11.55
N LEU A 782 -52.56 -5.73 12.04
CA LEU A 782 -53.60 -6.74 11.93
C LEU A 782 -54.65 -6.55 13.02
N ARG A 783 -55.92 -6.73 12.67
CA ARG A 783 -56.99 -6.40 13.61
C ARG A 783 -57.92 -7.55 14.02
N LYS A 784 -58.25 -8.51 13.16
CA LYS A 784 -59.13 -9.56 13.68
C LYS A 784 -58.77 -11.04 13.45
N SER A 785 -59.55 -11.86 14.17
CA SER A 785 -59.49 -13.32 14.29
C SER A 785 -59.76 -14.17 13.04
N ARG A 786 -60.60 -15.20 13.21
CA ARG A 786 -60.83 -16.30 12.25
C ARG A 786 -59.54 -17.07 11.93
N ARG A 793 -56.99 -22.42 6.72
CA ARG A 793 -56.72 -21.02 6.40
C ARG A 793 -57.14 -20.17 7.62
N ALA A 794 -57.01 -18.85 7.46
CA ALA A 794 -57.51 -17.84 8.39
C ALA A 794 -57.60 -16.57 7.56
N ILE A 795 -58.59 -15.73 7.82
CA ILE A 795 -58.80 -14.48 7.10
C ILE A 795 -58.25 -13.32 7.93
N HIS A 796 -57.76 -12.28 7.27
CA HIS A 796 -57.13 -11.16 7.97
C HIS A 796 -57.76 -9.80 7.72
N THR A 797 -57.84 -9.00 8.78
CA THR A 797 -58.19 -7.59 8.65
C THR A 797 -56.99 -6.73 8.99
N MET A 798 -56.22 -6.34 7.98
CA MET A 798 -54.94 -5.66 8.19
C MET A 798 -54.86 -4.40 7.34
N ALA A 799 -54.24 -3.36 7.89
CA ALA A 799 -54.13 -2.08 7.21
C ALA A 799 -52.79 -1.43 7.50
N THR A 800 -52.10 -0.97 6.47
CA THR A 800 -50.81 -0.32 6.66
C THR A 800 -51.03 0.98 7.44
N ASP A 801 -49.94 1.55 7.94
CA ASP A 801 -49.99 2.74 8.80
C ASP A 801 -50.63 3.95 8.12
N ASP A 802 -50.76 3.90 6.78
CA ASP A 802 -51.34 5.00 6.02
C ASP A 802 -52.86 4.86 5.96
N GLY A 803 -53.37 3.76 6.51
CA GLY A 803 -54.79 3.50 6.54
C GLY A 803 -55.27 2.47 5.53
N ARG A 804 -54.53 2.30 4.43
CA ARG A 804 -54.96 1.42 3.35
C ARG A 804 -55.00 -0.06 3.74
N ARG A 805 -56.03 -0.77 3.27
CA ARG A 805 -56.20 -2.18 3.61
C ARG A 805 -55.28 -3.10 2.78
N VAL A 806 -54.49 -3.91 3.47
CA VAL A 806 -53.58 -4.87 2.84
C VAL A 806 -53.82 -6.29 3.34
N ASN A 807 -53.28 -7.26 2.62
CA ASN A 807 -53.16 -8.64 3.11
C ASN A 807 -51.77 -9.20 2.80
N PHE A 808 -51.31 -10.14 3.62
CA PHE A 808 -50.05 -10.80 3.35
C PHE A 808 -50.15 -11.48 1.99
N HIS A 809 -49.13 -11.34 1.15
CA HIS A 809 -49.15 -12.04 -0.11
C HIS A 809 -49.14 -13.54 0.17
N PRO A 810 -49.91 -14.31 -0.60
CA PRO A 810 -50.03 -15.73 -0.29
C PRO A 810 -48.69 -16.49 -0.40
N SER A 811 -47.74 -15.92 -1.11
CA SER A 811 -46.40 -16.48 -1.17
C SER A 811 -45.60 -16.21 0.11
N SER A 812 -46.09 -15.27 0.94
CA SER A 812 -45.46 -14.94 2.22
C SER A 812 -45.83 -15.91 3.32
N VAL A 813 -44.90 -16.17 4.23
CA VAL A 813 -45.15 -17.15 5.28
C VAL A 813 -46.20 -16.74 6.30
N ASN A 814 -46.59 -15.47 6.32
CA ASN A 814 -47.62 -15.04 7.27
C ASN A 814 -49.03 -15.04 6.69
N SER A 815 -49.18 -15.41 5.43
CA SER A 815 -50.49 -15.43 4.79
C SER A 815 -51.36 -16.55 5.34
N GLY A 816 -52.55 -16.20 5.82
CA GLY A 816 -53.49 -17.20 6.31
C GLY A 816 -53.18 -17.76 7.70
N GLU A 817 -52.05 -17.36 8.28
CA GLU A 817 -51.72 -17.78 9.64
C GLU A 817 -52.62 -17.05 10.63
N SER A 818 -52.79 -17.62 11.80
CA SER A 818 -53.45 -16.92 12.89
C SER A 818 -52.59 -17.09 14.12
N GLY A 819 -52.86 -16.29 15.15
CA GLY A 819 -52.18 -16.47 16.41
C GLY A 819 -50.74 -16.00 16.32
N PHE A 820 -50.58 -14.74 15.94
CA PHE A 820 -49.30 -14.07 16.07
C PHE A 820 -49.17 -13.53 17.50
N ASP A 821 -47.97 -13.56 18.07
CA ASP A 821 -47.77 -12.99 19.42
C ASP A 821 -47.96 -11.47 19.43
N SER A 822 -47.87 -10.85 18.26
CA SER A 822 -48.08 -9.40 18.11
C SER A 822 -48.85 -9.11 16.84
N ALA A 823 -49.56 -7.99 16.82
CA ALA A 823 -50.42 -7.61 15.69
C ALA A 823 -49.73 -6.66 14.71
N TYR A 824 -48.43 -6.45 14.88
CA TYR A 824 -47.69 -5.46 14.12
C TYR A 824 -46.61 -6.08 13.23
N PHE A 825 -46.46 -5.51 12.03
CA PHE A 825 -45.56 -6.04 11.01
C PHE A 825 -44.77 -4.92 10.37
N VAL A 826 -43.56 -5.23 9.91
CA VAL A 826 -42.85 -4.35 8.97
C VAL A 826 -42.70 -5.08 7.62
N TYR A 827 -42.61 -4.32 6.54
CA TYR A 827 -42.51 -4.90 5.19
C TYR A 827 -41.56 -4.08 4.32
N PHE A 828 -40.89 -4.73 3.37
CA PHE A 828 -40.10 -3.98 2.38
C PHE A 828 -40.99 -3.52 1.20
N GLN A 829 -41.66 -4.43 0.52
CA GLN A 829 -42.48 -4.04 -0.63
C GLN A 829 -43.97 -4.39 -0.48
N ARG A 830 -44.80 -3.38 -0.71
CA ARG A 830 -46.23 -3.54 -0.89
C ARG A 830 -46.54 -3.40 -2.39
N GLN A 831 -47.43 -4.25 -2.92
CA GLN A 831 -47.71 -4.30 -4.35
C GLN A 831 -49.15 -4.67 -4.69
N LYS A 832 -49.80 -3.82 -5.48
CA LYS A 832 -51.17 -4.09 -5.85
C LYS A 832 -51.23 -5.04 -7.04
N SER A 833 -51.99 -6.11 -6.92
CA SER A 833 -52.38 -6.93 -8.04
C SER A 833 -53.85 -7.22 -7.85
N THR A 834 -54.19 -8.47 -7.60
CA THR A 834 -55.58 -8.81 -7.31
C THR A 834 -56.04 -8.07 -6.06
N ASP A 835 -55.09 -7.81 -5.16
CA ASP A 835 -55.33 -7.03 -3.95
C ASP A 835 -54.04 -6.28 -3.61
N LEU A 836 -54.10 -5.37 -2.63
CA LEU A 836 -52.89 -4.67 -2.18
C LEU A 836 -52.13 -5.56 -1.21
N PHE A 837 -51.00 -6.11 -1.65
CA PHE A 837 -50.28 -7.12 -0.87
C PHE A 837 -48.97 -6.65 -0.24
N LEU A 838 -48.70 -7.13 0.96
CA LEU A 838 -47.36 -7.05 1.52
C LEU A 838 -46.59 -8.26 0.98
N LEU A 839 -45.58 -8.00 0.17
CA LEU A 839 -44.87 -9.09 -0.50
C LEU A 839 -44.03 -9.87 0.49
N ASP A 840 -43.62 -9.17 1.54
CA ASP A 840 -42.70 -9.71 2.54
C ASP A 840 -43.05 -9.09 3.89
N SER A 841 -42.73 -9.75 5.01
CA SER A 841 -43.03 -9.18 6.33
C SER A 841 -42.37 -9.85 7.56
N THR A 842 -42.19 -9.05 8.61
CA THR A 842 -41.68 -9.55 9.87
C THR A 842 -42.57 -9.02 10.97
N MET A 843 -43.06 -9.92 11.83
CA MET A 843 -43.85 -9.54 13.00
C MET A 843 -42.95 -8.79 14.00
N VAL A 844 -43.35 -7.59 14.40
CA VAL A 844 -42.50 -6.82 15.32
C VAL A 844 -43.30 -6.43 16.57
N PHE A 845 -42.58 -6.07 17.63
CA PHE A 845 -43.20 -5.70 18.90
C PHE A 845 -43.17 -4.20 19.10
N PRO A 846 -44.27 -3.63 19.62
CA PRO A 846 -44.46 -2.20 19.87
C PRO A 846 -43.23 -1.51 20.47
N MET A 847 -42.60 -2.12 21.47
CA MET A 847 -41.48 -1.47 22.14
C MET A 847 -40.30 -1.35 21.17
N ALA A 848 -40.22 -2.22 20.17
CA ALA A 848 -39.09 -2.18 19.24
C ALA A 848 -39.29 -1.03 18.28
N LEU A 849 -40.50 -0.89 17.79
CA LEU A 849 -40.88 0.24 16.98
C LEU A 849 -40.65 1.58 17.65
N ILE A 850 -41.02 1.67 18.92
CA ILE A 850 -40.93 2.91 19.69
C ILE A 850 -39.47 3.34 19.92
N ILE A 851 -38.58 2.38 20.12
CA ILE A 851 -37.20 2.71 20.48
C ILE A 851 -36.41 3.18 19.28
N PHE A 852 -36.64 2.54 18.14
CA PHE A 852 -35.85 2.74 16.95
C PHE A 852 -36.54 3.70 15.97
N GLY A 853 -37.81 3.98 16.21
CA GLY A 853 -38.58 4.81 15.28
C GLY A 853 -38.48 6.29 15.53
N ASP A 854 -39.57 6.98 15.25
CA ASP A 854 -39.73 8.42 15.49
C ASP A 854 -41.21 8.70 15.72
N GLY A 855 -41.56 9.96 15.92
CA GLY A 855 -42.96 10.31 16.17
C GLY A 855 -43.37 9.77 17.53
N VAL A 856 -42.41 9.73 18.44
CA VAL A 856 -42.60 9.21 19.79
C VAL A 856 -42.95 10.33 20.76
N GLU A 857 -44.10 10.18 21.40
CA GLU A 857 -44.64 11.19 22.30
C GLU A 857 -45.20 10.54 23.57
N ALA A 858 -45.02 11.19 24.71
CA ALA A 858 -45.65 10.71 25.94
C ALA A 858 -46.78 11.65 26.34
N GLY A 859 -48.00 11.12 26.44
CA GLY A 859 -49.13 11.95 26.85
C GLY A 859 -50.16 11.27 27.75
N VAL A 860 -51.35 11.87 27.79
CA VAL A 860 -52.55 11.30 28.42
C VAL A 860 -53.77 11.74 27.62
N THR A 861 -54.49 10.81 26.98
CA THR A 861 -55.63 11.26 26.17
C THR A 861 -57.00 10.92 26.77
N GLN A 862 -57.24 9.68 27.18
CA GLN A 862 -58.44 9.45 27.94
C GLN A 862 -58.10 9.99 29.34
N ASN A 863 -57.51 9.15 30.18
CA ASN A 863 -57.01 9.48 31.50
C ASN A 863 -55.99 8.37 31.72
N THR A 864 -55.78 7.65 30.62
CA THR A 864 -54.66 6.76 30.40
C THR A 864 -53.38 7.46 29.95
N PRO A 865 -52.26 7.12 30.60
CA PRO A 865 -50.92 7.51 30.13
C PRO A 865 -50.47 6.67 28.91
N TYR A 866 -50.16 7.34 27.80
CA TYR A 866 -49.74 6.61 26.62
C TYR A 866 -48.32 6.90 26.17
N LEU A 867 -47.87 6.09 25.23
CA LEU A 867 -46.59 6.24 24.55
C LEU A 867 -46.82 5.80 23.11
N CYS A 868 -46.48 6.68 22.16
CA CYS A 868 -46.82 6.44 20.76
C CYS A 868 -45.63 6.33 19.83
N VAL A 869 -45.90 6.05 18.57
CA VAL A 869 -44.85 6.00 17.56
C VAL A 869 -45.43 6.54 16.26
N ALA A 870 -44.64 7.35 15.55
CA ALA A 870 -45.03 7.90 14.26
C ALA A 870 -46.33 8.71 14.35
N LYS A 871 -46.69 9.09 15.58
CA LYS A 871 -47.96 9.75 15.86
C LYS A 871 -49.12 9.01 15.21
N THR A 872 -48.99 7.69 15.14
CA THR A 872 -49.97 6.87 14.46
C THR A 872 -50.51 5.75 15.36
N TYR A 873 -49.62 5.16 16.16
CA TYR A 873 -49.98 4.07 17.03
C TYR A 873 -49.79 4.45 18.49
N TYR A 874 -50.85 4.34 19.28
CA TYR A 874 -50.81 4.75 20.66
C TYR A 874 -51.00 3.57 21.63
N PHE A 875 -50.01 3.37 22.48
CA PHE A 875 -50.00 2.27 23.42
C PHE A 875 -50.10 2.76 24.86
N LYS A 876 -50.83 2.00 25.68
CA LYS A 876 -50.86 2.25 27.11
C LYS A 876 -49.47 2.10 27.66
N CYS A 877 -49.05 3.08 28.45
CA CYS A 877 -47.72 3.05 29.02
C CYS A 877 -47.70 3.88 30.29
N ASN A 878 -47.34 3.29 31.43
CA ASN A 878 -47.23 4.08 32.64
C ASN A 878 -46.13 5.12 32.35
N ARG A 879 -46.00 6.14 33.18
CA ARG A 879 -45.11 7.21 32.78
C ARG A 879 -43.69 7.01 33.30
N GLU A 880 -43.49 6.06 34.20
CA GLU A 880 -42.11 5.72 34.60
C GLU A 880 -41.34 5.03 33.48
N THR A 881 -42.07 4.44 32.55
CA THR A 881 -41.49 3.74 31.42
C THR A 881 -41.31 4.75 30.28
N ALA A 882 -42.38 5.49 29.98
CA ALA A 882 -42.33 6.57 29.01
C ALA A 882 -41.12 7.46 29.23
N ASP A 883 -40.71 7.66 30.48
CA ASP A 883 -39.58 8.53 30.74
C ASP A 883 -38.24 7.83 30.55
N VAL A 884 -38.14 6.57 30.96
CA VAL A 884 -36.91 5.83 30.69
C VAL A 884 -36.74 5.60 29.18
N VAL A 885 -37.85 5.36 28.48
CA VAL A 885 -37.81 5.07 27.05
C VAL A 885 -37.34 6.31 26.28
N ILE A 886 -37.95 7.44 26.57
CA ILE A 886 -37.61 8.71 25.94
C ILE A 886 -36.15 9.08 26.21
N GLN A 887 -35.66 8.82 27.42
CA GLN A 887 -34.25 9.06 27.71
C GLN A 887 -33.38 8.07 26.92
N LEU A 888 -33.86 6.84 26.79
CA LEU A 888 -33.13 5.81 26.08
C LEU A 888 -32.97 6.25 24.63
N ARG A 889 -34.00 6.83 24.06
CA ARG A 889 -33.97 7.29 22.67
C ARG A 889 -32.95 8.41 22.49
N SER A 890 -32.94 9.32 23.48
CA SER A 890 -32.07 10.48 23.47
C SER A 890 -30.62 10.04 23.52
N ASN A 891 -30.36 8.98 24.28
CA ASN A 891 -29.04 8.39 24.30
C ASN A 891 -28.72 7.58 23.04
N LEU A 892 -29.71 6.84 22.55
CA LEU A 892 -29.53 6.06 21.34
C LEU A 892 -29.15 6.96 20.19
N GLU A 893 -29.85 8.09 20.06
CA GLU A 893 -29.53 9.05 19.03
C GLU A 893 -28.10 9.59 19.13
N LYS A 894 -27.69 10.00 20.33
CA LYS A 894 -26.35 10.55 20.54
C LYS A 894 -25.28 9.54 20.17
N LEU A 895 -25.48 8.30 20.59
CA LEU A 895 -24.53 7.24 20.31
C LEU A 895 -24.38 7.00 18.80
N LEU A 896 -25.51 6.95 18.09
CA LEU A 896 -25.48 6.66 16.65
C LEU A 896 -24.78 7.77 15.87
N LEU A 897 -25.09 9.02 16.20
CA LEU A 897 -24.35 10.16 15.65
C LEU A 897 -22.86 9.95 15.78
N LYS A 898 -22.42 9.53 16.96
CA LYS A 898 -21.00 9.45 17.23
C LYS A 898 -20.35 8.22 16.56
N LYS A 899 -21.11 7.17 16.31
CA LYS A 899 -20.53 6.02 15.61
C LYS A 899 -20.43 6.33 14.13
N ALA A 900 -21.35 7.13 13.62
CA ALA A 900 -21.25 7.48 12.22
C ALA A 900 -20.06 8.39 12.01
N LEU A 901 -19.88 9.36 12.90
CA LEU A 901 -18.85 10.36 12.65
C LEU A 901 -17.45 9.85 13.02
N TYR A 902 -17.37 9.01 14.05
CA TYR A 902 -16.09 8.40 14.41
C TYR A 902 -16.25 6.88 14.53
N PRO A 903 -16.31 6.19 13.39
CA PRO A 903 -16.52 4.75 13.34
C PRO A 903 -15.46 3.95 14.11
N ALA A 904 -15.92 3.08 14.99
CA ALA A 904 -15.07 2.14 15.73
C ALA A 904 -15.97 1.03 16.24
N PRO A 905 -15.46 -0.21 16.30
CA PRO A 905 -16.35 -1.24 16.82
C PRO A 905 -16.72 -0.92 18.28
N ILE A 906 -17.94 -1.29 18.70
CA ILE A 906 -18.37 -1.03 20.06
C ILE A 906 -17.62 -1.95 21.02
N GLU A 907 -16.72 -1.39 21.83
CA GLU A 907 -15.95 -2.19 22.79
C GLU A 907 -16.85 -3.03 23.68
N GLU A 908 -16.54 -4.33 23.81
CA GLU A 908 -17.39 -5.23 24.60
C GLU A 908 -17.49 -4.91 26.10
N ASN A 909 -16.47 -4.30 26.68
CA ASN A 909 -16.67 -3.88 28.04
C ASN A 909 -16.22 -2.43 28.12
N GLY A 910 -17.00 -1.61 27.43
CA GLY A 910 -16.91 -0.15 27.44
C GLY A 910 -18.21 0.54 27.81
N TYR A 911 -18.25 1.86 27.72
CA TYR A 911 -19.44 2.60 28.17
C TYR A 911 -20.62 2.50 27.19
N GLU A 912 -20.29 2.37 25.91
CA GLU A 912 -21.31 2.29 24.87
C GLU A 912 -22.09 0.99 24.98
N LYS A 913 -21.38 -0.11 25.25
CA LYS A 913 -22.02 -1.41 25.38
C LYS A 913 -23.09 -1.39 26.46
N GLN A 914 -22.84 -0.60 27.50
CA GLN A 914 -23.80 -0.47 28.58
C GLN A 914 -25.14 -0.01 28.00
N LEU A 915 -25.12 0.94 27.08
CA LEU A 915 -26.37 1.43 26.50
C LEU A 915 -26.98 0.36 25.60
N ILE A 916 -26.12 -0.37 24.89
CA ILE A 916 -26.60 -1.49 24.08
C ILE A 916 -27.33 -2.50 24.97
N LYS A 917 -26.67 -2.87 26.07
CA LYS A 917 -27.23 -3.82 27.03
C LYS A 917 -28.54 -3.32 27.62
N ALA A 918 -28.63 -2.01 27.83
CA ALA A 918 -29.87 -1.36 28.27
C ALA A 918 -31.02 -1.65 27.33
N ILE A 919 -30.78 -1.47 26.03
CA ILE A 919 -31.79 -1.70 25.00
C ILE A 919 -32.15 -3.17 24.83
N GLU A 920 -31.13 -4.04 24.81
CA GLU A 920 -31.35 -5.48 24.76
C GLU A 920 -32.30 -5.97 25.86
N LEU A 921 -32.18 -5.36 27.04
CA LEU A 921 -32.92 -5.82 28.21
C LEU A 921 -34.40 -5.51 28.04
N LEU A 922 -34.71 -4.27 27.68
CA LEU A 922 -36.10 -3.90 27.39
C LEU A 922 -36.74 -4.78 26.33
N LEU A 923 -35.99 -5.10 25.26
CA LEU A 923 -36.56 -5.85 24.12
C LEU A 923 -36.76 -7.31 24.47
N SER A 924 -35.92 -7.85 25.35
CA SER A 924 -36.04 -9.23 25.82
C SER A 924 -37.37 -9.49 26.54
N LEU A 925 -38.02 -8.44 27.05
CA LEU A 925 -39.35 -8.60 27.64
C LEU A 925 -40.39 -9.30 26.73
N ASP A 926 -40.19 -9.24 25.41
CA ASP A 926 -41.18 -9.77 24.48
C ASP A 926 -40.73 -11.12 23.92
N GLU A 927 -39.90 -11.84 24.67
CA GLU A 927 -39.50 -13.18 24.25
C GLU A 927 -40.65 -14.17 24.28
N ARG A 928 -40.69 -15.03 23.26
CA ARG A 928 -41.76 -16.00 23.12
C ARG A 928 -41.49 -17.12 24.09
N LEU A 929 -42.53 -17.44 24.87
CA LEU A 929 -42.36 -18.16 26.13
C LEU A 929 -42.27 -19.68 25.98
N ILE B 52 46.39 -25.69 33.49
CA ILE B 52 45.22 -24.83 33.57
C ILE B 52 44.98 -24.35 35.00
N ARG B 53 44.49 -23.12 35.12
CA ARG B 53 44.29 -22.44 36.41
C ARG B 53 42.81 -22.07 36.53
N LEU B 54 42.15 -22.40 37.64
CA LEU B 54 40.72 -22.15 37.73
C LEU B 54 40.33 -20.77 38.25
N GLY B 55 39.33 -20.18 37.61
CA GLY B 55 38.80 -18.91 38.06
C GLY B 55 37.73 -19.18 39.06
N CYS B 56 37.07 -18.12 39.52
CA CYS B 56 36.11 -18.16 40.61
C CYS B 56 34.99 -19.17 40.40
N ASN B 57 34.29 -19.48 41.49
CA ASN B 57 33.16 -20.39 41.51
C ASN B 57 31.90 -19.78 40.91
N VAL B 58 31.27 -20.45 39.95
CA VAL B 58 30.03 -19.91 39.38
C VAL B 58 28.82 -20.78 39.73
N SER B 59 28.98 -21.67 40.70
CA SER B 59 27.87 -22.54 41.10
C SER B 59 26.71 -21.72 41.64
N ALA B 60 25.51 -22.26 41.51
CA ALA B 60 24.31 -21.54 41.91
C ALA B 60 23.55 -22.27 43.04
N PRO B 61 22.82 -21.51 43.86
CA PRO B 61 21.96 -22.06 44.92
C PRO B 61 20.94 -23.07 44.41
N SER B 62 20.78 -24.15 45.17
CA SER B 62 19.79 -25.19 44.94
C SER B 62 18.39 -24.70 44.58
N GLY B 63 17.88 -23.78 45.39
CA GLY B 63 16.52 -23.31 45.23
C GLY B 63 16.38 -22.44 44.01
N VAL B 64 17.52 -21.95 43.53
CA VAL B 64 17.58 -21.18 42.30
C VAL B 64 17.63 -22.15 41.13
N LEU B 65 18.53 -23.14 41.21
CA LEU B 65 18.62 -24.15 40.16
C LEU B 65 17.28 -24.79 39.85
N GLU B 66 16.56 -25.18 40.90
CA GLU B 66 15.31 -25.89 40.71
C GLU B 66 14.24 -24.99 40.09
N ARG B 67 14.24 -23.69 40.41
CA ARG B 67 13.26 -22.79 39.80
C ARG B 67 13.60 -22.61 38.33
N VAL B 68 14.89 -22.57 38.03
CA VAL B 68 15.33 -22.52 36.66
C VAL B 68 14.93 -23.78 35.91
N LYS B 69 14.89 -24.92 36.61
CA LYS B 69 14.48 -26.17 35.95
C LYS B 69 12.99 -26.20 35.74
N GLU B 70 12.25 -25.52 36.60
CA GLU B 70 10.79 -25.45 36.43
C GLU B 70 10.46 -24.56 35.25
N LEU B 71 11.25 -23.50 35.11
CA LEU B 71 11.07 -22.55 34.03
C LEU B 71 11.44 -23.18 32.70
N MET B 72 12.58 -23.86 32.65
CA MET B 72 12.97 -24.59 31.45
C MET B 72 11.89 -25.60 31.06
N GLU B 73 11.29 -26.26 32.04
CA GLU B 73 10.29 -27.29 31.77
C GLU B 73 8.99 -26.70 31.27
N ASP B 74 8.61 -25.53 31.78
CA ASP B 74 7.53 -24.74 31.19
C ASP B 74 7.76 -24.41 29.70
N TYR B 75 9.01 -24.17 29.29
CA TYR B 75 9.32 -23.86 27.89
C TYR B 75 9.25 -25.09 27.00
N SER B 76 9.54 -26.25 27.56
CA SER B 76 9.60 -27.49 26.78
C SER B 76 8.26 -28.15 26.49
N ARG B 77 7.16 -27.56 26.94
CA ARG B 77 5.88 -28.27 26.90
C ARG B 77 4.89 -27.82 25.80
N ALA B 78 5.07 -26.63 25.24
CA ALA B 78 4.16 -26.07 24.23
C ALA B 78 4.11 -26.92 22.93
N PRO B 79 2.96 -26.89 22.22
CA PRO B 79 2.90 -27.40 20.82
C PRO B 79 4.03 -26.87 19.94
N ASP B 90 3.47 -16.00 11.80
CA ASP B 90 3.79 -16.97 10.75
C ASP B 90 4.46 -16.33 9.52
N ALA B 91 5.50 -16.98 9.02
CA ALA B 91 6.50 -16.28 8.24
C ALA B 91 6.41 -16.30 6.70
N LYS B 92 6.05 -15.14 6.19
CA LYS B 92 6.43 -14.81 4.85
C LYS B 92 7.94 -14.69 4.85
N PHE B 93 8.52 -14.27 5.99
CA PHE B 93 9.97 -14.15 6.08
C PHE B 93 10.69 -15.45 5.74
N GLN B 94 10.22 -16.58 6.27
CA GLN B 94 10.91 -17.82 6.01
C GLN B 94 10.93 -18.09 4.50
N GLN B 95 9.83 -17.75 3.84
CA GLN B 95 9.72 -18.02 2.43
C GLN B 95 10.54 -17.02 1.62
N GLN B 96 10.69 -15.80 2.14
CA GLN B 96 11.63 -14.89 1.50
C GLN B 96 13.02 -15.47 1.64
N PHE B 97 13.30 -16.07 2.78
CA PHE B 97 14.62 -16.59 3.04
C PHE B 97 14.96 -17.72 2.08
N ARG B 98 14.14 -18.77 2.08
CA ARG B 98 14.43 -19.91 1.22
C ARG B 98 14.34 -19.57 -0.27
N HIS B 99 13.58 -18.53 -0.62
CA HIS B 99 13.55 -18.08 -2.02
C HIS B 99 14.90 -17.50 -2.47
N LEU B 100 15.53 -16.70 -1.61
CA LEU B 100 16.84 -16.12 -1.91
C LEU B 100 17.88 -17.18 -2.17
N LEU B 101 17.83 -18.25 -1.37
CA LEU B 101 18.83 -19.30 -1.47
C LEU B 101 18.54 -20.21 -2.66
N SER B 102 17.29 -20.27 -3.08
CA SER B 102 16.90 -21.29 -4.05
C SER B 102 16.99 -20.81 -5.50
N VAL B 103 17.23 -19.51 -5.73
CA VAL B 103 17.38 -19.03 -7.10
C VAL B 103 18.84 -18.90 -7.51
N ASN B 104 19.12 -19.13 -8.78
CA ASN B 104 20.43 -18.88 -9.34
C ASN B 104 20.52 -17.40 -9.73
N PHE B 105 21.67 -16.98 -10.24
CA PHE B 105 21.88 -15.56 -10.57
C PHE B 105 21.04 -15.09 -11.75
N GLU B 106 20.88 -15.91 -12.77
CA GLU B 106 20.13 -15.45 -13.92
C GLU B 106 18.63 -15.28 -13.56
N GLU B 107 18.07 -16.19 -12.75
CA GLU B 107 16.71 -15.99 -12.27
C GLU B 107 16.58 -14.73 -11.40
N PHE B 108 17.51 -14.56 -10.44
CA PHE B 108 17.63 -13.34 -9.63
C PHE B 108 17.61 -12.04 -10.47
N VAL B 109 18.49 -11.96 -11.47
CA VAL B 109 18.48 -10.85 -12.43
C VAL B 109 17.17 -10.77 -13.15
N ALA B 110 16.68 -11.96 -13.52
CA ALA B 110 15.40 -12.04 -14.19
C ALA B 110 14.38 -11.33 -13.29
N GLU B 111 14.17 -11.81 -12.06
CA GLU B 111 13.09 -11.29 -11.20
C GLU B 111 13.21 -9.85 -10.65
N THR B 112 14.41 -9.32 -10.46
CA THR B 112 14.52 -7.92 -9.98
C THR B 112 14.13 -6.94 -11.09
N LYS B 113 14.21 -7.39 -12.35
CA LYS B 113 13.79 -6.56 -13.47
C LYS B 113 12.26 -6.34 -13.54
N GLU B 114 11.43 -7.39 -13.52
CA GLU B 114 9.95 -7.23 -13.34
C GLU B 114 9.61 -6.25 -12.22
N ARG B 115 10.22 -6.49 -11.06
CA ARG B 115 9.81 -5.82 -9.83
C ARG B 115 10.30 -4.34 -9.79
N ASN B 116 11.17 -3.97 -10.72
CA ASN B 116 11.71 -2.61 -10.80
C ASN B 116 11.64 -2.07 -12.23
N ALA B 117 10.47 -1.61 -12.66
CA ALA B 117 10.37 -1.14 -14.03
C ALA B 117 9.62 0.16 -14.17
N ASP B 118 9.57 0.96 -13.12
CA ASP B 118 8.89 2.23 -13.25
C ASP B 118 9.42 3.12 -14.39
N LEU B 119 10.73 3.05 -14.69
CA LEU B 119 11.31 3.97 -15.70
C LEU B 119 11.00 3.52 -17.14
N ASP B 120 10.41 2.34 -17.28
CA ASP B 120 9.86 1.95 -18.56
C ASP B 120 8.66 2.81 -18.87
N TRP B 121 8.12 3.48 -17.87
CA TRP B 121 6.94 4.31 -18.09
C TRP B 121 7.29 5.78 -18.09
N VAL B 122 7.00 6.43 -19.21
CA VAL B 122 7.19 7.87 -19.35
C VAL B 122 5.83 8.60 -19.39
N ASN B 123 5.83 9.90 -19.07
CA ASN B 123 4.62 10.74 -19.06
C ASN B 123 4.73 11.84 -20.11
N PRO B 124 4.21 11.58 -21.33
CA PRO B 124 4.47 12.46 -22.49
C PRO B 124 3.94 13.87 -22.29
N LYS B 125 2.86 14.03 -21.55
CA LYS B 125 2.35 15.38 -21.34
C LYS B 125 3.24 16.16 -20.37
N LEU B 126 3.98 15.43 -19.52
CA LEU B 126 4.98 16.06 -18.65
C LEU B 126 6.29 16.36 -19.41
N ASP B 127 6.76 15.39 -20.22
CA ASP B 127 7.90 15.64 -21.11
C ASP B 127 7.75 16.98 -21.85
N GLU B 128 6.55 17.19 -22.39
CA GLU B 128 6.32 18.33 -23.23
C GLU B 128 6.18 19.61 -22.43
N ARG B 129 5.57 19.55 -21.25
CA ARG B 129 5.38 20.80 -20.51
C ARG B 129 6.72 21.25 -19.93
N LEU B 130 7.50 20.33 -19.37
CA LEU B 130 8.81 20.71 -18.84
C LEU B 130 9.67 21.31 -19.96
N GLN B 131 9.79 20.59 -21.06
CA GLN B 131 10.52 21.05 -22.24
C GLN B 131 10.11 22.44 -22.72
N LEU B 132 8.82 22.74 -22.66
CA LEU B 132 8.36 24.08 -22.97
C LEU B 132 8.87 25.07 -21.94
N GLU B 133 8.76 24.73 -20.65
CA GLU B 133 9.11 25.72 -19.66
C GLU B 133 10.64 25.84 -19.54
N LEU B 134 11.44 24.89 -20.01
CA LEU B 134 12.88 25.12 -19.91
C LEU B 134 13.31 26.11 -20.99
N GLY B 135 12.82 25.93 -22.22
CA GLY B 135 13.08 26.88 -23.28
C GLY B 135 12.63 28.28 -22.90
N GLN B 136 11.55 28.34 -22.13
CA GLN B 136 10.93 29.59 -21.72
C GLN B 136 11.54 30.27 -20.47
N ARG B 137 12.01 29.49 -19.49
CA ARG B 137 12.63 30.07 -18.30
C ARG B 137 14.03 30.61 -18.62
N GLN B 138 14.62 30.14 -19.72
CA GLN B 138 15.95 30.61 -20.15
C GLN B 138 15.83 31.91 -20.94
N LEU B 139 14.65 32.53 -20.85
CA LEU B 139 14.39 33.83 -21.44
C LEU B 139 13.85 34.70 -20.32
N GLU B 140 13.34 34.04 -19.27
CA GLU B 140 12.91 34.73 -18.06
C GLU B 140 14.19 35.33 -17.52
N GLU B 141 14.13 36.25 -16.56
CA GLU B 141 15.43 36.62 -16.01
C GLU B 141 15.71 37.00 -14.55
N ASN B 142 15.92 35.95 -13.76
CA ASN B 142 17.25 35.75 -13.20
C ASN B 142 17.63 34.30 -13.51
N ALA B 143 17.87 34.07 -14.79
CA ALA B 143 18.30 32.80 -15.34
C ALA B 143 19.73 32.96 -15.83
N LYS B 144 19.87 33.55 -17.01
CA LYS B 144 21.19 33.78 -17.61
C LYS B 144 22.17 34.68 -16.81
N LYS B 145 21.88 35.10 -15.57
CA LYS B 145 23.03 35.46 -14.72
C LYS B 145 23.82 34.18 -14.45
N ARG B 146 23.20 33.21 -13.75
CA ARG B 146 23.90 31.99 -13.39
C ARG B 146 24.18 31.22 -14.69
N LEU B 147 23.43 31.44 -15.77
CA LEU B 147 23.85 30.81 -17.03
C LEU B 147 25.12 31.48 -17.54
N GLU B 148 25.19 32.80 -17.50
CA GLU B 148 26.45 33.44 -17.86
C GLU B 148 27.51 33.06 -16.83
N ALA B 149 27.15 33.10 -15.55
CA ALA B 149 28.04 32.66 -14.47
C ALA B 149 28.43 31.19 -14.62
N ARG B 150 27.47 30.32 -14.92
CA ARG B 150 27.78 28.89 -15.06
C ARG B 150 28.75 28.59 -16.19
N LYS B 151 28.74 29.31 -17.31
CA LYS B 151 29.67 28.95 -18.41
C LYS B 151 31.06 29.56 -18.21
N LYS B 152 31.21 30.35 -17.13
CA LYS B 152 32.55 30.81 -16.72
C LYS B 152 33.12 29.82 -15.71
N LEU B 153 32.51 28.64 -15.64
CA LEU B 153 33.13 27.48 -15.01
C LEU B 153 33.64 26.57 -16.10
N PRO B 154 34.86 26.09 -15.95
CA PRO B 154 35.54 25.26 -16.95
C PRO B 154 34.73 24.08 -17.51
N THR B 155 33.91 23.44 -16.68
CA THR B 155 33.16 22.24 -17.08
C THR B 155 32.17 22.53 -18.20
N MET B 156 31.65 23.75 -18.22
CA MET B 156 30.67 24.11 -19.22
C MET B 156 31.27 24.19 -20.63
N LYS B 157 32.58 24.40 -20.74
CA LYS B 157 33.25 24.33 -22.03
C LYS B 157 33.13 22.94 -22.62
N TYR B 158 32.91 21.95 -21.77
CA TYR B 158 32.90 20.56 -22.24
C TYR B 158 31.48 20.02 -22.33
N ALA B 159 30.50 20.88 -22.06
CA ALA B 159 29.10 20.48 -21.94
C ALA B 159 28.68 19.58 -23.09
N ASP B 160 28.72 20.13 -24.32
CA ASP B 160 28.38 19.37 -25.51
C ASP B 160 29.18 18.07 -25.64
N ASP B 161 30.48 18.14 -25.36
CA ASP B 161 31.34 16.98 -25.56
C ASP B 161 31.01 15.87 -24.56
N ILE B 162 30.65 16.25 -23.33
CA ILE B 162 30.24 15.26 -22.33
C ILE B 162 28.94 14.55 -22.79
N ILE B 163 27.93 15.35 -23.12
CA ILE B 163 26.66 14.84 -23.64
C ILE B 163 26.87 13.81 -24.76
N GLN B 164 27.85 14.09 -25.61
CA GLN B 164 28.16 13.25 -26.77
C GLN B 164 28.80 11.95 -26.30
N ALA B 165 29.75 12.11 -25.37
CA ALA B 165 30.51 10.99 -24.81
C ALA B 165 29.60 10.07 -24.05
N VAL B 166 28.65 10.66 -23.33
CA VAL B 166 27.67 9.85 -22.59
C VAL B 166 26.80 9.11 -23.60
N ARG B 167 26.32 9.84 -24.61
CA ARG B 167 25.46 9.28 -25.66
C ARG B 167 26.14 8.07 -26.31
N GLU B 168 27.45 8.15 -26.44
CA GLU B 168 28.17 7.11 -27.16
C GLU B 168 28.77 6.00 -26.31
N ASN B 169 28.86 6.20 -24.98
CA ASN B 169 29.48 5.20 -24.10
C ASN B 169 28.67 4.87 -22.83
N GLN B 170 28.72 3.63 -22.39
CA GLN B 170 28.12 3.27 -21.13
C GLN B 170 28.84 3.95 -19.94
N VAL B 171 30.17 4.00 -19.98
CA VAL B 171 30.96 4.59 -18.90
C VAL B 171 31.95 5.65 -19.41
N ILE B 172 31.81 6.89 -18.96
CA ILE B 172 32.89 7.87 -19.11
C ILE B 172 33.49 8.30 -17.75
N LEU B 173 34.67 8.92 -17.83
CA LEU B 173 35.40 9.41 -16.67
C LEU B 173 35.69 10.89 -16.80
N ILE B 174 35.26 11.68 -15.83
CA ILE B 174 35.59 13.09 -15.83
C ILE B 174 36.59 13.35 -14.69
N VAL B 175 37.76 13.88 -15.07
CA VAL B 175 38.83 14.20 -14.13
C VAL B 175 38.93 15.71 -14.04
N GLY B 176 38.80 16.24 -12.84
CA GLY B 176 38.79 17.68 -12.67
C GLY B 176 39.49 17.96 -11.37
N SER B 177 39.58 19.23 -10.98
CA SER B 177 40.05 19.55 -9.65
C SER B 177 39.40 20.82 -9.23
N THR B 178 39.81 21.35 -8.10
CA THR B 178 39.00 22.33 -7.38
C THR B 178 38.66 23.55 -8.22
N GLY B 179 37.35 23.78 -8.37
CA GLY B 179 36.82 24.92 -9.07
C GLY B 179 36.25 24.56 -10.43
N CYS B 180 36.55 23.36 -10.93
CA CYS B 180 36.19 23.00 -12.28
C CYS B 180 34.68 22.95 -12.44
N GLY B 181 33.99 22.70 -11.33
CA GLY B 181 32.55 22.75 -11.34
C GLY B 181 31.90 21.46 -11.79
N LYS B 182 32.66 20.36 -11.90
CA LYS B 182 32.08 19.10 -12.40
C LYS B 182 30.92 18.60 -11.51
N THR B 183 31.01 18.84 -10.21
CA THR B 183 30.03 18.27 -9.30
C THR B 183 28.67 18.97 -9.41
N THR B 184 28.70 20.26 -9.71
CA THR B 184 27.47 21.01 -9.82
C THR B 184 26.97 21.09 -11.27
N GLN B 185 27.87 21.06 -12.24
CA GLN B 185 27.40 21.32 -13.60
C GLN B 185 27.09 20.06 -14.38
N VAL B 186 27.83 18.99 -14.15
CA VAL B 186 27.60 17.84 -14.99
C VAL B 186 26.17 17.30 -14.87
N PRO B 187 25.63 17.16 -13.63
CA PRO B 187 24.25 16.67 -13.59
C PRO B 187 23.26 17.64 -14.22
N GLN B 188 23.47 18.94 -14.10
CA GLN B 188 22.61 19.90 -14.77
C GLN B 188 22.75 19.87 -16.29
N ILE B 189 23.91 19.46 -16.78
CA ILE B 189 24.08 19.37 -18.21
C ILE B 189 23.28 18.16 -18.75
N LEU B 190 23.32 17.05 -18.03
CA LEU B 190 22.63 15.84 -18.46
C LEU B 190 21.10 16.02 -18.36
N LEU B 191 20.67 16.64 -17.25
CA LEU B 191 19.26 16.87 -17.04
C LEU B 191 18.71 17.76 -18.16
N ASP B 192 19.12 19.02 -18.18
CA ASP B 192 18.65 19.98 -19.18
C ASP B 192 18.70 19.44 -20.62
N ASP B 193 19.72 18.65 -20.95
CA ASP B 193 19.77 17.98 -22.24
C ASP B 193 18.54 17.10 -22.46
N ALA B 194 18.14 16.37 -21.43
CA ALA B 194 17.01 15.45 -21.55
C ALA B 194 15.68 16.21 -21.59
N ILE B 195 15.55 17.27 -20.81
CA ILE B 195 14.34 18.08 -20.82
C ILE B 195 14.17 18.68 -22.23
N SER B 196 15.26 19.26 -22.75
CA SER B 196 15.27 19.92 -24.07
C SER B 196 14.88 19.00 -25.21
N ARG B 197 15.43 17.79 -25.23
CA ARG B 197 15.08 16.79 -26.25
C ARG B 197 13.69 16.15 -26.06
N GLY B 198 12.90 16.65 -25.11
CA GLY B 198 11.60 16.05 -24.77
C GLY B 198 11.66 14.66 -24.19
N CYS B 199 12.57 14.47 -23.24
CA CYS B 199 12.78 13.18 -22.58
C CYS B 199 12.79 13.31 -21.07
N ALA B 200 12.24 14.41 -20.58
CA ALA B 200 12.34 14.76 -19.17
C ALA B 200 12.06 13.60 -18.24
N SER B 201 10.98 12.86 -18.51
CA SER B 201 10.45 11.96 -17.50
C SER B 201 11.13 10.62 -17.52
N SER B 202 12.07 10.40 -18.43
CA SER B 202 12.84 9.15 -18.41
C SER B 202 14.14 9.37 -17.66
N CYS B 203 14.25 10.56 -17.07
CA CYS B 203 15.50 11.03 -16.53
C CYS B 203 15.54 11.19 -14.99
N ARG B 204 16.19 10.24 -14.34
CA ARG B 204 16.45 10.35 -12.90
C ARG B 204 17.95 10.22 -12.69
N ILE B 205 18.57 11.28 -12.16
CA ILE B 205 20.02 11.30 -12.00
C ILE B 205 20.44 11.16 -10.52
N ILE B 206 21.24 10.14 -10.21
CA ILE B 206 21.83 10.05 -8.86
C ILE B 206 23.34 10.39 -8.83
N CYS B 207 23.72 11.37 -8.00
CA CYS B 207 25.12 11.72 -7.77
C CYS B 207 25.58 11.43 -6.32
N THR B 208 26.46 10.45 -6.18
CA THR B 208 27.00 10.09 -4.88
C THR B 208 28.09 11.07 -4.45
N GLN B 209 28.19 11.25 -3.14
CA GLN B 209 29.22 12.02 -2.44
C GLN B 209 29.74 11.17 -1.25
N PRO B 210 30.98 11.41 -0.82
CA PRO B 210 31.52 10.63 0.30
C PRO B 210 31.00 11.12 1.66
N ARG B 211 30.62 12.38 1.72
CA ARG B 211 30.32 13.03 2.98
C ARG B 211 28.89 13.58 3.03
N ARG B 212 28.26 13.50 4.20
CA ARG B 212 26.88 13.91 4.37
C ARG B 212 26.76 15.40 4.08
N ILE B 213 27.72 16.16 4.60
CA ILE B 213 27.72 17.60 4.48
C ILE B 213 27.88 18.09 3.02
N SER B 214 28.69 17.40 2.23
CA SER B 214 28.83 17.73 0.81
C SER B 214 27.49 17.62 0.11
N ALA B 215 26.91 16.44 0.28
CA ALA B 215 25.63 16.09 -0.33
C ALA B 215 24.61 17.20 -0.15
N ILE B 216 24.50 17.71 1.07
CA ILE B 216 23.54 18.77 1.35
C ILE B 216 23.87 20.07 0.63
N ALA B 217 25.07 20.59 0.87
CA ALA B 217 25.46 21.89 0.37
C ALA B 217 25.50 21.93 -1.16
N ILE B 218 25.98 20.85 -1.79
CA ILE B 218 25.93 20.79 -3.22
C ILE B 218 24.47 20.91 -3.71
N ALA B 219 23.58 20.16 -3.07
CA ALA B 219 22.17 20.14 -3.47
C ALA B 219 21.55 21.54 -3.37
N GLU B 220 21.76 22.19 -2.23
CA GLU B 220 21.24 23.53 -2.04
C GLU B 220 21.74 24.50 -3.09
N TRP B 221 23.02 24.37 -3.44
CA TRP B 221 23.61 25.30 -4.38
C TRP B 221 23.09 25.08 -5.80
N VAL B 222 23.11 23.83 -6.25
CA VAL B 222 22.57 23.50 -7.57
C VAL B 222 21.11 23.89 -7.61
N SER B 223 20.41 23.70 -6.51
CA SER B 223 18.99 24.02 -6.52
C SER B 223 18.83 25.53 -6.67
N TYR B 224 19.56 26.27 -5.85
CA TYR B 224 19.66 27.71 -6.00
C TYR B 224 20.02 28.19 -7.44
N GLU B 225 20.90 27.47 -8.12
CA GLU B 225 21.30 27.86 -9.47
C GLU B 225 20.16 27.72 -10.47
N ARG B 226 19.09 27.03 -10.06
CA ARG B 226 17.94 26.85 -10.93
C ARG B 226 16.73 27.67 -10.49
N CYS B 227 16.92 28.52 -9.48
CA CYS B 227 15.84 29.30 -8.89
C CYS B 227 14.74 28.40 -8.39
N GLU B 228 15.11 27.32 -7.71
CA GLU B 228 14.10 26.45 -7.13
C GLU B 228 14.45 26.15 -5.69
N SER B 229 13.44 26.06 -4.85
CA SER B 229 13.62 25.49 -3.53
C SER B 229 14.02 24.03 -3.69
N LEU B 230 14.67 23.50 -2.66
CA LEU B 230 14.96 22.08 -2.57
C LEU B 230 13.67 21.29 -2.63
N GLY B 231 13.64 20.23 -3.41
CA GLY B 231 12.47 19.37 -3.48
C GLY B 231 11.94 19.24 -4.88
N ASN B 232 12.48 20.04 -5.80
CA ASN B 232 11.95 20.11 -7.14
C ASN B 232 12.79 19.28 -8.11
N SER B 233 13.58 19.95 -8.97
CA SER B 233 14.46 19.23 -9.88
C SER B 233 15.72 18.75 -9.15
N VAL B 234 15.94 19.26 -7.94
CA VAL B 234 17.08 18.85 -7.13
C VAL B 234 16.73 18.45 -5.70
N GLY B 235 17.30 17.35 -5.23
CA GLY B 235 17.21 17.02 -3.82
C GLY B 235 18.41 16.32 -3.23
N TYR B 236 18.35 16.00 -1.94
CA TYR B 236 19.39 15.16 -1.34
C TYR B 236 18.81 14.09 -0.42
N GLN B 237 19.60 13.03 -0.23
CA GLN B 237 19.25 11.98 0.68
C GLN B 237 20.52 11.50 1.40
N ILE B 238 20.47 11.47 2.73
CA ILE B 238 21.54 10.94 3.55
C ILE B 238 20.87 10.12 4.65
N ARG B 239 21.66 9.52 5.54
CA ARG B 239 21.07 8.69 6.59
C ARG B 239 20.10 9.50 7.40
N LEU B 240 18.83 9.11 7.37
CA LEU B 240 17.81 9.69 8.25
C LEU B 240 17.56 11.18 8.07
N GLU B 241 17.89 11.73 6.91
CA GLU B 241 17.54 13.10 6.60
C GLU B 241 17.42 13.26 5.09
N SER B 242 16.30 13.75 4.61
CA SER B 242 16.13 13.92 3.17
C SER B 242 15.41 15.21 2.79
N ARG B 243 15.67 15.65 1.57
CA ARG B 243 14.89 16.68 0.92
C ARG B 243 14.77 16.18 -0.51
N LYS B 244 13.91 15.19 -0.69
CA LYS B 244 13.80 14.45 -1.94
C LYS B 244 13.27 15.34 -3.05
N ALA B 245 13.78 15.12 -4.25
CA ALA B 245 13.31 15.83 -5.43
C ALA B 245 12.13 15.08 -6.03
N ARG B 246 11.37 15.74 -6.90
CA ARG B 246 10.33 15.07 -7.70
C ARG B 246 10.90 13.80 -8.32
N GLU B 247 10.05 12.81 -8.56
CA GLU B 247 10.53 11.48 -8.95
C GLU B 247 11.29 11.55 -10.27
N ARG B 248 10.70 12.21 -11.26
CA ARG B 248 11.28 12.29 -12.62
C ARG B 248 11.91 13.66 -12.96
N ALA B 249 12.74 13.66 -14.01
CA ALA B 249 13.47 14.86 -14.44
C ALA B 249 14.15 15.48 -13.25
N SER B 250 14.94 14.69 -12.55
CA SER B 250 15.51 15.15 -11.29
C SER B 250 16.95 14.67 -11.03
N ILE B 251 17.62 15.48 -10.24
CA ILE B 251 18.96 15.21 -9.77
C ILE B 251 18.91 15.01 -8.27
N THR B 252 19.45 13.90 -7.77
CA THR B 252 19.50 13.65 -6.34
C THR B 252 20.95 13.46 -5.86
N TYR B 253 21.36 14.20 -4.82
CA TYR B 253 22.71 14.03 -4.29
C TYR B 253 22.61 13.22 -3.00
N CYS B 254 23.35 12.12 -2.96
CA CYS B 254 23.26 11.25 -1.84
C CYS B 254 24.66 10.81 -1.42
N THR B 255 24.79 10.30 -0.21
CA THR B 255 26.05 9.69 0.18
C THR B 255 26.13 8.33 -0.46
N THR B 256 27.32 7.85 -0.70
CA THR B 256 27.51 6.58 -1.41
C THR B 256 26.84 5.41 -0.71
N GLY B 257 26.85 5.44 0.62
CA GLY B 257 26.28 4.38 1.42
C GLY B 257 24.76 4.24 1.30
N VAL B 258 24.09 5.36 1.03
CA VAL B 258 22.67 5.37 0.74
C VAL B 258 22.38 4.47 -0.46
N LEU B 259 23.01 4.77 -1.58
CA LEU B 259 22.88 3.98 -2.79
C LEU B 259 23.17 2.51 -2.57
N LEU B 260 24.23 2.23 -1.82
CA LEU B 260 24.61 0.84 -1.62
C LEU B 260 23.59 0.12 -0.76
N GLN B 261 22.83 0.86 0.03
CA GLN B 261 21.80 0.19 0.80
C GLN B 261 20.57 -0.01 -0.09
N GLN B 262 20.31 0.92 -1.00
CA GLN B 262 19.17 0.81 -1.91
C GLN B 262 19.38 -0.33 -2.91
N LEU B 263 20.64 -0.72 -3.11
CA LEU B 263 20.96 -1.84 -3.99
C LEU B 263 20.29 -3.11 -3.54
N GLN B 264 19.99 -3.24 -2.25
CA GLN B 264 19.38 -4.47 -1.75
C GLN B 264 18.00 -4.60 -2.37
N SER B 265 17.30 -3.48 -2.50
CA SER B 265 15.98 -3.47 -3.13
C SER B 265 16.02 -3.38 -4.65
N ASP B 266 17.08 -2.78 -5.18
CA ASP B 266 17.25 -2.62 -6.63
C ASP B 266 18.67 -3.00 -7.04
N PRO B 267 18.99 -4.31 -6.98
CA PRO B 267 20.38 -4.76 -7.10
C PRO B 267 21.01 -4.53 -8.47
N LEU B 268 20.21 -4.16 -9.46
CA LEU B 268 20.72 -3.92 -10.79
C LEU B 268 20.39 -2.52 -11.23
N MET B 269 20.10 -1.65 -10.26
CA MET B 269 19.94 -0.22 -10.54
C MET B 269 18.95 0.07 -11.68
N HIS B 270 17.80 -0.58 -11.69
CA HIS B 270 16.79 -0.22 -12.68
C HIS B 270 16.07 1.11 -12.39
N ASN B 271 16.26 1.69 -11.21
CA ASN B 271 15.45 2.85 -10.84
C ASN B 271 16.15 4.19 -10.99
N LEU B 272 17.15 4.23 -11.86
CA LEU B 272 17.87 5.46 -12.17
C LEU B 272 18.35 5.37 -13.63
N SER B 273 18.48 6.53 -14.31
CA SER B 273 19.00 6.54 -15.69
C SER B 273 20.49 6.92 -15.78
N VAL B 274 20.94 7.87 -14.97
CA VAL B 274 22.36 8.24 -14.92
C VAL B 274 22.95 8.15 -13.48
N LEU B 275 23.95 7.30 -13.30
CA LEU B 275 24.72 7.22 -12.06
C LEU B 275 26.03 8.03 -12.16
N ILE B 276 26.20 9.02 -11.30
CA ILE B 276 27.43 9.82 -11.30
C ILE B 276 28.21 9.54 -10.00
N LEU B 277 29.24 8.68 -10.05
CA LEU B 277 30.12 8.48 -8.88
C LEU B 277 31.13 9.58 -8.71
N ASP B 278 31.02 10.33 -7.63
CA ASP B 278 31.98 11.42 -7.43
C ASP B 278 33.09 11.07 -6.43
N GLU B 279 34.23 11.74 -6.58
CA GLU B 279 35.34 11.69 -5.62
C GLU B 279 35.91 10.30 -5.40
N ILE B 280 35.92 9.47 -6.43
CA ILE B 280 36.37 8.08 -6.31
C ILE B 280 37.86 7.92 -6.01
N HIS B 281 38.61 8.99 -6.22
CA HIS B 281 40.06 8.97 -6.00
C HIS B 281 40.44 8.85 -4.51
N GLU B 282 39.47 9.07 -3.61
CA GLU B 282 39.68 8.90 -2.17
C GLU B 282 39.68 7.44 -1.80
N ARG B 283 39.25 6.59 -2.73
CA ARG B 283 39.29 5.15 -2.49
C ARG B 283 38.61 4.71 -1.18
N SER B 284 37.48 5.35 -0.89
CA SER B 284 36.63 4.85 0.19
C SER B 284 36.18 3.43 -0.14
N VAL B 285 35.86 2.66 0.89
CA VAL B 285 35.35 1.31 0.75
C VAL B 285 34.11 1.30 -0.15
N GLU B 286 33.34 2.37 -0.08
CA GLU B 286 32.03 2.44 -0.71
C GLU B 286 32.13 2.59 -2.21
N THR B 287 32.91 3.57 -2.69
CA THR B 287 33.09 3.70 -4.13
C THR B 287 33.93 2.57 -4.68
N ASP B 288 34.92 2.07 -3.95
CA ASP B 288 35.62 0.88 -4.44
C ASP B 288 34.62 -0.28 -4.61
N LEU B 289 33.79 -0.57 -3.62
CA LEU B 289 32.79 -1.63 -3.76
C LEU B 289 31.88 -1.40 -4.94
N LEU B 290 31.41 -0.17 -5.03
CA LEU B 290 30.41 0.21 -5.98
C LEU B 290 30.92 0.09 -7.43
N MET B 291 32.19 0.44 -7.69
CA MET B 291 32.77 0.22 -9.02
C MET B 291 32.89 -1.27 -9.34
N GLY B 292 33.15 -2.06 -8.30
CA GLY B 292 33.24 -3.51 -8.45
C GLY B 292 31.90 -4.14 -8.78
N LEU B 293 30.83 -3.54 -8.25
CA LEU B 293 29.51 -4.07 -8.49
C LEU B 293 29.03 -3.65 -9.89
N LEU B 294 29.43 -2.46 -10.34
CA LEU B 294 29.06 -2.02 -11.70
C LEU B 294 29.59 -2.95 -12.77
N LYS B 295 30.69 -3.65 -12.51
CA LYS B 295 31.21 -4.60 -13.47
C LYS B 295 30.29 -5.81 -13.59
N VAL B 296 29.43 -6.01 -12.60
CA VAL B 296 28.48 -7.11 -12.58
C VAL B 296 27.12 -6.67 -13.10
N ILE B 297 26.80 -5.41 -12.84
CA ILE B 297 25.53 -4.81 -13.16
C ILE B 297 25.39 -4.35 -14.63
N LEU B 298 26.42 -3.70 -15.16
CA LEU B 298 26.38 -3.09 -16.48
C LEU B 298 26.16 -4.05 -17.66
N PRO B 299 26.74 -5.27 -17.63
CA PRO B 299 26.38 -6.16 -18.74
C PRO B 299 24.85 -6.42 -18.85
N HIS B 300 24.13 -6.34 -17.75
CA HIS B 300 22.69 -6.60 -17.75
C HIS B 300 21.88 -5.33 -17.86
N ARG B 301 22.54 -4.20 -18.05
CA ARG B 301 21.81 -2.94 -18.11
C ARG B 301 22.43 -2.06 -19.18
N PRO B 302 22.17 -2.41 -20.46
CA PRO B 302 22.81 -1.81 -21.64
C PRO B 302 22.60 -0.30 -21.69
N ASP B 303 21.52 0.17 -21.09
CA ASP B 303 21.13 1.56 -21.25
C ASP B 303 21.36 2.42 -20.03
N LEU B 304 21.97 1.85 -19.00
CA LEU B 304 22.37 2.63 -17.83
C LEU B 304 23.59 3.44 -18.23
N LYS B 305 23.60 4.72 -17.89
CA LYS B 305 24.79 5.56 -18.05
C LYS B 305 25.52 5.80 -16.71
N VAL B 306 26.83 5.60 -16.72
CA VAL B 306 27.69 5.93 -15.58
C VAL B 306 28.76 6.97 -15.89
N ILE B 307 28.74 8.09 -15.18
CA ILE B 307 29.87 9.02 -15.14
C ILE B 307 30.73 8.92 -13.83
N LEU B 308 31.93 8.35 -13.96
CA LEU B 308 32.95 8.38 -12.92
C LEU B 308 33.58 9.76 -12.87
N MET B 309 33.76 10.30 -11.67
CA MET B 309 34.41 11.59 -11.54
C MET B 309 35.46 11.52 -10.45
N SER B 310 36.58 12.19 -10.69
CA SER B 310 37.77 11.99 -9.88
C SER B 310 38.58 13.26 -9.84
N ALA B 311 39.34 13.44 -8.76
CA ALA B 311 40.35 14.51 -8.73
C ALA B 311 41.57 14.01 -9.50
N THR B 312 42.61 14.83 -9.63
CA THR B 312 43.79 14.40 -10.39
C THR B 312 44.74 13.57 -9.55
N VAL B 313 44.24 12.47 -9.03
CA VAL B 313 44.96 11.61 -8.11
C VAL B 313 44.94 10.19 -8.61
N ARG B 314 45.94 9.83 -9.40
CA ARG B 314 45.98 8.51 -10.02
C ARG B 314 44.77 8.23 -10.91
N GLU B 315 44.35 9.22 -11.69
CA GLU B 315 43.11 9.08 -12.47
C GLU B 315 43.13 7.87 -13.41
N GLN B 316 44.29 7.56 -13.98
CA GLN B 316 44.42 6.52 -14.99
C GLN B 316 44.02 5.13 -14.47
N ASP B 317 44.12 4.93 -13.15
CA ASP B 317 43.69 3.68 -12.52
C ASP B 317 42.23 3.35 -12.81
N PHE B 318 41.38 4.36 -12.79
CA PHE B 318 39.96 4.16 -12.95
C PHE B 318 39.64 3.94 -14.42
N CYS B 319 40.18 4.84 -15.24
CA CYS B 319 40.24 4.66 -16.69
C CYS B 319 40.62 3.24 -17.06
N ASP B 320 41.72 2.74 -16.50
CA ASP B 320 42.16 1.38 -16.73
C ASP B 320 41.18 0.31 -16.23
N TYR B 321 40.50 0.60 -15.12
CA TYR B 321 39.67 -0.40 -14.49
C TYR B 321 38.44 -0.75 -15.35
N PHE B 322 37.84 0.24 -16.00
CA PHE B 322 36.73 0.00 -16.91
C PHE B 322 37.22 -0.03 -18.38
N ASN B 323 37.60 -1.23 -18.83
CA ASN B 323 38.69 -1.48 -19.78
C ASN B 323 39.47 -0.18 -20.08
N ASN B 324 39.12 0.60 -21.09
CA ASN B 324 39.80 1.88 -21.23
C ASN B 324 38.86 2.98 -21.69
N CYS B 325 37.98 3.37 -20.80
CA CYS B 325 36.92 4.33 -21.10
C CYS B 325 37.46 5.73 -21.39
N PRO B 326 36.66 6.60 -22.05
CA PRO B 326 37.02 8.00 -22.30
C PRO B 326 37.30 8.80 -21.05
N MET B 327 38.22 9.75 -21.11
CA MET B 327 38.60 10.53 -19.94
C MET B 327 38.69 12.00 -20.27
N PHE B 328 37.92 12.83 -19.59
CA PHE B 328 38.07 14.27 -19.74
C PHE B 328 38.96 14.85 -18.63
N ARG B 329 39.82 15.78 -19.01
CA ARG B 329 40.61 16.55 -18.07
C ARG B 329 40.09 17.97 -18.06
N ILE B 330 39.43 18.35 -16.98
CA ILE B 330 38.89 19.69 -16.87
C ILE B 330 39.68 20.41 -15.80
N GLU B 331 40.03 21.66 -16.05
CA GLU B 331 40.93 22.37 -15.16
C GLU B 331 40.17 22.99 -14.00
N GLY B 332 40.88 23.22 -12.91
CA GLY B 332 40.30 23.91 -11.79
C GLY B 332 40.36 25.42 -11.92
N VAL B 333 39.88 26.09 -10.90
CA VAL B 333 40.05 27.52 -10.72
C VAL B 333 40.77 27.76 -9.37
N MET B 334 42.03 28.19 -9.42
CA MET B 334 42.86 28.41 -8.22
C MET B 334 43.97 29.41 -8.53
N PHE B 335 44.28 30.25 -7.54
CA PHE B 335 45.43 31.14 -7.64
C PHE B 335 46.71 30.34 -7.61
N PRO B 336 47.80 30.90 -8.16
CA PRO B 336 49.09 30.24 -7.99
C PRO B 336 49.49 30.07 -6.51
N VAL B 337 50.09 28.93 -6.22
CA VAL B 337 50.60 28.67 -4.88
C VAL B 337 52.00 28.15 -4.98
N LYS B 338 52.90 28.83 -4.26
CA LYS B 338 54.33 28.52 -4.34
C LYS B 338 54.61 27.39 -3.38
N MET B 339 55.38 26.41 -3.81
CA MET B 339 55.74 25.30 -2.94
C MET B 339 57.17 25.42 -2.42
N LEU B 340 57.30 25.85 -1.16
CA LEU B 340 58.60 25.89 -0.50
C LEU B 340 58.86 24.59 0.23
N TYR B 341 60.04 24.03 0.07
CA TYR B 341 60.38 22.86 0.87
C TYR B 341 61.27 23.24 2.04
N LEU B 342 61.73 22.24 2.79
CA LEU B 342 62.47 22.48 4.06
C LEU B 342 63.70 23.37 3.83
N GLU B 343 64.50 23.02 2.84
CA GLU B 343 65.64 23.84 2.43
C GLU B 343 65.28 25.32 2.17
N ASP B 344 64.07 25.59 1.68
CA ASP B 344 63.66 26.96 1.37
C ASP B 344 63.12 27.70 2.57
N VAL B 345 62.37 27.00 3.43
CA VAL B 345 61.83 27.62 4.63
C VAL B 345 62.99 28.01 5.56
N LEU B 346 63.94 27.10 5.72
CA LEU B 346 65.11 27.38 6.52
C LEU B 346 65.88 28.57 5.94
N SER B 347 66.06 28.54 4.63
CA SER B 347 66.81 29.57 3.93
C SER B 347 66.21 30.98 4.07
N LYS B 348 64.97 31.09 4.55
CA LYS B 348 64.34 32.40 4.77
C LYS B 348 64.17 32.77 6.24
N THR B 349 64.06 31.77 7.12
CA THR B 349 63.82 32.03 8.54
C THR B 349 65.13 31.99 9.33
N ASN B 350 66.11 31.25 8.80
CA ASN B 350 67.40 30.97 9.47
C ASN B 350 67.28 30.53 10.94
N TYR B 351 66.15 29.92 11.29
CA TYR B 351 65.96 29.29 12.59
C TYR B 351 67.04 28.23 12.81
N GLU B 352 67.46 28.08 14.05
CA GLU B 352 68.41 27.01 14.39
C GLU B 352 67.83 26.10 15.43
N PHE B 353 68.26 24.85 15.43
CA PHE B 353 67.39 23.90 16.07
C PHE B 353 67.47 23.67 17.56
N GLN B 354 68.57 23.15 18.09
CA GLN B 354 68.66 23.03 19.54
C GLN B 354 67.69 22.10 20.32
N LYS B 355 68.22 21.41 21.33
CA LYS B 355 67.46 21.12 22.55
C LYS B 355 68.40 20.95 23.74
N ARG B 369 67.31 6.26 13.32
CA ARG B 369 68.41 5.57 12.65
C ARG B 369 68.78 6.29 11.34
N MET B 370 70.08 6.49 11.12
CA MET B 370 70.58 7.19 9.91
C MET B 370 71.37 6.26 9.00
N LYS B 371 70.80 5.63 7.96
CA LYS B 371 69.65 5.97 7.09
C LYS B 371 69.35 7.46 6.81
N HIS B 372 68.78 8.19 7.76
CA HIS B 372 68.35 9.56 7.48
C HIS B 372 69.47 10.39 6.84
N GLU B 373 70.72 9.98 6.97
CA GLU B 373 71.72 10.68 6.18
C GLU B 373 72.17 9.86 4.98
N ALA B 374 71.81 8.58 4.94
CA ALA B 374 71.89 7.82 3.70
C ALA B 374 70.88 8.39 2.69
N MET B 375 69.73 8.80 3.20
CA MET B 375 68.71 9.42 2.38
C MET B 375 69.12 10.81 1.94
N ILE B 376 69.52 11.63 2.91
CA ILE B 376 69.58 13.07 2.69
C ILE B 376 70.81 13.57 1.92
N GLU B 377 71.91 12.83 1.93
CA GLU B 377 73.15 13.44 1.45
C GLU B 377 73.41 13.27 -0.05
N PRO B 378 72.91 12.19 -0.67
CA PRO B 378 73.00 12.25 -2.14
C PRO B 378 72.12 13.37 -2.67
N TYR B 379 71.06 13.72 -1.94
CA TYR B 379 70.30 14.90 -2.32
C TYR B 379 71.15 16.15 -2.06
N LEU B 380 71.83 16.19 -0.91
CA LEU B 380 72.60 17.37 -0.47
C LEU B 380 73.68 17.78 -1.47
N ARG B 381 74.24 16.80 -2.17
CA ARG B 381 75.23 17.09 -3.19
C ARG B 381 74.57 17.80 -4.36
N ARG B 382 73.59 17.19 -5.00
CA ARG B 382 72.93 17.84 -6.13
C ARG B 382 72.48 19.29 -5.83
N ILE B 383 72.50 19.69 -4.57
CA ILE B 383 71.98 20.98 -4.21
C ILE B 383 73.06 21.88 -3.50
N ARG B 384 74.34 21.47 -3.54
CA ARG B 384 75.49 22.28 -3.00
C ARG B 384 75.44 23.72 -3.50
N ASN B 385 75.12 23.87 -4.77
CA ASN B 385 75.15 25.17 -5.43
C ASN B 385 74.14 26.23 -4.97
N SER B 386 72.90 25.85 -4.68
CA SER B 386 71.86 26.89 -4.60
C SER B 386 71.26 27.18 -3.24
N TYR B 387 71.69 26.47 -2.21
CA TYR B 387 71.40 26.93 -0.86
C TYR B 387 72.67 27.11 -0.04
N ASP B 388 72.63 28.12 0.83
CA ASP B 388 73.68 28.37 1.80
C ASP B 388 74.10 27.05 2.48
N SER B 389 75.38 26.91 2.81
CA SER B 389 75.88 25.69 3.44
C SER B 389 75.40 25.49 4.87
N ARG B 390 74.92 26.55 5.51
CA ARG B 390 74.38 26.40 6.86
C ARG B 390 72.91 25.93 6.83
N VAL B 391 72.30 26.03 5.64
CA VAL B 391 70.98 25.46 5.42
C VAL B 391 71.16 23.96 5.19
N LEU B 392 72.18 23.60 4.42
CA LEU B 392 72.44 22.21 4.09
C LEU B 392 72.79 21.44 5.34
N ASP B 393 73.37 22.19 6.28
CA ASP B 393 73.65 21.76 7.65
C ASP B 393 72.44 21.16 8.35
N LYS B 394 71.46 22.02 8.62
CA LYS B 394 70.26 21.61 9.30
C LYS B 394 69.49 20.42 8.68
N LEU B 395 69.48 20.30 7.34
CA LEU B 395 68.79 19.17 6.68
C LEU B 395 69.40 17.82 7.06
N ARG B 396 70.62 17.86 7.57
CA ARG B 396 71.27 16.67 8.11
C ARG B 396 70.69 16.26 9.46
N LEU B 397 70.06 17.20 10.14
CA LEU B 397 69.34 16.91 11.38
C LEU B 397 68.05 16.14 11.10
N PRO B 398 67.95 14.91 11.64
CA PRO B 398 66.70 14.12 11.55
C PRO B 398 65.51 14.94 12.02
N GLU B 399 65.74 15.72 13.06
CA GLU B 399 64.76 16.57 13.73
C GLU B 399 64.27 17.76 12.93
N SER B 400 64.94 18.07 11.81
CA SER B 400 64.58 19.28 11.05
C SER B 400 63.27 19.08 10.30
N GLU B 401 63.03 17.83 9.84
CA GLU B 401 61.81 17.48 9.11
C GLU B 401 60.65 17.04 10.02
N GLY B 402 59.47 16.87 9.43
CA GLY B 402 58.29 16.51 10.21
C GLY B 402 57.91 17.64 11.16
N CYS B 403 57.55 17.29 12.39
CA CYS B 403 57.17 18.28 13.38
C CYS B 403 57.73 17.95 14.76
N GLU B 404 58.96 17.43 14.82
CA GLU B 404 59.58 17.09 16.12
C GLU B 404 59.79 18.32 16.99
N ASP B 405 60.16 19.42 16.35
CA ASP B 405 60.52 20.65 17.01
C ASP B 405 59.44 21.70 16.77
N ILE B 406 58.49 21.78 17.68
CA ILE B 406 57.37 22.70 17.55
C ILE B 406 57.79 24.18 17.62
N ASP B 407 58.99 24.43 18.12
CA ASP B 407 59.43 25.82 18.17
C ASP B 407 59.79 26.29 16.77
N PHE B 408 60.38 25.38 15.99
CA PHE B 408 60.65 25.65 14.57
C PHE B 408 59.40 26.13 13.87
N ILE B 409 58.28 25.46 14.15
CA ILE B 409 56.99 25.72 13.51
C ILE B 409 56.38 27.03 14.00
N ALA B 410 56.40 27.21 15.31
CA ALA B 410 55.91 28.43 15.93
C ALA B 410 56.67 29.62 15.35
N ASP B 411 57.96 29.42 15.14
CA ASP B 411 58.80 30.45 14.56
C ASP B 411 58.35 30.80 13.14
N LEU B 412 58.10 29.78 12.33
CA LEU B 412 57.63 30.01 10.95
C LEU B 412 56.30 30.77 10.96
N VAL B 413 55.48 30.53 11.98
CA VAL B 413 54.23 31.27 12.13
C VAL B 413 54.52 32.76 12.33
N TYR B 414 55.56 33.06 13.11
CA TYR B 414 55.94 34.45 13.40
C TYR B 414 56.51 35.12 12.14
N TYR B 415 57.38 34.40 11.44
CA TYR B 415 57.95 34.91 10.20
C TYR B 415 56.87 35.31 9.20
N ILE B 416 55.82 34.51 9.13
CA ILE B 416 54.71 34.80 8.22
C ILE B 416 53.93 35.98 8.77
N CYS B 417 53.99 36.17 10.08
CA CYS B 417 53.26 37.27 10.70
C CYS B 417 53.80 38.68 10.39
N GLU B 418 55.08 38.85 10.08
CA GLU B 418 55.59 40.19 9.81
C GLU B 418 55.90 40.44 8.32
N ASN B 419 56.50 39.46 7.65
CA ASN B 419 56.61 39.51 6.20
C ASN B 419 55.42 38.79 5.62
N GLU B 420 55.21 38.91 4.31
CA GLU B 420 54.10 38.22 3.64
C GLU B 420 52.77 38.87 4.06
N PRO B 421 52.05 39.46 3.10
CA PRO B 421 50.84 40.23 3.41
C PRO B 421 49.75 39.39 4.07
N GLU B 422 48.67 40.03 4.51
CA GLU B 422 47.75 39.34 5.41
C GLU B 422 47.01 38.18 4.76
N GLY B 423 46.32 37.41 5.59
CA GLY B 423 45.66 36.17 5.20
C GLY B 423 45.98 35.07 6.20
N ALA B 424 44.99 34.21 6.47
CA ALA B 424 45.13 33.21 7.52
C ALA B 424 46.22 32.17 7.28
N ILE B 425 46.76 31.63 8.36
CA ILE B 425 47.71 30.51 8.32
C ILE B 425 47.03 29.18 8.71
N LEU B 426 47.38 28.12 8.00
CA LEU B 426 46.83 26.81 8.28
C LEU B 426 47.95 25.84 8.55
N VAL B 427 48.06 25.38 9.80
CA VAL B 427 49.09 24.44 10.20
C VAL B 427 48.57 23.01 10.17
N PHE B 428 49.32 22.09 9.57
CA PHE B 428 48.92 20.69 9.49
C PHE B 428 49.82 19.81 10.35
N LEU B 429 49.30 19.36 11.49
CA LEU B 429 50.04 18.52 12.42
C LEU B 429 49.36 17.14 12.52
N PRO B 430 50.11 16.11 12.94
CA PRO B 430 49.61 14.73 12.90
C PRO B 430 48.47 14.40 13.87
N GLY B 431 48.31 15.15 14.95
CA GLY B 431 47.25 14.83 15.88
C GLY B 431 47.10 15.75 17.08
N TYR B 432 46.26 15.31 18.02
CA TYR B 432 45.90 16.07 19.23
C TYR B 432 47.08 16.61 20.02
N ASP B 433 48.05 15.74 20.28
CA ASP B 433 49.18 16.12 21.09
C ASP B 433 49.97 17.29 20.47
N LYS B 434 50.34 17.18 19.20
CA LYS B 434 51.19 18.20 18.62
C LYS B 434 50.41 19.49 18.41
N ILE B 435 49.11 19.37 18.20
CA ILE B 435 48.26 20.54 18.08
C ILE B 435 48.27 21.28 19.39
N SER B 436 48.45 20.53 20.47
CA SER B 436 48.30 21.09 21.80
C SER B 436 49.56 21.86 22.16
N GLN B 437 50.70 21.23 21.92
CA GLN B 437 52.00 21.85 22.10
C GLN B 437 52.05 23.19 21.36
N LEU B 438 51.70 23.19 20.07
CA LEU B 438 51.80 24.41 19.28
C LEU B 438 50.82 25.47 19.77
N TYR B 439 49.62 25.04 20.19
CA TYR B 439 48.67 26.00 20.75
C TYR B 439 49.23 26.70 22.00
N ASN B 440 49.73 25.91 22.94
CA ASN B 440 50.30 26.48 24.17
C ASN B 440 51.47 27.42 23.90
N ILE B 441 52.36 27.03 22.98
CA ILE B 441 53.50 27.86 22.60
C ILE B 441 53.11 29.24 22.04
N LEU B 442 51.92 29.35 21.47
CA LEU B 442 51.43 30.66 21.03
C LEU B 442 50.70 31.40 22.18
N ASP B 443 49.94 30.65 22.97
CA ASP B 443 49.13 31.20 24.07
C ASP B 443 49.98 31.67 25.26
N LYS B 444 50.91 30.83 25.67
CA LYS B 444 51.85 31.16 26.74
C LYS B 444 53.28 30.94 26.21
N PRO B 445 53.86 32.00 25.67
CA PRO B 445 55.12 31.83 24.93
C PRO B 445 56.41 32.07 25.70
N LYS B 446 57.40 31.21 25.43
CA LYS B 446 58.80 31.39 25.86
C LYS B 446 59.47 32.60 25.22
N THR B 447 59.22 32.77 23.94
CA THR B 447 60.01 33.61 23.04
C THR B 447 59.75 35.12 23.24
N SER B 448 60.75 35.96 22.98
CA SER B 448 60.56 37.41 22.97
C SER B 448 59.45 37.87 22.01
N LYS B 449 59.39 37.24 20.86
CA LYS B 449 58.53 37.66 19.77
C LYS B 449 57.24 36.85 19.71
N GLY B 450 57.12 35.88 20.61
CA GLY B 450 55.87 35.18 20.80
C GLY B 450 54.93 36.12 21.51
N GLN B 451 55.43 36.72 22.59
CA GLN B 451 54.65 37.66 23.39
C GLN B 451 54.42 39.00 22.68
N ARG B 452 55.10 39.20 21.56
CA ARG B 452 54.70 40.26 20.63
C ARG B 452 53.34 39.96 20.00
N TRP B 453 53.22 38.74 19.49
CA TRP B 453 52.13 38.36 18.61
C TRP B 453 50.94 37.82 19.37
N ARG B 454 51.22 37.32 20.57
CA ARG B 454 50.22 36.61 21.38
C ARG B 454 48.79 37.17 21.25
N ASP B 455 48.60 38.49 21.40
CA ASP B 455 47.24 39.07 21.44
C ASP B 455 46.74 39.69 20.14
N HIS B 456 47.39 39.35 19.02
CA HIS B 456 46.85 39.64 17.71
C HIS B 456 47.06 38.52 16.69
N MET B 457 47.02 37.32 17.25
CA MET B 457 46.82 36.10 16.50
C MET B 457 45.54 35.44 17.05
N ALA B 458 44.61 35.12 16.17
CA ALA B 458 43.42 34.39 16.57
C ALA B 458 43.62 32.91 16.30
N VAL B 459 44.07 32.18 17.31
CA VAL B 459 44.44 30.77 17.14
C VAL B 459 43.30 29.81 17.40
N PHE B 460 43.02 28.96 16.42
CA PHE B 460 42.01 27.91 16.55
C PHE B 460 42.66 26.55 16.39
N PRO B 461 42.42 25.65 17.35
CA PRO B 461 42.78 24.25 17.13
C PRO B 461 41.65 23.59 16.33
N LEU B 462 41.97 22.59 15.51
CA LEU B 462 40.95 21.97 14.65
C LEU B 462 41.15 20.46 14.58
N HIS B 463 40.17 19.72 15.11
CA HIS B 463 40.33 18.30 15.40
C HIS B 463 38.92 17.71 15.43
N SER B 464 38.75 16.47 14.98
CA SER B 464 37.39 15.87 14.93
C SER B 464 36.71 15.86 16.29
N LEU B 465 37.48 15.64 17.34
CA LEU B 465 37.00 15.58 18.71
C LEU B 465 36.83 16.92 19.41
N MET B 466 37.18 18.02 18.72
CA MET B 466 37.05 19.36 19.29
C MET B 466 35.88 20.14 18.70
N GLN B 467 35.45 21.18 19.40
CA GLN B 467 34.19 21.83 19.09
C GLN B 467 34.29 22.91 18.01
N SER B 468 35.45 23.58 17.94
CA SER B 468 35.64 24.74 17.07
C SER B 468 35.20 24.54 15.61
N GLY B 469 35.39 23.32 15.11
CA GLY B 469 34.98 22.97 13.76
C GLY B 469 33.51 23.24 13.49
N GLU B 470 32.63 22.64 14.29
CA GLU B 470 31.20 22.82 14.11
C GLU B 470 30.65 24.14 14.70
N GLN B 471 31.51 25.14 14.88
CA GLN B 471 31.05 26.48 15.28
C GLN B 471 31.05 27.40 14.08
N GLN B 472 31.55 28.62 14.24
CA GLN B 472 31.51 29.44 13.04
C GLN B 472 32.62 30.47 13.18
N ALA B 473 33.08 30.67 14.41
CA ALA B 473 34.09 31.66 14.71
C ALA B 473 35.36 31.41 13.92
N VAL B 474 35.55 30.17 13.48
CA VAL B 474 36.77 29.79 12.82
C VAL B 474 36.74 30.09 11.31
N PHE B 475 35.55 30.01 10.70
CA PHE B 475 35.41 30.23 9.26
C PHE B 475 35.38 31.71 8.90
N ARG B 476 34.88 32.53 9.82
CA ARG B 476 34.75 33.96 9.59
C ARG B 476 36.10 34.63 9.91
N ARG B 477 36.40 35.72 9.22
CA ARG B 477 37.70 36.37 9.37
C ARG B 477 37.88 37.04 10.74
N PRO B 478 39.15 37.22 11.20
CA PRO B 478 39.38 37.70 12.58
C PRO B 478 39.13 39.20 12.83
N PRO B 479 39.13 39.63 14.12
CA PRO B 479 39.11 41.05 14.46
C PRO B 479 40.27 41.77 13.80
N ALA B 480 39.99 42.86 13.08
CA ALA B 480 41.03 43.61 12.37
C ALA B 480 42.28 43.81 13.23
N GLY B 481 43.45 43.70 12.62
CA GLY B 481 44.71 43.76 13.35
C GLY B 481 45.16 42.39 13.82
N GLN B 482 44.22 41.45 13.91
CA GLN B 482 44.56 40.07 14.24
C GLN B 482 44.69 39.23 12.97
N ARG B 483 45.66 38.33 12.96
CA ARG B 483 45.84 37.39 11.87
C ARG B 483 45.36 36.01 12.33
N LYS B 484 44.49 35.36 11.57
CA LYS B 484 43.95 34.07 11.98
C LYS B 484 44.94 32.93 11.76
N VAL B 485 45.08 32.06 12.76
CA VAL B 485 45.95 30.89 12.67
C VAL B 485 45.20 29.61 13.02
N ILE B 486 45.23 28.65 12.10
CA ILE B 486 44.53 27.40 12.31
C ILE B 486 45.50 26.22 12.48
N ILE B 487 45.47 25.61 13.67
CA ILE B 487 46.23 24.40 13.97
C ILE B 487 45.33 23.17 13.83
N SER B 488 45.67 22.26 12.93
CA SER B 488 44.70 21.27 12.50
C SER B 488 45.25 19.90 12.16
N THR B 489 44.37 18.90 12.19
CA THR B 489 44.73 17.59 11.67
C THR B 489 44.47 17.60 10.17
N ILE B 490 44.60 16.43 9.57
CA ILE B 490 44.27 16.21 8.16
C ILE B 490 42.84 16.67 7.86
N ILE B 491 42.03 16.84 8.91
CA ILE B 491 40.64 17.24 8.77
C ILE B 491 40.42 18.51 7.95
N ALA B 492 41.43 19.36 7.76
CA ALA B 492 41.18 20.57 6.98
C ALA B 492 41.63 20.43 5.52
N GLU B 493 42.04 19.21 5.17
CA GLU B 493 42.46 18.91 3.81
C GLU B 493 41.28 18.90 2.86
N THR B 494 40.24 18.15 3.22
CA THR B 494 39.09 17.97 2.35
C THR B 494 37.84 18.35 3.15
N SER B 495 37.67 17.65 4.27
CA SER B 495 36.47 17.69 5.10
C SER B 495 36.02 19.06 5.61
N VAL B 496 36.95 19.90 6.02
CA VAL B 496 36.65 21.24 6.58
C VAL B 496 37.39 22.28 5.77
N THR B 497 36.69 23.29 5.26
CA THR B 497 37.29 24.25 4.34
C THR B 497 37.26 25.69 4.87
N ILE B 498 38.44 26.28 5.07
CA ILE B 498 38.52 27.69 5.45
C ILE B 498 38.99 28.47 4.24
N ASP B 499 38.25 29.52 3.90
CA ASP B 499 38.40 30.13 2.59
C ASP B 499 39.35 31.34 2.54
N ASP B 500 39.77 31.87 3.68
CA ASP B 500 40.70 33.01 3.65
C ASP B 500 42.15 32.57 3.93
N VAL B 501 42.36 31.26 4.03
CA VAL B 501 43.70 30.70 4.17
C VAL B 501 44.58 31.11 3.00
N VAL B 502 45.73 31.69 3.31
CA VAL B 502 46.68 32.13 2.28
C VAL B 502 48.01 31.38 2.44
N TYR B 503 48.27 30.93 3.66
CA TYR B 503 49.54 30.26 3.96
C TYR B 503 49.26 28.91 4.58
N VAL B 504 49.95 27.88 4.08
CA VAL B 504 49.79 26.55 4.62
C VAL B 504 51.12 26.05 5.08
N ILE B 505 51.21 25.69 6.37
CA ILE B 505 52.39 24.97 6.83
C ILE B 505 52.03 23.49 6.84
N ASN B 506 52.66 22.74 5.94
CA ASN B 506 52.46 21.29 5.87
C ASN B 506 53.65 20.57 6.54
N SER B 507 53.42 20.03 7.73
CA SER B 507 54.46 19.31 8.44
C SER B 507 54.79 17.99 7.77
N GLY B 508 53.86 17.48 6.96
CA GLY B 508 54.05 16.23 6.24
C GLY B 508 53.81 15.00 7.10
N ARG B 509 53.24 15.21 8.28
CA ARG B 509 53.00 14.12 9.21
C ARG B 509 51.52 13.93 9.54
N THR B 510 51.05 12.67 9.51
CA THR B 510 49.65 12.40 9.82
C THR B 510 49.57 11.08 10.58
N LYS B 511 48.41 10.74 11.13
CA LYS B 511 48.22 9.38 11.63
C LYS B 511 47.24 8.59 10.77
N ALA B 512 47.54 7.31 10.61
CA ALA B 512 46.67 6.40 9.88
C ALA B 512 46.58 5.07 10.61
N THR B 513 45.45 4.38 10.44
CA THR B 513 45.32 3.01 10.92
C THR B 513 45.81 1.99 9.91
N ASN B 514 46.30 0.87 10.42
CA ASN B 514 46.81 -0.26 9.64
C ASN B 514 46.47 -1.54 10.36
N TYR B 515 46.39 -2.64 9.61
CA TYR B 515 46.04 -3.93 10.19
C TYR B 515 47.01 -5.02 9.78
N ASP B 516 47.71 -5.58 10.75
CA ASP B 516 48.57 -6.73 10.48
C ASP B 516 47.68 -7.96 10.54
N ILE B 517 47.68 -8.74 9.47
CA ILE B 517 46.74 -9.84 9.33
C ILE B 517 47.16 -11.04 10.19
N GLU B 518 48.41 -11.09 10.64
CA GLU B 518 48.79 -12.24 11.46
C GLU B 518 49.32 -11.82 12.83
N THR B 519 48.79 -10.72 13.36
CA THR B 519 48.90 -10.45 14.79
C THR B 519 47.53 -10.08 15.33
N ASN B 520 46.59 -9.85 14.41
CA ASN B 520 45.26 -9.31 14.70
C ASN B 520 45.33 -7.98 15.45
N ILE B 521 46.49 -7.32 15.37
CA ILE B 521 46.65 -6.01 15.98
C ILE B 521 46.31 -4.92 14.98
N GLN B 522 45.30 -4.13 15.30
CA GLN B 522 45.08 -2.88 14.62
C GLN B 522 45.88 -1.79 15.32
N SER B 523 46.59 -0.98 14.55
CA SER B 523 47.42 0.08 15.12
C SER B 523 47.04 1.49 14.67
N LEU B 524 47.48 2.47 15.45
CA LEU B 524 47.38 3.87 15.06
C LEU B 524 48.77 4.51 15.09
N ASP B 525 49.31 4.80 13.91
CA ASP B 525 50.70 5.19 13.77
C ASP B 525 50.91 6.54 13.08
N GLU B 526 51.91 7.28 13.55
CA GLU B 526 52.32 8.48 12.87
C GLU B 526 53.16 8.06 11.68
N VAL B 527 52.87 8.65 10.50
CA VAL B 527 53.61 8.38 9.27
C VAL B 527 53.75 9.63 8.42
N TRP B 528 54.52 9.52 7.34
CA TRP B 528 54.62 10.60 6.35
C TRP B 528 53.38 10.57 5.52
N VAL B 529 52.89 11.76 5.19
CA VAL B 529 51.81 11.91 4.23
C VAL B 529 52.20 11.34 2.86
N THR B 530 51.27 11.48 1.92
CA THR B 530 51.52 11.03 0.56
C THR B 530 51.65 12.24 -0.35
N LYS B 531 52.00 11.99 -1.60
CA LYS B 531 52.09 13.06 -2.59
C LYS B 531 50.70 13.69 -2.76
N ALA B 532 49.70 12.82 -2.82
CA ALA B 532 48.28 13.22 -2.86
C ALA B 532 47.90 14.22 -1.77
N ASN B 533 48.29 13.95 -0.52
CA ASN B 533 47.95 14.84 0.59
C ASN B 533 48.55 16.24 0.44
N THR B 534 49.82 16.26 0.08
CA THR B 534 50.55 17.51 -0.16
C THR B 534 49.90 18.31 -1.30
N GLN B 535 49.59 17.60 -2.37
CA GLN B 535 48.91 18.21 -3.51
C GLN B 535 47.61 18.90 -3.06
N GLN B 536 46.79 18.21 -2.27
CA GLN B 536 45.58 18.84 -1.79
C GLN B 536 45.92 20.01 -0.87
N ARG B 537 46.85 19.81 0.05
CA ARG B 537 47.19 20.86 1.02
C ARG B 537 47.64 22.14 0.35
N ARG B 538 48.45 22.00 -0.69
CA ARG B 538 48.84 23.13 -1.53
C ARG B 538 47.63 23.83 -2.15
N GLY B 539 46.67 23.05 -2.61
CA GLY B 539 45.43 23.61 -3.18
C GLY B 539 44.73 24.55 -2.20
N ARG B 540 44.81 24.24 -0.91
CA ARG B 540 44.14 25.02 0.13
C ARG B 540 44.70 26.45 0.33
N ALA B 541 45.90 26.70 -0.18
CA ALA B 541 46.49 28.05 -0.01
C ALA B 541 45.94 29.06 -1.02
N GLY B 542 45.48 28.58 -2.17
CA GLY B 542 45.12 29.47 -3.23
C GLY B 542 43.65 29.54 -3.58
N ARG B 543 42.81 29.77 -2.58
CA ARG B 543 41.39 29.89 -2.88
C ARG B 543 40.97 31.37 -2.99
N VAL B 544 41.63 32.25 -2.25
CA VAL B 544 41.22 33.67 -2.23
C VAL B 544 42.24 34.63 -2.86
N ARG B 545 43.51 34.21 -2.86
CA ARG B 545 44.58 35.00 -3.48
C ARG B 545 45.85 34.14 -3.52
N PRO B 546 46.84 34.51 -4.36
CA PRO B 546 48.05 33.69 -4.41
C PRO B 546 48.64 33.52 -3.04
N GLY B 547 48.95 32.29 -2.70
CA GLY B 547 49.49 32.00 -1.39
C GLY B 547 50.69 31.09 -1.47
N ILE B 548 51.04 30.52 -0.31
CA ILE B 548 52.27 29.75 -0.18
C ILE B 548 52.04 28.51 0.69
N CYS B 549 52.62 27.41 0.23
CA CYS B 549 52.60 26.17 0.98
C CYS B 549 54.02 25.84 1.37
N TYR B 550 54.27 25.84 2.68
CA TYR B 550 55.54 25.49 3.28
C TYR B 550 55.56 24.04 3.71
N ASN B 551 56.35 23.22 3.02
CA ASN B 551 56.46 21.82 3.35
C ASN B 551 57.75 21.55 4.15
N LEU B 552 57.58 21.24 5.43
CA LEU B 552 58.71 21.03 6.33
C LEU B 552 59.29 19.63 6.16
N PHE B 553 59.62 19.28 4.92
CA PHE B 553 60.48 18.14 4.61
C PHE B 553 61.23 18.50 3.35
N SER B 554 62.20 17.67 2.98
CA SER B 554 63.05 18.01 1.87
C SER B 554 62.53 17.33 0.62
N ARG B 555 62.96 17.77 -0.55
CA ARG B 555 62.55 17.13 -1.79
C ARG B 555 63.01 15.67 -1.85
N ALA B 556 64.02 15.32 -1.05
CA ALA B 556 64.46 13.92 -0.99
C ALA B 556 63.48 13.06 -0.20
N ARG B 557 62.83 13.68 0.78
CA ARG B 557 61.78 13.05 1.54
C ARG B 557 60.56 12.80 0.61
N GLU B 558 60.07 13.87 -0.02
CA GLU B 558 58.95 13.78 -1.00
C GLU B 558 59.14 12.67 -2.02
N ASP B 559 60.40 12.47 -2.41
CA ASP B 559 60.71 11.44 -3.39
C ASP B 559 60.61 10.04 -2.80
N ARG B 560 60.48 9.96 -1.47
CA ARG B 560 60.34 8.67 -0.82
C ARG B 560 58.86 8.39 -0.52
N MET B 561 58.08 9.47 -0.47
CA MET B 561 56.66 9.41 -0.16
C MET B 561 55.83 8.61 -1.18
N ASP B 562 54.73 8.02 -0.74
CA ASP B 562 53.85 7.26 -1.64
C ASP B 562 52.98 8.15 -2.54
N ASP B 563 52.42 7.57 -3.60
CA ASP B 563 51.46 8.30 -4.40
C ASP B 563 50.20 8.64 -3.63
N ILE B 564 49.57 7.61 -3.07
CA ILE B 564 48.31 7.81 -2.36
C ILE B 564 48.26 7.02 -1.07
N PRO B 565 47.33 7.36 -0.17
CA PRO B 565 47.17 6.50 1.00
C PRO B 565 46.79 5.08 0.58
N THR B 566 46.91 4.14 1.51
CA THR B 566 46.43 2.79 1.23
C THR B 566 44.92 2.81 1.05
N PRO B 567 44.41 2.16 0.00
CA PRO B 567 42.97 2.03 -0.16
C PRO B 567 42.34 1.36 1.04
N GLU B 568 41.38 2.06 1.61
CA GLU B 568 40.80 1.66 2.89
C GLU B 568 40.30 0.21 2.93
N ILE B 569 39.87 -0.34 1.80
CA ILE B 569 39.31 -1.70 1.83
C ILE B 569 40.41 -2.73 2.15
N LEU B 570 41.65 -2.35 1.92
CA LEU B 570 42.81 -3.17 2.26
C LEU B 570 43.15 -3.13 3.78
N ARG B 571 42.47 -2.23 4.49
CA ARG B 571 42.71 -1.93 5.91
C ARG B 571 41.53 -2.31 6.76
N SER B 572 40.41 -2.63 6.12
CA SER B 572 39.14 -2.78 6.78
C SER B 572 38.78 -4.23 7.15
N LYS B 573 37.88 -4.39 8.11
CA LYS B 573 37.28 -5.68 8.39
C LYS B 573 36.18 -5.87 7.39
N LEU B 574 36.01 -7.10 6.90
CA LEU B 574 35.13 -7.32 5.77
C LEU B 574 33.87 -8.11 6.10
N GLU B 575 33.64 -8.43 7.38
CA GLU B 575 32.47 -9.21 7.76
C GLU B 575 31.20 -8.54 7.26
N SER B 576 31.09 -7.23 7.46
CA SER B 576 29.89 -6.50 7.07
C SER B 576 29.72 -6.54 5.55
N ILE B 577 30.84 -6.41 4.84
CA ILE B 577 30.80 -6.44 3.39
C ILE B 577 30.42 -7.83 2.88
N ILE B 578 31.03 -8.87 3.45
CA ILE B 578 30.76 -10.23 3.00
C ILE B 578 29.30 -10.56 3.21
N LEU B 579 28.78 -10.24 4.38
CA LEU B 579 27.38 -10.55 4.68
C LEU B 579 26.43 -9.82 3.73
N SER B 580 26.64 -8.53 3.53
CA SER B 580 25.74 -7.75 2.70
C SER B 580 25.75 -8.17 1.22
N LEU B 581 26.84 -8.78 0.76
CA LEU B 581 26.93 -9.25 -0.63
C LEU B 581 25.96 -10.42 -0.86
N LYS B 582 25.56 -11.08 0.21
CA LYS B 582 24.67 -12.23 0.11
C LYS B 582 23.30 -11.80 -0.35
N LEU B 583 22.95 -10.56 -0.04
CA LEU B 583 21.64 -10.00 -0.34
C LEU B 583 21.57 -9.58 -1.79
N LEU B 584 22.74 -9.42 -2.39
CA LEU B 584 22.85 -9.04 -3.78
C LEU B 584 23.11 -10.28 -4.63
N HIS B 585 22.90 -11.44 -4.01
CA HIS B 585 23.16 -12.71 -4.65
C HIS B 585 24.59 -12.82 -5.15
N ILE B 586 25.53 -12.33 -4.35
CA ILE B 586 26.95 -12.60 -4.60
C ILE B 586 27.44 -13.43 -3.42
N ASP B 587 27.48 -14.74 -3.62
CA ASP B 587 27.59 -15.66 -2.52
C ASP B 587 29.03 -16.06 -2.31
N ASP B 588 29.84 -15.83 -3.35
CA ASP B 588 31.27 -16.14 -3.27
C ASP B 588 32.10 -14.87 -3.06
N PRO B 589 32.47 -14.61 -1.80
CA PRO B 589 33.15 -13.35 -1.48
C PRO B 589 34.56 -13.30 -2.03
N TYR B 590 35.24 -14.45 -2.06
CA TYR B 590 36.63 -14.45 -2.50
C TYR B 590 36.66 -14.04 -3.96
N ARG B 591 35.80 -14.65 -4.77
CA ARG B 591 35.90 -14.42 -6.18
C ARG B 591 35.45 -13.01 -6.54
N PHE B 592 34.43 -12.48 -5.88
CA PHE B 592 34.01 -11.11 -6.19
C PHE B 592 35.03 -10.07 -5.74
N LEU B 593 35.46 -10.15 -4.48
CA LEU B 593 36.36 -9.16 -3.89
C LEU B 593 37.66 -9.04 -4.66
N GLN B 594 38.11 -10.18 -5.18
CA GLN B 594 39.33 -10.23 -5.94
C GLN B 594 39.24 -9.30 -7.15
N THR B 595 38.03 -8.99 -7.63
CA THR B 595 37.92 -8.21 -8.86
C THR B 595 37.88 -6.69 -8.69
N LEU B 596 38.16 -6.22 -7.47
CA LEU B 596 38.20 -4.79 -7.14
C LEU B 596 39.48 -4.11 -7.63
N ILE B 597 39.46 -2.78 -7.68
CA ILE B 597 40.63 -2.06 -8.14
C ILE B 597 41.87 -2.47 -7.35
N ASN B 598 41.72 -2.59 -6.04
CA ASN B 598 42.73 -3.27 -5.23
C ASN B 598 42.05 -4.37 -4.46
N ALA B 599 42.41 -5.60 -4.78
CA ALA B 599 41.81 -6.76 -4.13
C ALA B 599 42.34 -6.92 -2.70
N PRO B 600 41.44 -7.19 -1.76
CA PRO B 600 41.83 -7.43 -0.37
C PRO B 600 42.55 -8.74 -0.23
N ASN B 601 43.41 -8.82 0.77
CA ASN B 601 44.04 -10.07 1.15
C ASN B 601 42.98 -11.16 1.35
N PRO B 602 43.08 -12.25 0.60
CA PRO B 602 42.21 -13.40 0.81
C PRO B 602 42.18 -13.89 2.26
N GLU B 603 43.23 -13.65 3.04
CA GLU B 603 43.24 -14.09 4.44
C GLU B 603 42.31 -13.24 5.28
N ALA B 604 42.22 -11.96 4.95
CA ALA B 604 41.24 -11.08 5.59
C ALA B 604 39.80 -11.53 5.30
N ILE B 605 39.57 -12.02 4.09
CA ILE B 605 38.28 -12.54 3.70
C ILE B 605 37.99 -13.79 4.53
N LYS B 606 38.98 -14.67 4.63
CA LYS B 606 38.82 -15.90 5.42
C LYS B 606 38.42 -15.58 6.85
N MET B 607 39.21 -14.71 7.49
CA MET B 607 38.90 -14.20 8.80
C MET B 607 37.49 -13.62 8.89
N GLY B 608 37.09 -12.88 7.86
CA GLY B 608 35.76 -12.33 7.83
C GLY B 608 34.69 -13.42 7.89
N VAL B 609 34.85 -14.44 7.05
CA VAL B 609 33.85 -15.49 6.95
C VAL B 609 33.71 -16.24 8.26
N GLU B 610 34.82 -16.50 8.91
CA GLU B 610 34.77 -17.29 10.14
C GLU B 610 34.08 -16.54 11.26
N LEU B 611 34.29 -15.24 11.33
CA LEU B 611 33.58 -14.44 12.32
C LEU B 611 32.07 -14.57 12.13
N LEU B 612 31.61 -14.53 10.88
CA LEU B 612 30.19 -14.65 10.57
C LEU B 612 29.68 -16.07 10.84
N LYS B 613 30.57 -17.04 10.65
CA LYS B 613 30.29 -18.43 10.99
C LYS B 613 30.17 -18.54 12.51
N ARG B 614 30.92 -17.72 13.22
CA ARG B 614 30.98 -17.83 14.66
C ARG B 614 29.75 -17.24 15.31
N ILE B 615 29.34 -16.04 14.87
CA ILE B 615 28.09 -15.46 15.37
C ILE B 615 26.88 -16.12 14.68
N GLU B 616 27.16 -17.15 13.88
CA GLU B 616 26.13 -17.99 13.26
C GLU B 616 25.27 -17.20 12.23
N ALA B 617 25.90 -16.21 11.59
CA ALA B 617 25.29 -15.48 10.47
C ALA B 617 25.40 -16.29 9.19
N LEU B 618 26.35 -17.23 9.22
CA LEU B 618 26.57 -18.18 8.16
C LEU B 618 26.65 -19.59 8.80
N ASP B 619 26.15 -20.60 8.08
CA ASP B 619 26.34 -21.99 8.51
C ASP B 619 27.78 -22.37 8.23
N GLN B 620 28.18 -23.64 8.27
CA GLN B 620 29.61 -23.82 8.06
C GLN B 620 29.84 -24.35 6.66
N THR B 621 28.81 -24.27 5.81
CA THR B 621 29.08 -24.38 4.40
C THR B 621 29.45 -22.98 3.87
N GLY B 622 29.11 -21.93 4.62
CA GLY B 622 29.29 -20.55 4.19
C GLY B 622 28.02 -19.82 3.78
N THR B 623 26.88 -20.52 3.87
CA THR B 623 25.60 -20.00 3.36
C THR B 623 24.82 -19.22 4.42
N LEU B 624 24.01 -18.27 3.97
CA LEU B 624 23.18 -17.44 4.83
C LEU B 624 22.26 -18.26 5.72
N THR B 625 22.24 -17.95 7.02
CA THR B 625 21.26 -18.48 7.97
C THR B 625 20.09 -17.50 8.05
N PRO B 626 18.94 -17.92 8.60
CA PRO B 626 17.87 -16.93 8.77
C PRO B 626 18.33 -15.72 9.59
N LEU B 627 19.11 -15.97 10.63
CA LEU B 627 19.66 -14.89 11.43
C LEU B 627 20.61 -13.99 10.61
N GLY B 628 21.41 -14.59 9.74
CA GLY B 628 22.26 -13.80 8.87
C GLY B 628 21.53 -12.83 7.96
N MET B 629 20.36 -13.22 7.49
CA MET B 629 19.59 -12.36 6.60
C MET B 629 19.10 -11.15 7.37
N HIS B 630 18.56 -11.38 8.57
CA HIS B 630 18.15 -10.28 9.46
C HIS B 630 19.31 -9.32 9.71
N LEU B 631 20.48 -9.86 9.98
CA LEU B 631 21.63 -9.02 10.31
C LEU B 631 22.09 -8.25 9.06
N ALA B 632 22.08 -8.92 7.92
CA ALA B 632 22.48 -8.28 6.65
C ALA B 632 21.65 -7.02 6.35
N LYS B 633 20.36 -7.12 6.63
CA LYS B 633 19.37 -6.07 6.40
C LYS B 633 19.37 -4.93 7.43
N LEU B 634 20.07 -5.07 8.54
CA LEU B 634 20.21 -3.98 9.51
C LEU B 634 21.42 -3.14 9.18
N PRO B 635 21.24 -1.82 9.15
CA PRO B 635 22.33 -0.94 8.71
C PRO B 635 23.34 -0.69 9.83
N ILE B 636 23.96 -1.78 10.27
CA ILE B 636 24.95 -1.76 11.33
C ILE B 636 25.78 -3.04 11.24
N ASP B 637 26.96 -3.03 11.85
CA ASP B 637 27.85 -4.19 11.87
C ASP B 637 27.14 -5.34 12.51
N PRO B 638 27.38 -6.56 12.00
CA PRO B 638 26.56 -7.71 12.41
C PRO B 638 26.60 -7.98 13.92
N GLN B 639 27.76 -7.88 14.56
CA GLN B 639 27.87 -8.10 16.01
C GLN B 639 26.97 -7.17 16.81
N MET B 640 26.88 -5.92 16.41
CA MET B 640 26.01 -5.03 17.15
C MET B 640 24.54 -5.18 16.73
N GLY B 641 24.31 -5.80 15.57
CA GLY B 641 22.96 -6.08 15.12
C GLY B 641 22.41 -7.19 16.00
N LYS B 642 23.23 -8.20 16.21
CA LYS B 642 22.91 -9.34 17.03
C LYS B 642 22.59 -8.83 18.45
N MET B 643 23.42 -7.91 18.93
CA MET B 643 23.18 -7.22 20.20
C MET B 643 21.80 -6.60 20.26
N ILE B 644 21.44 -5.90 19.19
CA ILE B 644 20.16 -5.21 19.09
C ILE B 644 18.97 -6.19 19.03
N LEU B 645 19.06 -7.23 18.21
CA LEU B 645 17.99 -8.21 18.15
C LEU B 645 17.83 -8.87 19.51
N MET B 646 18.94 -9.21 20.15
CA MET B 646 18.90 -9.86 21.44
C MET B 646 18.18 -8.96 22.43
N SER B 647 18.50 -7.68 22.38
CA SER B 647 17.87 -6.73 23.28
C SER B 647 16.35 -6.66 23.07
N ALA B 648 15.84 -7.04 21.89
CA ALA B 648 14.40 -7.06 21.65
C ALA B 648 13.77 -8.24 22.37
N LEU B 649 14.47 -9.37 22.36
CA LEU B 649 14.01 -10.57 23.03
C LEU B 649 14.01 -10.40 24.56
N PHE B 650 15.14 -10.01 25.13
CA PHE B 650 15.26 -9.83 26.58
C PHE B 650 14.83 -8.45 27.03
N CYS B 651 13.90 -7.84 26.30
CA CYS B 651 13.29 -6.57 26.72
C CYS B 651 14.22 -5.50 27.26
N CYS B 652 15.31 -5.18 26.58
CA CYS B 652 16.17 -4.09 27.04
C CYS B 652 16.60 -3.19 25.90
N LEU B 653 15.63 -2.76 25.08
CA LEU B 653 15.86 -2.11 23.79
C LEU B 653 16.60 -0.77 23.87
N ASP B 654 16.07 0.14 24.69
CA ASP B 654 16.60 1.50 24.78
C ASP B 654 18.09 1.53 25.14
N PRO B 655 18.49 0.88 26.25
CA PRO B 655 19.91 0.98 26.61
C PRO B 655 20.84 0.31 25.62
N ILE B 656 20.44 -0.82 25.08
CA ILE B 656 21.32 -1.57 24.19
C ILE B 656 21.45 -0.87 22.83
N THR B 657 20.35 -0.28 22.34
CA THR B 657 20.42 0.43 21.06
C THR B 657 21.32 1.64 21.23
N SER B 658 21.36 2.22 22.44
CA SER B 658 22.27 3.33 22.73
C SER B 658 23.71 2.86 22.64
N ALA B 659 23.98 1.71 23.24
CA ALA B 659 25.33 1.16 23.20
C ALA B 659 25.67 0.86 21.74
N ALA B 660 24.77 0.20 21.04
CA ALA B 660 24.94 -0.10 19.61
C ALA B 660 25.21 1.14 18.76
N ALA B 661 24.33 2.14 18.85
CA ALA B 661 24.45 3.35 18.04
C ALA B 661 25.78 4.09 18.24
N ALA B 662 26.25 4.16 19.48
CA ALA B 662 27.47 4.93 19.78
C ALA B 662 28.73 4.19 19.31
N LEU B 663 28.69 2.87 19.32
CA LEU B 663 29.81 2.10 18.81
C LEU B 663 29.92 2.25 17.31
N SER B 664 28.77 2.27 16.62
CA SER B 664 28.72 2.28 15.15
C SER B 664 29.06 3.64 14.58
N PHE B 665 28.55 4.68 15.22
CA PHE B 665 28.78 6.06 14.86
C PHE B 665 30.02 6.50 15.67
N LYS B 666 29.84 7.43 16.60
CA LYS B 666 30.90 7.80 17.54
C LYS B 666 30.33 8.23 18.90
N SER B 667 31.22 8.63 19.80
CA SER B 667 30.85 9.09 21.13
C SER B 667 30.48 10.57 21.07
N PRO B 668 29.55 11.01 21.94
CA PRO B 668 29.08 12.40 21.91
C PRO B 668 29.95 13.38 22.70
N PHE B 669 31.01 12.88 23.30
CA PHE B 669 31.86 13.76 24.10
C PHE B 669 32.90 14.49 23.27
N TYR B 670 33.06 15.79 23.51
CA TYR B 670 34.24 16.52 23.03
C TYR B 670 35.48 16.18 23.84
N SER B 671 36.61 16.59 23.29
CA SER B 671 37.86 16.64 24.05
C SER B 671 38.47 18.00 23.81
N PRO B 672 37.96 19.03 24.51
CA PRO B 672 38.39 20.42 24.28
C PRO B 672 39.76 20.61 24.92
N LEU B 673 40.63 21.39 24.28
CA LEU B 673 41.99 21.57 24.79
C LEU B 673 42.04 21.94 26.26
N GLY B 674 42.81 21.17 27.02
CA GLY B 674 43.09 21.49 28.41
C GLY B 674 42.11 20.95 29.44
N LYS B 675 40.94 20.53 29.00
CA LYS B 675 39.90 20.09 29.92
C LYS B 675 39.79 18.58 29.98
N GLU B 676 40.86 17.90 29.53
CA GLU B 676 40.97 16.44 29.54
C GLU B 676 40.58 15.93 30.89
N SER B 677 41.03 16.65 31.90
CA SER B 677 40.83 16.26 33.27
C SER B 677 39.36 16.33 33.68
N ARG B 678 38.62 17.36 33.25
CA ARG B 678 37.25 17.42 33.74
C ARG B 678 36.29 16.70 32.78
N VAL B 679 36.70 16.43 31.55
CA VAL B 679 35.91 15.51 30.75
C VAL B 679 36.01 14.11 31.38
N ASP B 680 37.21 13.74 31.81
CA ASP B 680 37.40 12.51 32.60
C ASP B 680 36.37 12.41 33.73
N GLU B 681 36.14 13.53 34.42
CA GLU B 681 35.28 13.55 35.59
C GLU B 681 33.81 13.50 35.21
N ILE B 682 33.46 14.11 34.08
CA ILE B 682 32.09 14.02 33.58
C ILE B 682 31.72 12.56 33.28
N LYS B 683 32.54 11.94 32.45
CA LYS B 683 32.36 10.56 32.05
C LYS B 683 32.21 9.64 33.26
N ARG B 684 33.16 9.70 34.17
CA ARG B 684 33.11 8.84 35.35
C ARG B 684 31.81 9.05 36.12
N ARG B 685 31.33 10.29 36.18
CA ARG B 685 30.04 10.56 36.80
C ARG B 685 28.89 9.96 35.95
N MET B 686 28.91 10.15 34.62
CA MET B 686 27.84 9.55 33.80
C MET B 686 27.88 8.02 33.84
N ALA B 687 29.06 7.45 34.02
CA ALA B 687 29.19 6.01 34.13
C ALA B 687 28.49 5.45 35.39
N ARG B 688 28.30 6.28 36.41
CA ARG B 688 27.44 5.86 37.53
C ARG B 688 27.97 4.58 38.18
N ASN B 689 29.29 4.41 38.18
CA ASN B 689 29.97 3.23 38.70
C ASN B 689 29.59 1.89 38.06
N MET B 690 29.03 1.93 36.86
CA MET B 690 28.63 0.70 36.21
C MET B 690 29.79 0.04 35.46
N ARG B 691 30.99 0.64 35.55
CA ARG B 691 32.17 0.16 34.83
C ARG B 691 31.88 -0.23 33.35
N SER B 692 31.23 0.66 32.62
CA SER B 692 30.88 0.40 31.21
C SER B 692 30.91 1.65 30.36
N ASP B 693 31.81 1.70 29.38
CA ASP B 693 31.80 2.82 28.46
C ASP B 693 30.45 2.88 27.72
N HIS B 694 29.93 1.70 27.37
CA HIS B 694 28.65 1.60 26.65
C HIS B 694 27.43 2.03 27.48
N LEU B 695 27.35 1.62 28.75
CA LEU B 695 26.23 2.07 29.54
C LEU B 695 26.33 3.56 29.88
N MET B 696 27.55 4.07 30.04
CA MET B 696 27.77 5.50 30.25
C MET B 696 27.12 6.34 29.11
N VAL B 697 27.16 5.82 27.89
CA VAL B 697 26.63 6.59 26.80
C VAL B 697 25.13 6.57 26.91
N HIS B 698 24.54 5.41 27.21
CA HIS B 698 23.11 5.39 27.46
C HIS B 698 22.66 6.37 28.55
N ASN B 699 23.36 6.39 29.70
CA ASN B 699 23.02 7.32 30.79
C ASN B 699 23.12 8.77 30.36
N THR B 700 24.16 9.06 29.60
CA THR B 700 24.31 10.36 28.96
C THR B 700 23.08 10.74 28.11
N ILE B 701 22.55 9.79 27.33
CA ILE B 701 21.37 10.04 26.52
C ILE B 701 20.11 10.22 27.40
N ILE B 702 20.02 9.39 28.45
CA ILE B 702 18.98 9.58 29.45
C ILE B 702 19.06 11.00 30.04
N ALA B 703 20.25 11.43 30.48
CA ALA B 703 20.37 12.78 31.01
C ALA B 703 20.08 13.83 29.92
N TYR B 704 20.50 13.58 28.68
CA TYR B 704 20.22 14.51 27.58
C TYR B 704 18.73 14.71 27.37
N ARG B 705 17.99 13.60 27.28
CA ARG B 705 16.53 13.66 27.12
C ARG B 705 15.88 14.54 28.19
N ASP B 706 16.29 14.33 29.45
CA ASP B 706 15.76 15.11 30.56
C ASP B 706 16.01 16.63 30.42
N SER B 707 17.27 17.00 30.14
CA SER B 707 17.63 18.40 29.84
C SER B 707 16.77 19.05 28.74
N ARG B 708 16.43 18.27 27.71
CA ARG B 708 15.52 18.73 26.66
C ARG B 708 14.10 18.86 27.23
N TYR B 709 13.65 17.85 27.92
CA TYR B 709 12.38 17.97 28.66
C TYR B 709 12.39 19.14 29.67
N SER B 710 13.57 19.55 30.14
CA SER B 710 13.68 20.63 31.12
C SER B 710 14.03 22.01 30.57
N HIS B 711 14.15 22.13 29.24
CA HIS B 711 14.63 23.34 28.55
C HIS B 711 16.04 23.77 29.00
N ALA B 712 16.85 22.79 29.39
CA ALA B 712 18.20 23.06 29.88
C ALA B 712 19.23 22.50 28.92
N GLU B 713 18.82 22.37 27.65
CA GLU B 713 19.58 21.64 26.66
C GLU B 713 20.99 22.19 26.49
N ARG B 714 21.07 23.47 26.14
CA ARG B 714 22.37 24.06 25.87
C ARG B 714 23.22 24.07 27.14
N ASP B 715 22.60 24.33 28.29
CA ASP B 715 23.35 24.40 29.55
C ASP B 715 23.87 23.02 29.93
N PHE B 716 23.05 21.99 29.68
CA PHE B 716 23.50 20.60 29.83
C PHE B 716 24.68 20.24 28.92
N CYS B 717 24.55 20.51 27.62
CA CYS B 717 25.60 20.12 26.69
C CYS B 717 26.92 20.86 26.99
N TYR B 718 26.81 22.10 27.46
CA TYR B 718 27.99 22.89 27.78
C TYR B 718 28.78 22.36 28.98
N LYS B 719 28.10 22.12 30.10
CA LYS B 719 28.79 21.69 31.30
C LYS B 719 29.31 20.25 31.22
N ASN B 720 28.84 19.49 30.23
CA ASN B 720 29.19 18.08 30.20
C ASN B 720 30.00 17.75 28.95
N PHE B 721 30.41 18.81 28.25
CA PHE B 721 31.29 18.73 27.10
C PHE B 721 30.73 17.85 25.98
N LEU B 722 29.42 17.91 25.81
CA LEU B 722 28.72 17.03 24.88
C LEU B 722 28.28 17.77 23.64
N SER B 723 28.36 17.10 22.49
CA SER B 723 27.84 17.64 21.24
C SER B 723 26.35 17.37 21.10
N SER B 724 25.54 18.43 21.08
CA SER B 724 24.11 18.25 20.91
C SER B 724 23.78 17.58 19.57
N MET B 725 24.62 17.77 18.56
CA MET B 725 24.30 17.23 17.25
C MET B 725 24.67 15.74 17.11
N THR B 726 25.68 15.29 17.82
CA THR B 726 25.96 13.86 17.91
C THR B 726 24.87 13.18 18.73
N LEU B 727 24.35 13.91 19.71
CA LEU B 727 23.35 13.33 20.58
C LEU B 727 22.05 13.13 19.82
N GLN B 728 21.64 14.13 19.04
CA GLN B 728 20.42 13.97 18.26
C GLN B 728 20.59 12.86 17.23
N GLN B 729 21.78 12.75 16.65
CA GLN B 729 21.99 11.74 15.62
C GLN B 729 21.93 10.34 16.23
N LEU B 730 22.55 10.16 17.39
CA LEU B 730 22.43 8.93 18.17
C LEU B 730 20.95 8.54 18.37
N GLU B 731 20.11 9.52 18.71
CA GLU B 731 18.69 9.25 18.89
C GLU B 731 17.96 8.90 17.60
N ARG B 732 18.38 9.45 16.45
CA ARG B 732 17.71 9.07 15.20
C ARG B 732 18.10 7.64 14.84
N MET B 733 19.38 7.30 15.04
CA MET B 733 19.83 5.94 14.80
C MET B 733 19.02 4.92 15.64
N LYS B 734 18.82 5.22 16.92
CA LYS B 734 18.08 4.30 17.81
C LYS B 734 16.68 4.17 17.29
N ASN B 735 16.08 5.27 16.88
CA ASN B 735 14.73 5.19 16.37
C ASN B 735 14.71 4.32 15.11
N GLN B 736 15.76 4.43 14.30
CA GLN B 736 15.86 3.65 13.07
C GLN B 736 15.87 2.15 13.38
N PHE B 737 16.71 1.74 14.34
CA PHE B 737 16.83 0.32 14.71
C PHE B 737 15.51 -0.15 15.30
N SER B 738 14.87 0.79 15.97
CA SER B 738 13.61 0.58 16.64
C SER B 738 12.44 0.36 15.65
N GLU B 739 12.39 1.16 14.59
CA GLU B 739 11.35 0.98 13.57
C GLU B 739 11.60 -0.27 12.74
N LEU B 740 12.87 -0.53 12.47
CA LEU B 740 13.23 -1.69 11.67
C LEU B 740 12.86 -2.95 12.43
N LEU B 741 13.26 -3.03 13.69
CA LEU B 741 12.95 -4.21 14.50
C LEU B 741 11.46 -4.45 14.62
N TYR B 742 10.65 -3.39 14.66
CA TYR B 742 9.19 -3.49 14.57
C TYR B 742 8.73 -4.00 13.20
N ASN B 743 9.31 -3.48 12.11
CA ASN B 743 8.88 -3.96 10.79
C ASN B 743 9.26 -5.42 10.60
N TYR B 744 10.34 -5.87 11.24
CA TYR B 744 10.78 -7.25 11.08
C TYR B 744 10.04 -8.19 12.01
N LYS B 745 9.19 -7.59 12.86
CA LYS B 745 8.30 -8.28 13.81
C LYS B 745 9.00 -8.79 15.08
N PHE B 746 10.00 -8.05 15.58
CA PHE B 746 10.62 -8.38 16.87
C PHE B 746 10.08 -7.50 18.00
N LEU B 747 9.39 -6.41 17.65
CA LEU B 747 8.80 -5.54 18.65
C LEU B 747 7.32 -5.31 18.32
N ALA B 748 6.52 -5.11 19.35
CA ALA B 748 5.10 -4.84 19.20
C ALA B 748 4.87 -3.35 19.04
N SER B 749 5.91 -2.58 19.32
CA SER B 749 5.86 -1.15 19.15
C SER B 749 7.17 -0.67 18.49
N SER B 750 7.08 0.42 17.74
CA SER B 750 8.23 0.93 17.01
C SER B 750 8.89 2.02 17.85
N ASN B 751 8.44 2.16 19.09
CA ASN B 751 9.04 3.13 20.00
C ASN B 751 10.20 2.48 20.73
N CYS B 752 11.34 3.15 20.65
CA CYS B 752 12.58 2.67 21.20
C CYS B 752 12.55 2.70 22.74
N LYS B 753 11.67 3.55 23.24
CA LYS B 753 11.48 3.75 24.66
C LYS B 753 10.21 3.06 25.19
N ASP B 754 9.59 2.19 24.41
CA ASP B 754 8.29 1.60 24.80
C ASP B 754 8.36 0.82 26.12
N ALA B 755 7.29 0.91 26.92
CA ALA B 755 7.29 0.27 28.23
C ALA B 755 7.54 -1.23 28.13
N ALA B 756 6.78 -1.87 27.24
CA ALA B 756 6.87 -3.32 27.05
C ALA B 756 8.28 -3.73 26.58
N SER B 757 8.84 -2.99 25.64
CA SER B 757 10.18 -3.26 25.13
C SER B 757 11.27 -3.09 26.20
N ASN B 758 10.96 -2.40 27.29
CA ASN B 758 12.00 -2.02 28.24
C ASN B 758 11.87 -2.51 29.69
N LYS B 759 11.05 -3.52 29.94
CA LYS B 759 10.82 -3.88 31.33
C LYS B 759 12.06 -4.49 31.99
N ASN B 760 13.12 -4.78 31.25
CA ASN B 760 14.35 -5.26 31.92
C ASN B 760 15.53 -4.30 31.76
N SER B 761 15.22 -3.07 31.40
CA SER B 761 16.27 -2.14 31.02
C SER B 761 17.00 -1.55 32.21
N GLU B 762 16.53 -1.86 33.42
CA GLU B 762 17.23 -1.37 34.60
C GLU B 762 17.99 -2.50 35.30
N LYS B 763 17.86 -3.72 34.79
CA LYS B 763 18.59 -4.85 35.35
C LYS B 763 20.01 -4.90 34.80
N ILE B 764 20.89 -4.14 35.44
CA ILE B 764 22.28 -4.00 34.97
C ILE B 764 23.03 -5.33 34.68
N PRO B 765 22.83 -6.37 35.51
CA PRO B 765 23.52 -7.60 35.09
C PRO B 765 23.00 -8.14 33.76
N LEU B 766 21.71 -7.92 33.48
CA LEU B 766 21.15 -8.38 32.23
C LEU B 766 21.70 -7.57 31.05
N LEU B 767 21.71 -6.24 31.19
CA LEU B 767 22.34 -5.34 30.22
C LEU B 767 23.75 -5.78 29.88
N ARG B 768 24.51 -6.16 30.92
CA ARG B 768 25.88 -6.63 30.72
C ARG B 768 25.90 -7.88 29.89
N ALA B 769 24.90 -8.73 30.10
CA ALA B 769 24.82 -10.00 29.38
C ALA B 769 24.56 -9.78 27.88
N ILE B 770 23.65 -8.85 27.54
CA ILE B 770 23.27 -8.64 26.16
C ILE B 770 24.40 -7.90 25.43
N ILE B 771 25.04 -6.95 26.11
CA ILE B 771 26.23 -6.31 25.59
C ILE B 771 27.30 -7.34 25.27
N GLY B 772 27.50 -8.26 26.21
CA GLY B 772 28.48 -9.31 26.05
C GLY B 772 28.11 -10.24 24.91
N ALA B 773 26.81 -10.48 24.74
CA ALA B 773 26.29 -11.29 23.64
C ALA B 773 26.66 -10.71 22.28
N GLY B 774 26.79 -9.39 22.23
CA GLY B 774 27.12 -8.69 21.00
C GLY B 774 28.61 -8.62 20.74
N LEU B 775 29.38 -8.34 21.79
CA LEU B 775 30.81 -8.09 21.62
C LEU B 775 31.65 -9.36 21.69
N TYR B 776 31.03 -10.44 22.17
CA TYR B 776 31.66 -11.75 22.17
C TYR B 776 32.11 -12.08 20.74
N PRO B 777 33.31 -12.63 20.55
CA PRO B 777 34.26 -13.16 21.54
C PRO B 777 35.41 -12.22 21.93
N ASN B 778 35.20 -10.92 21.95
CA ASN B 778 36.26 -10.01 22.40
C ASN B 778 36.35 -9.88 23.93
N MET B 779 36.99 -10.85 24.56
CA MET B 779 37.03 -10.85 26.03
C MET B 779 38.41 -10.43 26.50
N ALA B 780 38.50 -10.00 27.75
CA ALA B 780 39.77 -9.63 28.34
C ALA B 780 39.69 -9.91 29.82
N HIS B 781 40.84 -10.13 30.46
CA HIS B 781 40.85 -10.53 31.87
C HIS B 781 41.93 -9.82 32.68
N LEU B 782 41.48 -9.07 33.69
CA LEU B 782 42.31 -8.33 34.64
C LEU B 782 42.77 -9.24 35.78
N ARG B 783 44.03 -9.06 36.22
CA ARG B 783 44.61 -9.95 37.23
C ARG B 783 45.10 -9.30 38.53
N LYS B 784 45.68 -8.11 38.45
CA LYS B 784 46.12 -7.41 39.64
C LYS B 784 45.75 -5.92 39.62
N SER B 785 46.04 -5.23 40.73
CA SER B 785 45.83 -3.77 40.82
C SER B 785 46.66 -3.09 41.92
N ARG B 786 46.34 -1.81 42.17
CA ARG B 786 47.18 -0.88 42.92
C ARG B 786 46.63 0.55 42.85
N ARG B 793 45.58 6.86 41.53
CA ARG B 793 45.27 6.03 40.36
C ARG B 793 45.55 4.57 40.67
N ALA B 794 45.63 3.73 39.63
CA ALA B 794 45.95 2.31 39.80
C ALA B 794 46.50 1.66 38.53
N ILE B 795 47.36 0.66 38.72
CA ILE B 795 47.98 -0.06 37.62
C ILE B 795 47.22 -1.36 37.36
N HIS B 796 47.17 -1.80 36.11
CA HIS B 796 46.43 -3.01 35.75
C HIS B 796 47.31 -4.04 35.07
N THR B 797 47.09 -5.31 35.40
CA THR B 797 47.68 -6.41 34.67
C THR B 797 46.57 -7.19 33.94
N MET B 798 46.34 -6.83 32.69
CA MET B 798 45.21 -7.35 31.91
C MET B 798 45.66 -7.91 30.58
N ALA B 799 45.01 -8.98 30.14
CA ALA B 799 45.36 -9.63 28.89
C ALA B 799 44.12 -10.16 28.21
N THR B 800 43.99 -9.86 26.91
CA THR B 800 42.86 -10.35 26.12
C THR B 800 42.91 -11.87 26.02
N ASP B 801 41.80 -12.47 25.59
CA ASP B 801 41.66 -13.93 25.56
C ASP B 801 42.70 -14.60 24.67
N ASP B 802 43.35 -13.84 23.78
CA ASP B 802 44.36 -14.38 22.89
C ASP B 802 45.72 -14.41 23.56
N GLY B 803 45.79 -13.84 24.77
CA GLY B 803 47.04 -13.81 25.51
C GLY B 803 47.76 -12.47 25.55
N ARG B 804 47.55 -11.63 24.54
CA ARG B 804 48.28 -10.38 24.44
C ARG B 804 47.92 -9.43 25.57
N ARG B 805 48.93 -8.72 26.09
CA ARG B 805 48.70 -7.80 27.20
C ARG B 805 48.11 -6.46 26.72
N VAL B 806 46.99 -6.07 27.32
CA VAL B 806 46.31 -4.81 27.03
C VAL B 806 46.12 -3.95 28.27
N ASN B 807 45.80 -2.68 28.07
CA ASN B 807 45.30 -1.81 29.14
C ASN B 807 44.10 -1.00 28.66
N PHE B 808 43.22 -0.62 29.57
CA PHE B 808 42.12 0.26 29.22
C PHE B 808 42.68 1.56 28.70
N HIS B 809 42.14 2.04 27.58
CA HIS B 809 42.59 3.32 27.08
C HIS B 809 42.22 4.39 28.10
N PRO B 810 43.11 5.36 28.30
CA PRO B 810 42.87 6.37 29.34
C PRO B 810 41.61 7.19 29.12
N SER B 811 41.11 7.22 27.89
CA SER B 811 39.84 7.86 27.60
C SER B 811 38.65 7.01 28.05
N SER B 812 38.90 5.72 28.32
CA SER B 812 37.85 4.78 28.80
C SER B 812 37.63 4.92 30.30
N VAL B 813 36.38 4.79 30.74
CA VAL B 813 36.07 5.02 32.14
C VAL B 813 36.63 3.98 33.10
N ASN B 814 37.13 2.87 32.58
CA ASN B 814 37.71 1.84 33.44
C ASN B 814 39.21 1.96 33.63
N SER B 815 39.82 2.95 32.99
CA SER B 815 41.26 3.14 33.07
C SER B 815 41.70 3.61 34.44
N GLY B 816 42.62 2.89 35.05
CA GLY B 816 43.15 3.29 36.34
C GLY B 816 42.26 3.02 37.53
N GLU B 817 41.05 2.51 37.27
CA GLU B 817 40.12 2.18 38.34
C GLU B 817 40.55 0.95 39.12
N SER B 818 40.04 0.81 40.33
CA SER B 818 40.24 -0.40 41.11
C SER B 818 38.88 -0.81 41.63
N GLY B 819 38.79 -2.05 42.10
CA GLY B 819 37.59 -2.52 42.77
C GLY B 819 36.44 -2.74 41.81
N PHE B 820 36.70 -3.56 40.79
CA PHE B 820 35.63 -4.04 39.94
C PHE B 820 35.01 -5.25 40.62
N ASP B 821 33.70 -5.42 40.51
CA ASP B 821 33.04 -6.62 41.06
C ASP B 821 33.44 -7.90 40.30
N SER B 822 33.92 -7.75 39.07
CA SER B 822 34.39 -8.87 38.23
C SER B 822 35.65 -8.48 37.49
N ALA B 823 36.47 -9.46 37.15
CA ALA B 823 37.76 -9.22 36.47
C ALA B 823 37.67 -9.38 34.94
N TYR B 824 36.44 -9.51 34.45
CA TYR B 824 36.20 -9.83 33.06
C TYR B 824 35.52 -8.68 32.31
N PHE B 825 35.96 -8.46 31.07
CA PHE B 825 35.51 -7.34 30.25
C PHE B 825 35.22 -7.79 28.83
N VAL B 826 34.28 -7.12 28.17
CA VAL B 826 34.17 -7.23 26.73
C VAL B 826 34.51 -5.87 26.09
N TYR B 827 35.02 -5.89 24.87
CA TYR B 827 35.43 -4.67 24.17
C TYR B 827 35.05 -4.73 22.69
N PHE B 828 34.76 -3.59 22.07
CA PHE B 828 34.56 -3.54 20.61
C PHE B 828 35.89 -3.37 19.88
N GLN B 829 36.68 -2.34 20.22
CA GLN B 829 37.95 -2.11 19.52
C GLN B 829 39.20 -2.10 20.43
N ARG B 830 40.17 -2.91 20.03
CA ARG B 830 41.51 -2.88 20.59
C ARG B 830 42.42 -2.18 19.56
N GLN B 831 43.32 -1.30 20.03
CA GLN B 831 44.15 -0.51 19.12
C GLN B 831 45.52 -0.20 19.68
N LYS B 832 46.56 -0.56 18.92
CA LYS B 832 47.90 -0.29 19.40
C LYS B 832 48.33 1.12 19.05
N SER B 833 48.78 1.86 20.06
CA SER B 833 49.47 3.12 19.86
C SER B 833 50.65 3.06 20.80
N THR B 834 50.67 3.89 21.84
CA THR B 834 51.74 3.81 22.83
C THR B 834 51.73 2.43 23.52
N ASP B 835 50.54 1.83 23.63
CA ASP B 835 50.35 0.49 24.15
C ASP B 835 49.13 -0.16 23.44
N LEU B 836 48.89 -1.44 23.66
CA LEU B 836 47.71 -2.10 23.07
C LEU B 836 46.49 -1.80 23.93
N PHE B 837 45.60 -0.95 23.43
CA PHE B 837 44.50 -0.43 24.25
C PHE B 837 43.13 -0.97 23.89
N LEU B 838 42.33 -1.22 24.91
CA LEU B 838 40.91 -1.40 24.69
C LEU B 838 40.32 0.01 24.63
N LEU B 839 39.77 0.38 23.48
CA LEU B 839 39.27 1.73 23.32
C LEU B 839 38.00 1.89 24.12
N ASP B 840 37.34 0.77 24.35
CA ASP B 840 36.04 0.76 24.99
C ASP B 840 35.85 -0.55 25.78
N SER B 841 35.00 -0.57 26.81
CA SER B 841 34.80 -1.81 27.58
C SER B 841 33.60 -1.85 28.52
N THR B 842 33.11 -3.06 28.76
CA THR B 842 32.07 -3.27 29.72
C THR B 842 32.48 -4.44 30.60
N MET B 843 32.42 -4.23 31.91
CA MET B 843 32.71 -5.30 32.87
C MET B 843 31.59 -6.34 32.76
N VAL B 844 31.94 -7.60 32.55
CA VAL B 844 30.91 -8.63 32.45
C VAL B 844 31.16 -9.77 33.46
N PHE B 845 30.12 -10.57 33.70
CA PHE B 845 30.21 -11.67 34.66
C PHE B 845 30.32 -13.02 33.98
N PRO B 846 31.16 -13.91 34.53
CA PRO B 846 31.45 -15.25 34.00
C PRO B 846 30.20 -16.00 33.52
N MET B 847 29.13 -15.99 34.29
CA MET B 847 27.92 -16.73 33.95
C MET B 847 27.25 -16.13 32.71
N ALA B 848 27.50 -14.84 32.48
CA ALA B 848 26.89 -14.15 31.35
C ALA B 848 27.63 -14.60 30.10
N LEU B 849 28.94 -14.62 30.20
CA LEU B 849 29.76 -15.15 29.13
C LEU B 849 29.44 -16.60 28.78
N ILE B 850 29.27 -17.44 29.77
CA ILE B 850 29.00 -18.86 29.56
C ILE B 850 27.65 -19.12 28.87
N ILE B 851 26.65 -18.32 29.21
CA ILE B 851 25.30 -18.60 28.72
C ILE B 851 25.15 -18.20 27.26
N PHE B 852 25.78 -17.08 26.88
CA PHE B 852 25.58 -16.51 25.57
C PHE B 852 26.74 -16.84 24.62
N GLY B 853 27.85 -17.34 25.15
CA GLY B 853 29.03 -17.60 24.35
C GLY B 853 29.03 -18.97 23.72
N ASP B 854 30.22 -19.54 23.57
CA ASP B 854 30.40 -20.88 23.03
C ASP B 854 31.69 -21.48 23.61
N GLY B 855 32.07 -22.69 23.19
CA GLY B 855 33.25 -23.32 23.73
C GLY B 855 33.02 -23.71 25.18
N VAL B 856 31.77 -24.04 25.48
CA VAL B 856 31.34 -24.40 26.81
C VAL B 856 31.36 -25.91 27.04
N GLU B 857 32.13 -26.34 28.03
CA GLU B 857 32.22 -27.77 28.37
C GLU B 857 32.22 -27.96 29.90
N ALA B 858 31.61 -29.04 30.35
CA ALA B 858 31.65 -29.36 31.76
C ALA B 858 32.62 -30.52 31.98
N GLY B 859 33.64 -30.30 32.82
CA GLY B 859 34.60 -31.35 33.10
C GLY B 859 35.09 -31.45 34.53
N VAL B 860 36.23 -32.12 34.71
CA VAL B 860 36.97 -32.21 35.96
C VAL B 860 38.51 -32.31 35.76
N THR B 861 39.29 -31.33 36.20
CA THR B 861 40.75 -31.41 36.07
C THR B 861 41.44 -31.58 37.39
N GLN B 862 41.04 -30.65 38.29
CA GLN B 862 41.40 -30.65 39.72
C GLN B 862 41.06 -32.02 40.32
N ASN B 863 40.07 -31.99 41.16
CA ASN B 863 39.00 -32.94 41.12
C ASN B 863 37.80 -32.10 41.49
N THR B 864 37.82 -30.84 41.05
CA THR B 864 36.64 -29.98 40.89
C THR B 864 35.98 -30.13 39.61
N PRO B 865 34.65 -30.07 39.66
CA PRO B 865 33.87 -29.91 38.44
C PRO B 865 34.05 -28.47 37.91
N TYR B 866 34.45 -28.31 36.65
CA TYR B 866 34.60 -26.97 36.08
C TYR B 866 33.55 -26.73 35.01
N LEU B 867 33.45 -25.47 34.61
CA LEU B 867 32.59 -25.06 33.52
C LEU B 867 33.31 -23.92 32.82
N CYS B 868 33.52 -24.08 31.52
CA CYS B 868 34.36 -23.14 30.79
C CYS B 868 33.62 -22.40 29.71
N VAL B 869 34.31 -21.45 29.08
CA VAL B 869 33.77 -20.72 27.95
C VAL B 869 34.91 -20.48 26.97
N ALA B 870 34.61 -20.66 25.68
CA ALA B 870 35.57 -20.44 24.59
C ALA B 870 36.80 -21.34 24.72
N LYS B 871 36.66 -22.38 25.53
CA LYS B 871 37.79 -23.26 25.89
C LYS B 871 39.00 -22.43 26.31
N THR B 872 38.75 -21.30 26.93
CA THR B 872 39.83 -20.39 27.32
C THR B 872 39.77 -20.03 28.83
N TYR B 873 38.55 -19.87 29.34
CA TYR B 873 38.34 -19.50 30.72
C TYR B 873 37.61 -20.59 31.47
N TYR B 874 38.23 -21.08 32.55
CA TYR B 874 37.66 -22.20 33.30
C TYR B 874 37.26 -21.79 34.71
N PHE B 875 35.99 -22.00 35.04
CA PHE B 875 35.46 -21.62 36.33
C PHE B 875 35.01 -22.84 37.15
N LYS B 876 35.26 -22.78 38.46
CA LYS B 876 34.74 -23.79 39.38
C LYS B 876 33.23 -23.79 39.30
N CYS B 877 32.65 -24.98 39.16
CA CYS B 877 31.20 -25.09 39.05
C CYS B 877 30.74 -26.47 39.47
N ASN B 878 29.86 -26.57 40.48
CA ASN B 878 29.35 -27.89 40.87
C ASN B 878 28.59 -28.50 39.68
N ARG B 879 28.22 -29.77 39.76
CA ARG B 879 27.71 -30.37 38.56
C ARG B 879 26.20 -30.24 38.45
N GLU B 880 25.50 -29.89 39.53
CA GLU B 880 24.08 -29.58 39.37
C GLU B 880 23.84 -28.24 38.62
N THR B 881 24.88 -27.41 38.56
CA THR B 881 24.76 -26.14 37.85
C THR B 881 25.19 -26.34 36.39
N ALA B 882 26.33 -26.98 36.18
CA ALA B 882 26.81 -27.32 34.84
C ALA B 882 25.75 -27.96 33.96
N ASP B 883 24.85 -28.74 34.55
CA ASP B 883 23.80 -29.41 33.77
C ASP B 883 22.61 -28.52 33.49
N VAL B 884 22.22 -27.71 34.46
CA VAL B 884 21.16 -26.77 34.20
C VAL B 884 21.63 -25.74 33.16
N VAL B 885 22.88 -25.32 33.24
CA VAL B 885 23.41 -24.31 32.33
C VAL B 885 23.48 -24.84 30.90
N ILE B 886 24.10 -26.01 30.76
CA ILE B 886 24.25 -26.65 29.46
C ILE B 886 22.88 -26.94 28.85
N GLN B 887 21.93 -27.34 29.67
CA GLN B 887 20.57 -27.55 29.19
C GLN B 887 19.95 -26.21 28.81
N LEU B 888 20.27 -25.18 29.58
CA LEU B 888 19.72 -23.85 29.32
C LEU B 888 20.20 -23.38 27.95
N ARG B 889 21.45 -23.68 27.61
CA ARG B 889 22.02 -23.26 26.32
C ARG B 889 21.30 -23.93 25.13
N SER B 890 20.96 -25.22 25.27
CA SER B 890 20.27 -25.97 24.21
C SER B 890 18.92 -25.38 23.93
N ASN B 891 18.26 -24.95 25.00
CA ASN B 891 16.99 -24.28 24.84
C ASN B 891 17.18 -22.88 24.28
N LEU B 892 18.22 -22.18 24.75
CA LEU B 892 18.47 -20.85 24.26
C LEU B 892 18.71 -20.90 22.75
N GLU B 893 19.54 -21.84 22.31
CA GLU B 893 19.81 -22.01 20.91
C GLU B 893 18.57 -22.33 20.09
N LYS B 894 17.76 -23.29 20.55
CA LYS B 894 16.55 -23.66 19.81
C LYS B 894 15.61 -22.46 19.69
N LEU B 895 15.48 -21.69 20.77
CA LEU B 895 14.61 -20.51 20.76
C LEU B 895 15.06 -19.46 19.73
N LEU B 896 16.36 -19.19 19.67
CA LEU B 896 16.89 -18.15 18.79
C LEU B 896 16.72 -18.55 17.31
N LEU B 897 17.05 -19.79 16.98
CA LEU B 897 16.76 -20.35 15.65
C LEU B 897 15.32 -20.06 15.28
N LYS B 898 14.44 -20.30 16.21
CA LYS B 898 13.02 -20.21 15.92
C LYS B 898 12.52 -18.76 15.82
N LYS B 899 13.19 -17.84 16.51
CA LYS B 899 12.77 -16.44 16.38
C LYS B 899 13.29 -15.85 15.09
N ALA B 900 14.44 -16.32 14.63
CA ALA B 900 14.99 -15.80 13.40
C ALA B 900 14.14 -16.27 12.23
N LEU B 901 13.71 -17.53 12.26
CA LEU B 901 13.02 -18.09 11.10
C LEU B 901 11.55 -17.66 11.05
N TYR B 902 10.94 -17.53 12.22
CA TYR B 902 9.56 -17.06 12.31
C TYR B 902 9.46 -15.89 13.30
N PRO B 903 9.90 -14.70 12.87
CA PRO B 903 9.93 -13.53 13.75
C PRO B 903 8.56 -13.16 14.33
N ALA B 904 8.50 -13.03 15.65
CA ALA B 904 7.30 -12.54 16.35
C ALA B 904 7.72 -12.09 17.74
N PRO B 905 7.09 -11.02 18.26
CA PRO B 905 7.54 -10.60 19.60
C PRO B 905 7.28 -11.70 20.63
N ILE B 906 8.16 -11.81 21.62
CA ILE B 906 7.98 -12.84 22.65
C ILE B 906 6.81 -12.46 23.54
N GLU B 907 5.71 -13.20 23.43
CA GLU B 907 4.50 -12.93 24.25
C GLU B 907 4.83 -12.87 25.74
N GLU B 908 4.30 -11.85 26.42
CA GLU B 908 4.60 -11.61 27.83
C GLU B 908 4.17 -12.74 28.79
N ASN B 909 3.13 -13.50 28.46
CA ASN B 909 2.88 -14.68 29.26
C ASN B 909 2.61 -15.89 28.35
N GLY B 910 3.65 -16.28 27.63
CA GLY B 910 3.70 -17.49 26.82
C GLY B 910 4.85 -18.39 27.23
N TYR B 911 5.08 -19.45 26.48
CA TYR B 911 6.07 -20.45 26.89
C TYR B 911 7.51 -19.97 26.70
N GLU B 912 7.72 -19.11 25.72
CA GLU B 912 9.05 -18.59 25.43
C GLU B 912 9.54 -17.70 26.57
N LYS B 913 8.66 -16.86 27.08
CA LYS B 913 9.00 -15.95 28.17
C LYS B 913 9.49 -16.72 29.39
N GLN B 914 8.95 -17.91 29.58
CA GLN B 914 9.39 -18.77 30.68
C GLN B 914 10.89 -18.99 30.58
N LEU B 915 11.38 -19.24 29.37
CA LEU B 915 12.81 -19.46 29.18
C LEU B 915 13.59 -18.16 29.36
N ILE B 916 13.01 -17.04 28.92
CA ILE B 916 13.62 -15.74 29.17
C ILE B 916 13.78 -15.51 30.68
N LYS B 917 12.69 -15.74 31.41
CA LYS B 917 12.68 -15.57 32.86
C LYS B 917 13.69 -16.50 33.53
N ALA B 918 13.85 -17.70 32.98
CA ALA B 918 14.86 -18.64 33.48
C ALA B 918 16.25 -18.03 33.45
N ILE B 919 16.60 -17.43 32.31
CA ILE B 919 17.92 -16.81 32.11
C ILE B 919 18.10 -15.54 32.96
N GLU B 920 17.07 -14.69 33.01
CA GLU B 920 17.08 -13.51 33.86
C GLU B 920 17.42 -13.84 35.31
N LEU B 921 16.94 -15.00 35.77
CA LEU B 921 17.08 -15.40 37.17
C LEU B 921 18.52 -15.79 37.46
N LEU B 922 19.10 -16.62 36.61
CA LEU B 922 20.50 -16.96 36.75
C LEU B 922 21.43 -15.74 36.73
N LEU B 923 21.16 -14.77 35.86
CA LEU B 923 22.03 -13.61 35.69
C LEU B 923 21.87 -12.63 36.85
N SER B 924 20.69 -12.58 37.45
CA SER B 924 20.42 -11.74 38.62
C SER B 924 21.28 -12.10 39.85
N LEU B 925 21.79 -13.32 39.90
CA LEU B 925 22.70 -13.69 40.97
C LEU B 925 23.89 -12.74 41.14
N ASP B 926 24.28 -12.02 40.09
CA ASP B 926 25.45 -11.17 40.18
C ASP B 926 25.07 -9.70 40.37
N GLU B 927 23.89 -9.43 40.91
CA GLU B 927 23.55 -8.05 41.19
C GLU B 927 24.44 -7.57 42.32
N ARG B 928 24.99 -6.37 42.15
CA ARG B 928 25.91 -5.83 43.13
C ARG B 928 25.09 -5.17 44.23
N LEU B 929 25.52 -5.41 45.47
CA LEU B 929 24.65 -5.34 46.65
C LEU B 929 24.39 -3.93 47.19
#